data_5L46
#
_entry.id   5L46
#
_cell.length_a   83.377
_cell.length_b   119.868
_cell.length_c   86.466
_cell.angle_alpha   90.00
_cell.angle_beta   92.58
_cell.angle_gamma   90.00
#
_symmetry.space_group_name_H-M   'P 1 21 1'
#
loop_
_entity.id
_entity.type
_entity.pdbx_description
1 polymer 'Dimethylglycine dehydrogenase, mitochondrial'
2 non-polymer 'FLAVIN-ADENINE DINUCLEOTIDE'
3 water water
#
_entity_poly.entity_id   1
_entity_poly.type   'polypeptide(L)'
_entity_poly.pdbx_seq_one_letter_code
;MVCGREGEEKPPLSAETQWKDRAETVIIGGGCVGVSLAYHLAKAGMKDVVLLEKSELTAGSTWHAAGLTTYFHPGINLKK
IHYDSIKLYEKLEEETGQVVGFHQPGSIRLATTPVRVDEFKYQMTRTGWHATEQYLIEPEKIQEMFPLLNMNKVLAGLYN
PGDGHIDPYSLTMALAAGARKCGALLKYPAPVTSLKARSDGTWDVETPQGSMRANRIVNAAGFWAREVGKMIGLEHPLIP
VQHQYVVTSTIPEVKALKRELPVLRDLEGSYYLRQERDGLLFGPYESQEKMKVQDSWVTNGVPPGFGKELFESDLDRIME
HIKAAMEMVPVLKKADIINVVNGPITYSPDILPMVGPHQGVRNYWVAIGFGYGIIHAGGVGKYLSDWILHGEPPFDLIEL
DPNRYGKWTTTQYTEAKARESYGFNNIVGYPKEERFAGRPTQRVSGLYQRLESKCSMGFHAGWEQPHWFYKPGQDTQYRP
SFRRTNWFEPVGSEYKQVMQRVAVTDLSPFGKFNIKGQDSIRLLDHLFANVIPKVGFTNISHMLTPKGRVYAELTVSHQS
PGEFLLITGSGSELHDLRWIEEEAVKGGYDVEIKNITDELGVLGVAGPQARKVLQKLTSEDLSDDVFKFLQTKSLKVSNI
PVTAIRISYTGELGWELYHRREDSVALYDAIMNAGQEEGIDNFGTYAMNALRLEKAFRAWGLEMNCDTNPLEAGLEYFVK
LNKPADFIGKQALKQIKAKGLKRRLVCLTLATDDVDPEGNESIWYNGKVVGNTTSGSYSYSIQKSLAFAYVPVQLSEVGQ
QVEVELLGKNYPAVIIQEPLVLTEPTRNRLQKKGGKDKTRP
;
_entity_poly.pdbx_strand_id   A,B
#
loop_
_chem_comp.id
_chem_comp.type
_chem_comp.name
_chem_comp.formula
FAD non-polymer 'FLAVIN-ADENINE DINUCLEOTIDE' 'C27 H33 N9 O15 P2'
#
# COMPACT_ATOMS: atom_id res chain seq x y z
N TRP A 19 -11.32 22.91 12.63
CA TRP A 19 -9.90 22.80 12.35
C TRP A 19 -9.31 21.49 12.89
N LYS A 20 -8.88 20.64 11.96
CA LYS A 20 -8.54 19.25 12.25
C LYS A 20 -7.08 19.06 12.66
N ASP A 21 -6.82 18.04 13.48
CA ASP A 21 -5.47 17.81 14.02
C ASP A 21 -4.71 16.68 13.34
N ARG A 22 -5.37 15.99 12.41
CA ARG A 22 -4.72 14.99 11.56
C ARG A 22 -5.01 15.27 10.08
N ALA A 23 -3.99 15.74 9.37
CA ALA A 23 -4.11 16.01 7.93
C ALA A 23 -3.49 14.88 7.11
N GLU A 24 -4.04 14.62 5.94
CA GLU A 24 -3.41 13.64 5.08
C GLU A 24 -2.20 14.29 4.45
N THR A 25 -2.41 15.41 3.80
CA THR A 25 -1.34 16.18 3.20
C THR A 25 -1.40 17.63 3.67
N VAL A 26 -0.30 18.14 4.23
CA VAL A 26 -0.25 19.57 4.57
C VAL A 26 0.64 20.28 3.54
N ILE A 27 0.14 21.38 2.98
CA ILE A 27 0.88 22.19 2.03
C ILE A 27 1.20 23.54 2.65
N ILE A 28 2.47 23.85 2.79
CA ILE A 28 2.85 25.18 3.26
C ILE A 28 2.91 26.19 2.11
N GLY A 29 1.83 26.92 1.88
CA GLY A 29 1.83 27.96 0.85
C GLY A 29 0.49 28.25 0.20
N GLY A 30 0.15 29.53 0.16
CA GLY A 30 -1.13 29.93 -0.36
C GLY A 30 -0.94 30.71 -1.64
N GLY A 31 0.28 30.72 -2.15
CA GLY A 31 0.49 31.24 -3.49
C GLY A 31 -0.15 30.29 -4.50
N CYS A 32 0.14 30.52 -5.78
CA CYS A 32 -0.59 29.84 -6.84
C CYS A 32 -0.14 28.41 -7.16
N VAL A 33 1.00 28.00 -6.62
CA VAL A 33 1.48 26.63 -6.83
C VAL A 33 0.98 25.76 -5.68
N GLY A 34 0.84 26.34 -4.49
CA GLY A 34 0.24 25.63 -3.39
C GLY A 34 -1.22 25.26 -3.63
N VAL A 35 -2.02 26.21 -4.15
CA VAL A 35 -3.45 25.98 -4.40
C VAL A 35 -3.64 25.03 -5.59
N SER A 36 -2.71 25.12 -6.54
CA SER A 36 -2.68 24.21 -7.66
C SER A 36 -2.68 22.76 -7.16
N LEU A 37 -1.74 22.44 -6.27
CA LEU A 37 -1.63 21.10 -5.67
C LEU A 37 -2.84 20.67 -4.80
N ALA A 38 -3.40 21.60 -4.04
CA ALA A 38 -4.60 21.35 -3.24
C ALA A 38 -5.82 21.02 -4.11
N TYR A 39 -6.02 21.83 -5.16
CA TYR A 39 -7.10 21.60 -6.13
C TYR A 39 -6.98 20.21 -6.72
N HIS A 40 -5.80 19.87 -7.23
CA HIS A 40 -5.57 18.59 -7.92
C HIS A 40 -5.58 17.38 -6.99
N LEU A 41 -5.06 17.54 -5.78
CA LEU A 41 -5.08 16.48 -4.76
C LEU A 41 -6.51 16.21 -4.27
N ALA A 42 -7.26 17.28 -4.03
CA ALA A 42 -8.63 17.13 -3.56
C ALA A 42 -9.56 16.68 -4.68
N LYS A 43 -9.36 17.18 -5.89
CA LYS A 43 -10.20 16.76 -7.00
C LYS A 43 -9.94 15.32 -7.34
N ALA A 44 -8.77 14.84 -6.93
CA ALA A 44 -8.36 13.46 -7.16
C ALA A 44 -8.89 12.59 -6.03
N GLY A 45 -9.47 13.24 -5.03
CA GLY A 45 -10.16 12.49 -4.02
C GLY A 45 -9.33 12.24 -2.78
N MET A 46 -8.16 12.87 -2.66
CA MET A 46 -7.39 12.77 -1.42
C MET A 46 -8.23 13.35 -0.30
N LYS A 47 -8.24 12.67 0.84
CA LYS A 47 -9.08 13.11 1.94
C LYS A 47 -8.23 14.03 2.79
N ASP A 48 -8.86 14.89 3.59
CA ASP A 48 -8.13 15.70 4.56
C ASP A 48 -6.96 16.48 4.01
N VAL A 49 -7.07 16.97 2.79
CA VAL A 49 -6.09 17.90 2.27
C VAL A 49 -6.13 19.20 3.07
N VAL A 50 -4.99 19.66 3.58
CA VAL A 50 -4.96 20.90 4.36
C VAL A 50 -3.91 21.89 3.89
N LEU A 51 -4.29 23.12 3.56
CA LEU A 51 -3.30 24.11 3.14
C LEU A 51 -3.11 25.23 4.19
N LEU A 52 -1.88 25.43 4.65
CA LEU A 52 -1.60 26.50 5.62
C LEU A 52 -0.84 27.69 5.00
N GLU A 53 -1.41 28.90 5.12
CA GLU A 53 -0.80 30.10 4.56
C GLU A 53 -0.52 31.16 5.63
N LYS A 54 0.59 31.87 5.46
CA LYS A 54 1.09 32.86 6.41
C LYS A 54 0.10 33.99 6.67
N SER A 55 -0.52 34.48 5.61
CA SER A 55 -1.46 35.58 5.75
C SER A 55 -2.73 35.39 4.91
N GLU A 56 -2.56 35.49 3.60
CA GLU A 56 -3.67 35.35 2.66
C GLU A 56 -3.20 34.79 1.31
N LEU A 57 -4.09 34.10 0.61
CA LEU A 57 -3.79 33.57 -0.72
C LEU A 57 -3.20 34.65 -1.62
N THR A 58 -2.33 34.23 -2.53
CA THR A 58 -1.61 35.10 -3.47
C THR A 58 -0.76 36.18 -2.83
N ALA A 59 -0.55 36.14 -1.51
CA ALA A 59 0.20 37.24 -0.90
C ALA A 59 1.71 37.10 -1.20
N GLY A 60 2.08 36.05 -1.92
CA GLY A 60 3.49 35.87 -2.20
C GLY A 60 3.93 36.63 -3.42
N SER A 61 4.66 35.95 -4.31
CA SER A 61 5.07 36.57 -5.55
C SER A 61 3.83 36.80 -6.38
N THR A 62 2.97 35.77 -6.38
CA THR A 62 1.81 35.62 -7.29
C THR A 62 1.00 36.86 -7.67
N TRP A 63 0.46 37.60 -6.71
CA TRP A 63 -0.46 38.66 -7.04
C TRP A 63 0.11 39.70 -8.02
N HIS A 64 1.42 39.94 -7.99
CA HIS A 64 1.99 41.00 -8.82
C HIS A 64 2.45 40.54 -10.20
N ALA A 65 2.26 39.27 -10.51
CA ALA A 65 2.85 38.67 -11.72
C ALA A 65 2.31 39.33 -12.99
N ALA A 66 3.05 39.18 -14.09
CA ALA A 66 2.66 39.80 -15.35
C ALA A 66 1.65 38.91 -16.05
N GLY A 67 1.58 37.67 -15.59
CA GLY A 67 0.51 36.78 -15.98
C GLY A 67 0.69 36.03 -17.28
N LEU A 68 1.87 36.08 -17.87
CA LEU A 68 2.11 35.43 -19.16
C LEU A 68 2.08 33.90 -19.08
N THR A 69 1.29 33.29 -19.95
CA THR A 69 1.16 31.83 -19.97
C THR A 69 1.28 31.30 -21.41
N THR A 70 2.37 30.59 -21.71
CA THR A 70 2.63 30.20 -23.09
C THR A 70 2.70 28.68 -23.29
N TYR A 71 2.38 28.23 -24.50
CA TYR A 71 2.45 26.80 -24.77
C TYR A 71 3.89 26.42 -25.03
N PHE A 72 4.74 27.44 -25.10
CA PHE A 72 6.10 27.26 -25.55
C PHE A 72 7.05 26.97 -24.40
N HIS A 73 7.97 26.02 -24.62
CA HIS A 73 9.09 25.83 -23.70
C HIS A 73 10.30 25.34 -24.47
N PRO A 74 11.50 25.86 -24.14
CA PRO A 74 12.70 25.45 -24.88
C PRO A 74 12.99 23.97 -24.70
N GLY A 75 12.67 23.47 -23.52
CA GLY A 75 12.98 22.11 -23.15
C GLY A 75 12.24 21.04 -23.92
N ILE A 76 11.94 19.96 -23.22
CA ILE A 76 11.28 18.83 -23.86
C ILE A 76 10.04 18.38 -23.11
N ASN A 77 10.22 17.86 -21.90
CA ASN A 77 9.08 17.34 -21.20
C ASN A 77 8.37 18.46 -20.47
N LEU A 78 9.01 19.61 -20.40
CA LEU A 78 8.37 20.75 -19.79
C LEU A 78 7.31 21.34 -20.68
N LYS A 79 7.31 20.94 -21.95
CA LYS A 79 6.25 21.31 -22.88
C LYS A 79 4.91 20.76 -22.39
N LYS A 80 4.98 19.70 -21.59
CA LYS A 80 3.79 19.03 -21.08
C LYS A 80 3.25 19.68 -19.82
N ILE A 81 4.13 20.22 -18.98
CA ILE A 81 3.67 21.06 -17.87
C ILE A 81 2.93 22.29 -18.39
N HIS A 82 3.55 23.03 -19.31
CA HIS A 82 2.92 24.21 -19.89
C HIS A 82 1.60 23.86 -20.50
N TYR A 83 1.59 22.73 -21.20
CA TYR A 83 0.39 22.29 -21.89
C TYR A 83 -0.70 21.94 -20.88
N ASP A 84 -0.39 21.07 -19.93
CA ASP A 84 -1.38 20.65 -18.94
C ASP A 84 -1.95 21.87 -18.20
N SER A 85 -1.15 22.89 -18.00
CA SER A 85 -1.63 24.12 -17.38
C SER A 85 -2.65 24.81 -18.26
N ILE A 86 -2.25 25.14 -19.49
CA ILE A 86 -3.14 25.88 -20.37
C ILE A 86 -4.46 25.14 -20.50
N LYS A 87 -4.43 23.85 -20.79
CA LYS A 87 -5.67 23.10 -20.95
C LYS A 87 -6.58 23.18 -19.72
N LEU A 88 -6.00 23.08 -18.52
CA LEU A 88 -6.77 23.23 -17.27
C LEU A 88 -7.32 24.64 -17.08
N TYR A 89 -6.51 25.64 -17.41
CA TYR A 89 -6.91 27.02 -17.18
C TYR A 89 -8.14 27.38 -17.99
N GLU A 90 -8.31 26.74 -19.15
CA GLU A 90 -9.52 26.97 -19.93
C GLU A 90 -10.75 26.44 -19.21
N LYS A 91 -10.70 25.18 -18.78
CA LYS A 91 -11.85 24.56 -18.12
C LYS A 91 -12.16 25.14 -16.75
N LEU A 92 -11.52 26.24 -16.39
CA LEU A 92 -11.58 26.66 -14.98
C LEU A 92 -12.71 27.62 -14.64
N GLU A 93 -13.19 28.42 -15.60
CA GLU A 93 -14.35 29.28 -15.37
C GLU A 93 -15.57 28.40 -15.32
N GLU A 94 -15.58 27.44 -16.23
CA GLU A 94 -16.63 26.46 -16.43
C GLU A 94 -16.74 25.55 -15.22
N GLU A 95 -15.63 25.35 -14.53
CA GLU A 95 -15.56 24.54 -13.32
C GLU A 95 -16.16 25.26 -12.09
N THR A 96 -15.76 26.51 -11.89
CA THR A 96 -15.89 27.21 -10.61
C THR A 96 -16.90 28.35 -10.54
N GLY A 97 -17.38 28.79 -11.70
CA GLY A 97 -18.26 29.95 -11.79
C GLY A 97 -17.44 31.24 -11.88
N GLN A 98 -16.14 31.15 -11.73
CA GLN A 98 -15.34 32.36 -11.69
C GLN A 98 -14.58 32.75 -12.95
N VAL A 99 -14.42 34.06 -13.14
CA VAL A 99 -13.70 34.61 -14.26
C VAL A 99 -12.19 34.68 -14.00
N VAL A 100 -11.45 33.79 -14.66
CA VAL A 100 -10.01 33.69 -14.47
C VAL A 100 -9.22 34.73 -15.25
N GLY A 101 -9.83 35.32 -16.25
CA GLY A 101 -9.15 36.38 -16.99
C GLY A 101 -8.17 35.89 -18.03
N PHE A 102 -8.52 34.81 -18.71
CA PHE A 102 -7.64 34.19 -19.69
C PHE A 102 -7.77 34.86 -21.04
N HIS A 103 -6.75 35.63 -21.43
CA HIS A 103 -6.72 36.23 -22.76
C HIS A 103 -5.88 35.33 -23.65
N GLN A 104 -6.42 34.89 -24.78
CA GLN A 104 -5.75 33.92 -25.62
C GLN A 104 -5.54 34.33 -27.10
N PRO A 105 -4.71 35.36 -27.35
CA PRO A 105 -4.48 35.83 -28.72
C PRO A 105 -3.41 35.03 -29.45
N GLY A 106 -2.65 34.28 -28.66
CA GLY A 106 -1.49 33.61 -29.18
C GLY A 106 -0.25 34.30 -28.69
N SER A 107 0.88 33.60 -28.82
CA SER A 107 2.17 34.12 -28.48
C SER A 107 3.11 33.96 -29.69
N ILE A 108 4.03 34.92 -29.86
CA ILE A 108 4.96 34.94 -31.00
C ILE A 108 6.35 35.40 -30.57
N ARG A 109 7.36 34.54 -30.69
CA ARG A 109 8.75 34.91 -30.43
C ARG A 109 9.40 35.36 -31.73
N LEU A 110 10.10 36.48 -31.69
CA LEU A 110 10.63 37.04 -32.93
C LEU A 110 12.09 36.68 -33.21
N ALA A 111 12.37 36.31 -34.47
CA ALA A 111 13.74 36.18 -34.93
C ALA A 111 14.06 37.46 -35.65
N THR A 112 15.16 38.10 -35.31
CA THR A 112 15.50 39.34 -35.96
C THR A 112 16.87 39.21 -36.61
N THR A 113 17.54 38.11 -36.25
CA THR A 113 18.86 37.71 -36.76
C THR A 113 18.76 36.32 -37.39
N PRO A 114 19.72 35.96 -38.26
CA PRO A 114 19.58 34.64 -38.89
C PRO A 114 19.92 33.46 -37.99
N VAL A 115 20.80 33.66 -37.01
CA VAL A 115 21.08 32.59 -36.09
C VAL A 115 19.76 32.23 -35.37
N ARG A 116 18.94 33.24 -35.07
CA ARG A 116 17.64 33.05 -34.45
C ARG A 116 16.61 32.25 -35.30
N VAL A 117 16.61 32.45 -36.62
CA VAL A 117 15.80 31.59 -37.48
C VAL A 117 16.23 30.15 -37.27
N ASP A 118 17.52 29.95 -37.02
CA ASP A 118 18.08 28.60 -36.89
C ASP A 118 17.60 28.01 -35.60
N GLU A 119 17.53 28.83 -34.56
CA GLU A 119 16.99 28.37 -33.28
C GLU A 119 15.55 27.90 -33.44
N PHE A 120 14.77 28.63 -34.24
CA PHE A 120 13.37 28.26 -34.43
C PHE A 120 13.21 26.93 -35.16
N LYS A 121 14.12 26.64 -36.10
CA LYS A 121 13.98 25.40 -36.87
C LYS A 121 14.33 24.24 -35.97
N TYR A 122 15.27 24.49 -35.06
CA TYR A 122 15.75 23.52 -34.09
C TYR A 122 14.70 23.29 -33.00
N GLN A 123 13.95 24.33 -32.63
CA GLN A 123 12.87 24.17 -31.67
C GLN A 123 11.66 23.48 -32.29
N MET A 124 11.43 23.66 -33.59
CA MET A 124 10.24 23.11 -34.21
C MET A 124 10.35 21.60 -34.39
N THR A 125 11.55 21.12 -34.69
CA THR A 125 11.76 19.69 -34.88
C THR A 125 11.59 18.96 -33.57
N ARG A 126 11.82 19.71 -32.50
CA ARG A 126 11.73 19.21 -31.14
C ARG A 126 10.30 19.22 -30.61
N THR A 127 9.41 20.00 -31.25
CA THR A 127 8.01 20.12 -30.82
C THR A 127 7.09 19.25 -31.69
N GLY A 128 7.60 18.75 -32.81
CA GLY A 128 6.80 18.00 -33.76
C GLY A 128 6.10 16.78 -33.20
N TRP A 129 6.76 16.08 -32.29
CA TRP A 129 6.22 14.87 -31.67
C TRP A 129 5.52 15.19 -30.34
N HIS A 130 4.98 16.40 -30.28
CA HIS A 130 4.21 16.88 -29.13
C HIS A 130 2.85 17.36 -29.56
N ALA A 131 1.88 17.24 -28.68
CA ALA A 131 0.56 17.80 -28.92
C ALA A 131 0.71 19.29 -29.18
N THR A 132 1.55 19.94 -28.36
CA THR A 132 1.79 21.36 -28.47
C THR A 132 1.84 21.70 -29.94
N GLU A 133 0.88 22.52 -30.34
CA GLU A 133 0.76 22.94 -31.72
C GLU A 133 1.55 24.24 -31.83
N GLN A 134 2.46 24.25 -32.79
CA GLN A 134 3.45 25.31 -32.89
C GLN A 134 3.77 25.54 -34.36
N TYR A 135 4.06 26.78 -34.75
CA TYR A 135 4.24 27.10 -36.17
C TYR A 135 5.41 28.06 -36.48
N LEU A 136 6.21 27.73 -37.49
CA LEU A 136 7.22 28.68 -37.98
C LEU A 136 6.53 29.53 -39.04
N ILE A 137 6.44 30.84 -38.78
CA ILE A 137 5.63 31.76 -39.59
C ILE A 137 6.44 32.88 -40.23
N GLU A 138 5.92 33.39 -41.34
CA GLU A 138 6.59 34.43 -42.10
C GLU A 138 6.29 35.79 -41.52
N PRO A 139 7.11 36.80 -41.86
CA PRO A 139 6.86 38.21 -41.52
C PRO A 139 5.49 38.74 -42.01
N GLU A 140 4.98 38.17 -43.10
CA GLU A 140 3.70 38.58 -43.62
C GLU A 140 2.61 38.20 -42.65
N LYS A 141 2.77 37.04 -42.01
CA LYS A 141 1.76 36.57 -41.08
C LYS A 141 1.90 37.27 -39.70
N ILE A 142 3.04 37.93 -39.47
CA ILE A 142 3.23 38.72 -38.25
C ILE A 142 2.73 40.19 -38.45
N GLN A 143 2.81 40.71 -39.67
CA GLN A 143 2.24 42.03 -39.98
C GLN A 143 0.73 42.00 -39.77
N GLU A 144 0.10 40.95 -40.31
CA GLU A 144 -1.33 40.74 -40.17
C GLU A 144 -1.69 40.50 -38.71
N MET A 145 -0.76 39.91 -37.95
CA MET A 145 -1.00 39.49 -36.56
C MET A 145 -0.72 40.59 -35.55
N PHE A 146 0.37 41.34 -35.76
CA PHE A 146 0.79 42.38 -34.85
C PHE A 146 1.08 43.70 -35.58
N PRO A 147 0.02 44.37 -36.07
CA PRO A 147 0.08 45.54 -36.94
C PRO A 147 1.06 46.63 -36.48
N LEU A 148 1.12 46.90 -35.18
CA LEU A 148 1.96 47.99 -34.69
C LEU A 148 3.43 47.67 -34.62
N LEU A 149 3.81 46.50 -35.11
CA LEU A 149 5.19 46.04 -35.02
C LEU A 149 6.08 46.50 -36.17
N ASN A 150 7.32 46.85 -35.84
CA ASN A 150 8.31 47.21 -36.86
C ASN A 150 8.87 45.97 -37.56
N MET A 151 8.51 45.80 -38.83
CA MET A 151 8.85 44.58 -39.54
C MET A 151 10.20 44.65 -40.24
N ASN A 152 10.95 45.70 -39.93
CA ASN A 152 12.13 46.05 -40.71
C ASN A 152 13.26 45.02 -40.57
N LYS A 153 13.45 44.44 -39.39
CA LYS A 153 14.53 43.49 -39.22
C LYS A 153 14.02 42.07 -38.93
N VAL A 154 12.71 41.93 -38.72
CA VAL A 154 12.08 40.65 -38.40
C VAL A 154 12.22 39.68 -39.56
N LEU A 155 12.80 38.53 -39.29
CA LEU A 155 13.04 37.53 -40.32
C LEU A 155 12.04 36.38 -40.25
N ALA A 156 11.63 35.99 -39.05
CA ALA A 156 10.61 34.95 -38.89
C ALA A 156 10.05 34.97 -37.48
N GLY A 157 9.06 34.12 -37.23
CA GLY A 157 8.48 34.04 -35.91
C GLY A 157 8.09 32.63 -35.50
N LEU A 158 8.14 32.37 -34.19
CA LEU A 158 7.67 31.11 -33.63
C LEU A 158 6.36 31.39 -32.97
N TYR A 159 5.31 30.68 -33.38
CA TYR A 159 3.96 31.07 -32.98
C TYR A 159 3.17 29.93 -32.39
N ASN A 160 2.65 30.18 -31.21
CA ASN A 160 1.74 29.25 -30.57
C ASN A 160 0.35 29.84 -30.47
N PRO A 161 -0.60 29.26 -31.18
CA PRO A 161 -1.98 29.69 -31.01
C PRO A 161 -2.56 29.09 -29.73
N GLY A 162 -3.52 29.79 -29.14
CA GLY A 162 -4.29 29.27 -28.02
C GLY A 162 -3.74 29.57 -26.63
N ASP A 163 -2.71 30.41 -26.55
CA ASP A 163 -2.22 30.85 -25.25
C ASP A 163 -2.13 32.36 -25.22
N GLY A 164 -1.54 32.88 -24.15
CA GLY A 164 -1.44 34.31 -23.92
C GLY A 164 -1.14 34.56 -22.47
N HIS A 165 -1.98 35.33 -21.79
CA HIS A 165 -1.78 35.63 -20.38
C HIS A 165 -3.05 35.39 -19.56
N ILE A 166 -2.93 35.48 -18.23
CA ILE A 166 -4.06 35.25 -17.32
C ILE A 166 -3.91 36.13 -16.07
N ASP A 167 -4.99 36.36 -15.36
CA ASP A 167 -4.94 37.12 -14.12
C ASP A 167 -4.51 36.16 -12.99
N PRO A 168 -3.38 36.47 -12.31
CA PRO A 168 -2.91 35.56 -11.27
C PRO A 168 -3.85 35.46 -10.05
N TYR A 169 -4.41 36.60 -9.65
CA TYR A 169 -5.34 36.65 -8.53
C TYR A 169 -6.54 35.78 -8.86
N SER A 170 -7.22 36.12 -9.95
CA SER A 170 -8.40 35.38 -10.38
C SER A 170 -8.07 33.93 -10.65
N LEU A 171 -6.79 33.63 -10.90
CA LEU A 171 -6.40 32.26 -11.23
C LEU A 171 -6.30 31.48 -9.93
N THR A 172 -5.68 32.10 -8.94
CA THR A 172 -5.51 31.49 -7.64
C THR A 172 -6.82 31.27 -6.93
N MET A 173 -7.66 32.30 -6.89
CA MET A 173 -8.94 32.19 -6.21
C MET A 173 -9.82 31.11 -6.81
N ALA A 174 -9.73 30.96 -8.13
CA ALA A 174 -10.52 29.99 -8.89
C ALA A 174 -10.09 28.56 -8.58
N LEU A 175 -8.80 28.38 -8.38
CA LEU A 175 -8.27 27.09 -7.98
C LEU A 175 -8.63 26.78 -6.51
N ALA A 176 -8.73 27.82 -5.68
CA ALA A 176 -9.11 27.64 -4.28
C ALA A 176 -10.55 27.20 -4.17
N ALA A 177 -11.41 27.81 -4.98
CA ALA A 177 -12.83 27.45 -4.97
C ALA A 177 -13.00 26.03 -5.45
N GLY A 178 -12.08 25.57 -6.31
CA GLY A 178 -12.14 24.21 -6.78
C GLY A 178 -11.65 23.31 -5.66
N ALA A 179 -10.62 23.78 -4.97
CA ALA A 179 -9.99 23.03 -3.87
C ALA A 179 -10.94 22.85 -2.69
N ARG A 180 -11.47 23.98 -2.18
CA ARG A 180 -12.47 23.96 -1.10
C ARG A 180 -13.65 23.10 -1.45
N LYS A 181 -14.01 23.13 -2.72
CA LYS A 181 -15.24 22.48 -3.11
C LYS A 181 -15.09 20.99 -3.16
N CYS A 182 -13.85 20.53 -3.15
CA CYS A 182 -13.59 19.10 -3.26
C CYS A 182 -13.01 18.58 -1.96
N GLY A 183 -13.01 19.45 -0.95
CA GLY A 183 -12.76 19.03 0.41
C GLY A 183 -11.43 19.43 0.97
N ALA A 184 -10.75 20.33 0.27
CA ALA A 184 -9.50 20.79 0.80
C ALA A 184 -9.92 21.79 1.81
N LEU A 185 -9.22 21.82 2.92
CA LEU A 185 -9.42 22.84 3.92
C LEU A 185 -8.29 23.87 3.77
N LEU A 186 -8.66 25.14 3.63
CA LEU A 186 -7.69 26.22 3.41
C LEU A 186 -7.62 27.21 4.57
N LYS A 187 -6.94 26.85 5.66
CA LYS A 187 -6.81 27.75 6.80
C LYS A 187 -5.83 28.88 6.53
N TYR A 188 -6.23 30.10 6.84
CA TYR A 188 -5.32 31.23 6.85
C TYR A 188 -5.94 32.40 7.62
N PRO A 189 -5.10 33.20 8.29
CA PRO A 189 -3.64 33.10 8.40
C PRO A 189 -3.18 32.08 9.44
N ALA A 190 -2.40 31.09 9.00
CA ALA A 190 -1.88 30.08 9.90
C ALA A 190 -0.53 29.58 9.40
N PRO A 191 0.51 30.42 9.54
CA PRO A 191 1.88 30.12 9.13
C PRO A 191 2.48 28.97 9.89
N VAL A 192 3.31 28.16 9.26
CA VAL A 192 4.10 27.19 10.00
C VAL A 192 5.23 27.95 10.69
N THR A 193 5.48 27.60 11.93
CA THR A 193 6.58 28.18 12.65
C THR A 193 7.51 27.07 13.04
N SER A 194 7.01 25.84 13.00
CA SER A 194 7.86 24.69 13.30
C SER A 194 7.37 23.37 12.72
N LEU A 195 8.31 22.64 12.17
CA LEU A 195 8.11 21.30 11.68
C LEU A 195 9.03 20.38 12.46
N LYS A 196 8.52 19.26 12.93
CA LYS A 196 9.39 18.27 13.57
C LYS A 196 9.09 16.93 12.95
N ALA A 197 10.13 16.24 12.50
CA ALA A 197 9.94 14.93 11.89
C ALA A 197 9.71 13.88 12.96
N ARG A 198 8.95 12.84 12.64
CA ARG A 198 8.73 11.79 13.62
C ARG A 198 9.31 10.50 13.05
N SER A 199 9.92 9.69 13.91
CA SER A 199 10.59 8.47 13.46
C SER A 199 9.68 7.52 12.65
N ASP A 200 8.36 7.69 12.71
CA ASP A 200 7.44 6.81 11.99
C ASP A 200 7.08 7.34 10.61
N GLY A 201 7.77 8.39 10.18
CA GLY A 201 7.62 8.96 8.85
C GLY A 201 6.57 10.04 8.70
N THR A 202 5.92 10.38 9.81
CA THR A 202 4.91 11.45 9.84
C THR A 202 5.52 12.81 10.21
N TRP A 203 4.66 13.81 10.43
CA TRP A 203 5.10 15.18 10.70
C TRP A 203 4.31 15.92 11.79
N ASP A 204 5.00 16.81 12.50
CA ASP A 204 4.34 17.71 13.47
C ASP A 204 4.46 19.17 13.05
N VAL A 205 3.34 19.77 12.67
CA VAL A 205 3.32 21.16 12.17
C VAL A 205 2.87 22.11 13.27
N GLU A 206 3.43 23.31 13.29
CA GLU A 206 3.11 24.23 14.37
C GLU A 206 2.72 25.61 13.88
N THR A 207 1.44 25.93 13.98
CA THR A 207 0.96 27.26 13.64
C THR A 207 0.70 28.01 14.94
N PRO A 208 0.54 29.34 14.87
CA PRO A 208 0.02 30.07 16.03
C PRO A 208 -1.37 29.58 16.44
N GLN A 209 -2.06 28.84 15.58
CA GLN A 209 -3.37 28.31 15.95
C GLN A 209 -3.21 27.09 16.85
N GLY A 210 -2.27 26.21 16.49
CA GLY A 210 -2.08 24.98 17.24
C GLY A 210 -1.35 23.97 16.39
N SER A 211 -1.26 22.73 16.86
CA SER A 211 -0.45 21.73 16.19
C SER A 211 -1.33 20.71 15.49
N MET A 212 -0.75 20.04 14.49
CA MET A 212 -1.42 18.97 13.77
C MET A 212 -0.40 18.02 13.16
N ARG A 213 -0.86 16.84 12.77
CA ARG A 213 0.01 15.84 12.14
C ARG A 213 -0.37 15.50 10.71
N ALA A 214 0.56 15.67 9.77
CA ALA A 214 0.32 15.28 8.37
C ALA A 214 1.17 14.07 7.98
N ASN A 215 0.59 13.16 7.21
CA ASN A 215 1.35 12.02 6.74
C ASN A 215 2.44 12.45 5.79
N ARG A 216 2.23 13.57 5.10
CA ARG A 216 3.28 14.18 4.29
C ARG A 216 3.19 15.70 4.34
N ILE A 217 4.25 16.39 3.97
CA ILE A 217 4.20 17.83 3.89
C ILE A 217 4.79 18.33 2.57
N VAL A 218 4.13 19.34 2.01
CA VAL A 218 4.54 19.94 0.74
C VAL A 218 4.95 21.39 0.96
N ASN A 219 6.22 21.68 0.73
CA ASN A 219 6.71 23.05 0.85
C ASN A 219 6.46 23.82 -0.45
N ALA A 220 5.58 24.80 -0.43
CA ALA A 220 5.40 25.61 -1.65
C ALA A 220 5.48 27.05 -1.27
N ALA A 221 6.47 27.39 -0.46
CA ALA A 221 6.46 28.66 0.23
C ALA A 221 7.19 29.76 -0.52
N GLY A 222 7.18 29.69 -1.85
CA GLY A 222 7.73 30.79 -2.61
C GLY A 222 9.15 31.13 -2.28
N PHE A 223 9.41 32.34 -1.79
CA PHE A 223 10.78 32.72 -1.49
C PHE A 223 11.05 32.51 -0.01
N TRP A 224 10.01 32.10 0.70
CA TRP A 224 10.19 31.62 2.05
C TRP A 224 10.55 30.15 2.06
N ALA A 225 10.65 29.54 0.89
CA ALA A 225 10.89 28.11 0.81
C ALA A 225 12.19 27.76 1.47
N ARG A 226 13.23 28.54 1.18
CA ARG A 226 14.51 28.28 1.83
C ARG A 226 14.35 28.34 3.34
N GLU A 227 13.55 29.29 3.80
CA GLU A 227 13.34 29.56 5.21
C GLU A 227 12.74 28.36 5.93
N VAL A 228 11.68 27.84 5.33
CA VAL A 228 10.92 26.72 5.86
C VAL A 228 11.73 25.42 5.76
N GLY A 229 12.50 25.26 4.69
CA GLY A 229 13.38 24.11 4.53
C GLY A 229 14.34 23.92 5.69
N LYS A 230 14.80 25.04 6.26
CA LYS A 230 15.71 25.03 7.39
C LYS A 230 15.03 24.54 8.64
N MET A 231 13.70 24.65 8.68
CA MET A 231 12.95 24.20 9.85
C MET A 231 13.13 22.74 10.09
N ILE A 232 13.48 22.01 9.04
CA ILE A 232 13.89 20.62 9.20
C ILE A 232 15.35 20.43 8.75
N GLY A 233 16.11 21.51 8.73
CA GLY A 233 17.54 21.40 8.55
C GLY A 233 18.01 21.18 7.14
N LEU A 234 17.39 21.85 6.17
CA LEU A 234 17.70 21.69 4.75
C LEU A 234 18.19 22.94 4.06
N GLU A 235 19.28 22.83 3.31
CA GLU A 235 19.67 23.90 2.41
C GLU A 235 18.84 23.82 1.15
N HIS A 236 17.92 24.75 0.97
CA HIS A 236 17.23 24.80 -0.28
C HIS A 236 17.88 25.92 -1.06
N PRO A 237 18.56 25.58 -2.17
CA PRO A 237 19.35 26.53 -2.96
C PRO A 237 18.49 27.44 -3.82
N LEU A 238 17.79 28.37 -3.17
CA LEU A 238 16.90 29.29 -3.86
C LEU A 238 17.30 30.72 -3.53
N ILE A 239 17.18 31.64 -4.48
CA ILE A 239 17.43 33.03 -4.15
C ILE A 239 16.42 33.94 -4.84
N PRO A 240 15.78 34.83 -4.04
CA PRO A 240 14.85 35.82 -4.58
C PRO A 240 15.53 36.72 -5.57
N VAL A 241 14.88 37.01 -6.69
CA VAL A 241 15.46 37.92 -7.66
C VAL A 241 14.52 39.07 -7.96
N GLN A 242 15.12 40.20 -8.28
CA GLN A 242 14.39 41.36 -8.67
C GLN A 242 14.12 41.38 -10.18
N HIS A 243 12.83 41.43 -10.51
CA HIS A 243 12.39 41.55 -11.87
C HIS A 243 11.31 42.62 -12.01
N GLN A 244 11.48 43.55 -12.95
CA GLN A 244 10.46 44.56 -13.17
C GLN A 244 9.82 44.42 -14.54
N TYR A 245 8.56 44.83 -14.62
CA TYR A 245 7.92 45.08 -15.90
C TYR A 245 7.18 46.41 -15.86
N VAL A 246 6.78 46.89 -17.04
CA VAL A 246 6.25 48.25 -17.20
C VAL A 246 4.87 48.33 -17.85
N VAL A 247 3.98 49.16 -17.29
CA VAL A 247 2.68 49.34 -17.92
C VAL A 247 2.45 50.74 -18.46
N THR A 248 2.04 50.82 -19.73
CA THR A 248 1.82 52.10 -20.38
C THR A 248 0.40 52.53 -20.15
N SER A 249 0.10 53.75 -20.60
CA SER A 249 -1.26 54.23 -20.64
C SER A 249 -1.89 53.73 -21.93
N THR A 250 -3.12 54.14 -22.18
CA THR A 250 -3.83 53.72 -23.37
C THR A 250 -3.13 54.26 -24.62
N ILE A 251 -3.07 53.42 -25.65
CA ILE A 251 -2.51 53.82 -26.93
C ILE A 251 -3.64 53.82 -27.96
N PRO A 252 -3.75 54.90 -28.75
CA PRO A 252 -4.83 55.05 -29.74
C PRO A 252 -4.84 53.93 -30.80
N GLU A 253 -3.68 53.57 -31.36
CA GLU A 253 -3.63 52.56 -32.41
C GLU A 253 -3.90 51.21 -31.82
N VAL A 254 -3.60 51.06 -30.54
CA VAL A 254 -3.85 49.85 -29.81
C VAL A 254 -5.36 49.67 -29.54
N LYS A 255 -6.00 50.75 -29.12
CA LYS A 255 -7.46 50.80 -28.96
C LYS A 255 -8.18 50.53 -30.28
N ALA A 256 -7.57 50.95 -31.38
CA ALA A 256 -8.23 50.92 -32.68
C ALA A 256 -8.24 49.52 -33.30
N LEU A 257 -7.39 48.63 -32.82
CA LEU A 257 -7.36 47.26 -33.34
C LEU A 257 -8.65 46.54 -32.98
N LYS A 258 -9.12 45.67 -33.86
CA LYS A 258 -10.37 44.99 -33.57
C LYS A 258 -10.10 43.69 -32.79
N ARG A 259 -8.90 43.12 -32.99
CA ARG A 259 -8.46 41.90 -32.30
C ARG A 259 -7.45 42.23 -31.22
N GLU A 260 -7.17 41.28 -30.34
CA GLU A 260 -6.12 41.48 -29.35
C GLU A 260 -4.75 41.07 -29.89
N LEU A 261 -3.78 41.92 -29.68
CA LEU A 261 -2.42 41.64 -30.10
C LEU A 261 -1.89 40.40 -29.42
N PRO A 262 -1.17 39.58 -30.18
CA PRO A 262 -0.52 38.39 -29.61
C PRO A 262 0.71 38.78 -28.77
N VAL A 263 0.94 38.07 -27.67
CA VAL A 263 2.09 38.34 -26.81
C VAL A 263 3.43 38.13 -27.55
N LEU A 264 4.27 39.16 -27.57
CA LEU A 264 5.56 39.11 -28.27
C LEU A 264 6.72 38.80 -27.35
N ARG A 265 7.82 38.35 -27.94
CA ARG A 265 9.11 38.29 -27.24
C ARG A 265 10.19 38.67 -28.23
N ASP A 266 10.63 39.92 -28.21
CA ASP A 266 11.77 40.30 -29.02
C ASP A 266 13.00 39.77 -28.30
N LEU A 267 13.38 38.57 -28.67
CA LEU A 267 14.49 37.88 -28.04
C LEU A 267 15.75 38.74 -28.10
N GLU A 268 16.01 39.38 -29.22
CA GLU A 268 17.28 40.09 -29.35
C GLU A 268 17.29 41.37 -28.53
N GLY A 269 16.14 41.79 -28.05
CA GLY A 269 16.07 42.93 -27.14
C GLY A 269 15.99 42.46 -25.70
N SER A 270 15.62 41.20 -25.54
CA SER A 270 15.43 40.59 -24.24
C SER A 270 14.33 41.31 -23.48
N TYR A 271 13.11 41.22 -24.03
CA TYR A 271 11.91 41.66 -23.31
C TYR A 271 10.68 40.95 -23.87
N TYR A 272 9.71 40.69 -23.01
CA TYR A 272 8.40 40.25 -23.46
C TYR A 272 7.53 41.49 -23.47
N LEU A 273 6.42 41.43 -24.21
CA LEU A 273 5.46 42.53 -24.30
C LEU A 273 4.08 41.97 -24.59
N ARG A 274 3.06 42.62 -24.04
CA ARG A 274 1.68 42.22 -24.32
C ARG A 274 0.72 43.37 -24.20
N GLN A 275 -0.53 43.11 -24.56
CA GLN A 275 -1.57 44.11 -24.46
C GLN A 275 -2.16 44.14 -23.06
N GLU A 276 -2.08 45.28 -22.40
CA GLU A 276 -2.73 45.44 -21.11
C GLU A 276 -3.80 46.49 -21.23
N ARG A 277 -5.06 46.08 -21.23
CA ARG A 277 -6.18 46.98 -21.52
C ARG A 277 -6.02 47.60 -22.91
N ASP A 278 -5.92 48.92 -22.97
CA ASP A 278 -5.71 49.59 -24.25
C ASP A 278 -4.31 50.15 -24.41
N GLY A 279 -3.38 49.60 -23.62
CA GLY A 279 -1.96 49.92 -23.71
C GLY A 279 -1.06 48.68 -23.77
N LEU A 280 0.23 48.87 -23.51
CA LEU A 280 1.18 47.76 -23.60
C LEU A 280 1.90 47.47 -22.29
N LEU A 281 1.98 46.19 -21.96
CA LEU A 281 2.69 45.75 -20.78
C LEU A 281 3.96 45.09 -21.24
N PHE A 282 5.11 45.63 -20.85
CA PHE A 282 6.35 44.98 -21.22
C PHE A 282 7.41 44.99 -20.14
N GLY A 283 8.14 43.88 -20.04
CA GLY A 283 9.24 43.76 -19.11
C GLY A 283 10.45 43.04 -19.70
N PRO A 284 11.64 43.63 -19.52
CA PRO A 284 12.90 43.08 -20.02
C PRO A 284 13.63 42.22 -19.01
N TYR A 285 14.56 41.40 -19.49
CA TYR A 285 15.50 40.71 -18.61
C TYR A 285 16.90 41.35 -18.77
N GLU A 286 17.21 42.23 -17.83
CA GLU A 286 18.41 43.06 -17.84
C GLU A 286 19.65 42.19 -17.79
N SER A 287 20.83 42.81 -17.95
CA SER A 287 22.09 42.07 -17.97
C SER A 287 22.40 41.38 -16.64
N GLN A 288 23.10 40.24 -16.69
CA GLN A 288 23.42 39.48 -15.47
C GLN A 288 24.33 40.32 -14.62
N GLU A 289 25.08 41.18 -15.28
CA GLU A 289 25.88 42.18 -14.61
C GLU A 289 24.98 43.31 -14.02
N LYS A 290 23.84 43.59 -14.66
CA LYS A 290 22.97 44.74 -14.28
C LYS A 290 21.91 44.46 -13.20
N MET A 291 21.38 43.24 -13.18
CA MET A 291 20.24 42.91 -12.34
C MET A 291 20.58 42.89 -10.86
N LYS A 292 19.54 42.76 -10.02
CA LYS A 292 19.72 42.68 -8.57
C LYS A 292 19.16 41.40 -7.98
N VAL A 293 19.78 40.93 -6.89
CA VAL A 293 19.28 39.77 -6.16
C VAL A 293 19.03 40.12 -4.69
N GLN A 294 18.25 39.30 -3.98
CA GLN A 294 17.99 39.55 -2.57
C GLN A 294 18.88 38.71 -1.66
N ASP A 295 20.19 38.87 -1.83
CA ASP A 295 21.20 38.20 -1.00
C ASP A 295 20.91 38.38 0.48
N SER A 296 20.60 39.62 0.85
CA SER A 296 20.26 39.99 2.21
C SER A 296 19.17 39.07 2.78
N TRP A 297 18.25 38.66 1.91
CA TRP A 297 17.17 37.78 2.30
C TRP A 297 17.56 36.32 2.42
N VAL A 298 18.73 35.94 1.90
CA VAL A 298 19.21 34.58 2.09
C VAL A 298 20.06 34.54 3.34
N THR A 299 20.80 35.62 3.55
CA THR A 299 21.67 35.72 4.70
C THR A 299 20.85 35.88 5.97
N ASN A 300 19.92 36.83 5.95
CA ASN A 300 19.09 37.15 7.11
C ASN A 300 17.69 36.58 7.07
N GLY A 301 17.29 36.02 5.94
CA GLY A 301 15.94 35.54 5.82
C GLY A 301 15.04 36.70 5.43
N VAL A 302 13.93 36.34 4.80
CA VAL A 302 12.96 37.31 4.36
C VAL A 302 12.47 38.12 5.55
N PRO A 303 12.50 39.45 5.44
CA PRO A 303 11.97 40.28 6.53
C PRO A 303 10.53 39.86 6.84
N PRO A 304 10.19 39.68 8.12
CA PRO A 304 8.84 39.26 8.44
C PRO A 304 7.91 40.45 8.34
N GLY A 305 6.64 40.22 8.06
CA GLY A 305 5.78 41.34 7.74
C GLY A 305 5.95 41.78 6.30
N PHE A 306 6.49 40.89 5.47
CA PHE A 306 6.54 41.12 4.04
C PHE A 306 5.39 40.37 3.36
N GLY A 307 4.86 40.96 2.30
CA GLY A 307 3.68 40.41 1.64
C GLY A 307 2.67 41.48 1.23
N LYS A 308 1.93 41.21 0.15
CA LYS A 308 1.10 42.23 -0.51
C LYS A 308 1.97 43.49 -0.58
N GLU A 309 3.08 43.40 -1.31
CA GLU A 309 4.13 44.40 -1.23
C GLU A 309 5.16 44.31 -2.37
N LEU A 310 5.59 45.46 -2.90
CA LEU A 310 6.58 45.52 -3.98
C LEU A 310 7.90 46.18 -3.60
N PHE A 311 8.83 46.20 -4.56
CA PHE A 311 10.07 46.94 -4.41
C PHE A 311 9.95 48.30 -5.06
N GLU A 312 10.74 49.26 -4.58
CA GLU A 312 10.90 50.50 -5.31
C GLU A 312 11.46 50.18 -6.69
N SER A 313 10.83 50.75 -7.70
CA SER A 313 11.27 50.55 -9.08
C SER A 313 12.68 51.05 -9.26
N ASP A 314 13.32 50.55 -10.31
CA ASP A 314 14.62 51.06 -10.70
C ASP A 314 14.58 50.99 -12.19
N LEU A 315 14.04 52.04 -12.76
CA LEU A 315 13.84 52.11 -14.19
C LEU A 315 15.13 52.35 -14.92
N ASP A 316 16.06 53.06 -14.29
CA ASP A 316 17.28 53.47 -14.97
C ASP A 316 18.18 52.28 -15.30
N ARG A 317 17.97 51.15 -14.62
CA ARG A 317 18.83 50.00 -14.85
C ARG A 317 18.32 49.13 -15.99
N ILE A 318 17.12 49.41 -16.47
CA ILE A 318 16.61 48.70 -17.64
C ILE A 318 16.31 49.62 -18.81
N MET A 319 16.83 50.85 -18.74
CA MET A 319 16.57 51.84 -19.78
C MET A 319 17.08 51.41 -21.16
N GLU A 320 18.23 50.74 -21.18
CA GLU A 320 18.83 50.27 -22.43
C GLU A 320 17.85 49.39 -23.17
N HIS A 321 17.05 48.66 -22.41
CA HIS A 321 16.12 47.70 -22.96
C HIS A 321 14.81 48.35 -23.36
N ILE A 322 14.38 49.35 -22.59
CA ILE A 322 13.16 50.08 -22.94
C ILE A 322 13.33 50.71 -24.32
N LYS A 323 14.52 51.24 -24.57
CA LYS A 323 14.89 51.84 -25.84
C LYS A 323 14.65 50.90 -27.04
N ALA A 324 15.06 49.65 -26.87
CA ALA A 324 14.87 48.64 -27.90
C ALA A 324 13.40 48.42 -28.10
N ALA A 325 12.66 48.34 -27.00
CA ALA A 325 11.22 48.10 -27.02
C ALA A 325 10.49 49.17 -27.82
N MET A 326 11.00 50.38 -27.75
CA MET A 326 10.37 51.51 -28.39
C MET A 326 10.62 51.45 -29.88
N GLU A 327 11.70 50.78 -30.24
CA GLU A 327 12.15 50.66 -31.62
C GLU A 327 11.43 49.60 -32.42
N MET A 328 11.07 48.51 -31.76
CA MET A 328 10.37 47.41 -32.42
C MET A 328 8.90 47.75 -32.53
N VAL A 329 8.45 48.50 -31.53
CA VAL A 329 7.07 48.95 -31.46
C VAL A 329 7.12 50.47 -31.25
N PRO A 330 7.06 51.24 -32.35
CA PRO A 330 7.27 52.71 -32.27
C PRO A 330 6.15 53.51 -31.58
N VAL A 331 4.98 52.93 -31.38
CA VAL A 331 3.92 53.63 -30.68
C VAL A 331 4.32 53.93 -29.24
N LEU A 332 5.19 53.10 -28.69
CA LEU A 332 5.69 53.28 -27.34
C LEU A 332 6.47 54.57 -27.17
N LYS A 333 7.09 55.03 -28.25
CA LYS A 333 7.93 56.22 -28.19
C LYS A 333 7.10 57.40 -27.70
N LYS A 334 5.81 57.37 -28.02
CA LYS A 334 4.89 58.44 -27.66
C LYS A 334 4.14 58.22 -26.35
N ALA A 335 3.81 56.96 -26.04
CA ALA A 335 2.95 56.64 -24.88
C ALA A 335 3.59 56.92 -23.51
N ASP A 336 2.76 56.90 -22.48
CA ASP A 336 3.22 57.18 -21.12
C ASP A 336 3.04 55.99 -20.20
N ILE A 337 3.95 55.92 -19.24
CA ILE A 337 4.00 54.85 -18.25
C ILE A 337 3.09 55.15 -17.02
N ILE A 338 2.35 54.13 -16.59
CA ILE A 338 1.42 54.25 -15.49
C ILE A 338 2.00 53.56 -14.30
N ASN A 339 2.68 52.45 -14.58
CA ASN A 339 3.11 51.54 -13.53
C ASN A 339 4.47 50.87 -13.79
N VAL A 340 5.23 50.68 -12.72
CA VAL A 340 6.47 49.89 -12.81
C VAL A 340 6.53 48.94 -11.61
N VAL A 341 6.19 47.68 -11.88
CA VAL A 341 6.08 46.65 -10.87
C VAL A 341 7.42 45.94 -10.66
N ASN A 342 8.16 46.33 -9.62
CA ASN A 342 9.42 45.67 -9.32
C ASN A 342 9.22 44.69 -8.18
N GLY A 343 9.26 43.40 -8.48
CA GLY A 343 8.99 42.40 -7.46
C GLY A 343 10.00 41.29 -7.37
N PRO A 344 9.86 40.45 -6.34
CA PRO A 344 10.74 39.30 -6.14
C PRO A 344 10.24 38.02 -6.82
N ILE A 345 11.15 37.24 -7.42
CA ILE A 345 10.87 35.86 -7.88
C ILE A 345 11.84 34.85 -7.24
N THR A 346 11.40 33.61 -7.04
CA THR A 346 12.25 32.61 -6.39
C THR A 346 13.00 31.79 -7.44
N TYR A 347 14.28 32.11 -7.65
CA TYR A 347 15.13 31.41 -8.63
C TYR A 347 15.98 30.35 -7.99
N SER A 348 15.98 29.15 -8.59
CA SER A 348 16.97 28.11 -8.31
C SER A 348 18.09 28.41 -9.26
N PRO A 349 19.26 27.74 -9.13
CA PRO A 349 20.38 28.08 -10.02
C PRO A 349 20.09 28.02 -11.52
N ASP A 350 19.36 27.02 -12.02
CA ASP A 350 19.14 26.91 -13.46
C ASP A 350 17.79 27.43 -13.93
N ILE A 351 17.16 28.25 -13.09
CA ILE A 351 15.85 28.87 -13.30
C ILE A 351 14.69 27.86 -13.24
N LEU A 352 15.01 26.57 -13.28
CA LEU A 352 13.97 25.55 -13.14
C LEU A 352 13.55 25.28 -11.70
N PRO A 353 12.24 25.05 -11.50
CA PRO A 353 11.72 24.74 -10.17
C PRO A 353 12.26 23.45 -9.61
N MET A 354 12.10 23.31 -8.31
CA MET A 354 12.51 22.10 -7.65
C MET A 354 11.26 21.39 -7.29
N VAL A 355 10.99 20.26 -7.95
CA VAL A 355 9.71 19.60 -7.81
C VAL A 355 9.87 18.12 -7.58
N GLY A 356 9.29 17.65 -6.47
CA GLY A 356 9.27 16.24 -6.16
C GLY A 356 9.51 16.02 -4.69
N PRO A 357 9.57 14.74 -4.28
CA PRO A 357 9.90 14.33 -2.92
C PRO A 357 11.36 14.52 -2.64
N HIS A 358 11.67 15.17 -1.53
CA HIS A 358 13.03 15.41 -1.15
C HIS A 358 13.61 14.14 -0.50
N GLN A 359 14.78 13.75 -0.98
CA GLN A 359 15.51 12.60 -0.45
C GLN A 359 16.08 12.96 0.91
N GLY A 360 16.27 11.95 1.75
CA GLY A 360 16.91 12.13 3.04
C GLY A 360 15.94 12.36 4.17
N VAL A 361 14.79 12.95 3.84
CA VAL A 361 13.75 13.18 4.82
C VAL A 361 12.51 12.44 4.31
N ARG A 362 11.73 11.87 5.22
CA ARG A 362 10.58 11.08 4.86
C ARG A 362 9.32 11.94 4.71
N ASN A 363 8.65 11.77 3.57
CA ASN A 363 7.39 12.41 3.23
C ASN A 363 7.48 13.94 3.17
N TYR A 364 8.60 14.46 2.68
CA TYR A 364 8.74 15.88 2.41
C TYR A 364 8.91 16.05 0.93
N TRP A 365 7.93 16.74 0.32
CA TRP A 365 7.91 17.06 -1.10
C TRP A 365 8.12 18.54 -1.21
N VAL A 366 8.60 19.01 -2.35
CA VAL A 366 8.71 20.44 -2.59
C VAL A 366 8.11 20.84 -3.91
N ALA A 367 7.68 22.08 -3.98
CA ALA A 367 7.37 22.71 -5.23
C ALA A 367 7.80 24.16 -5.06
N ILE A 368 9.11 24.38 -5.17
CA ILE A 368 9.69 25.68 -4.86
C ILE A 368 10.54 26.22 -6.02
N GLY A 369 11.07 27.44 -5.85
CA GLY A 369 11.96 28.03 -6.84
C GLY A 369 11.38 28.15 -8.24
N PHE A 370 10.11 28.55 -8.34
CA PHE A 370 9.45 28.73 -9.62
C PHE A 370 9.75 30.04 -10.29
N GLY A 371 10.42 29.96 -11.44
CA GLY A 371 10.71 31.14 -12.21
C GLY A 371 9.51 31.58 -13.03
N TYR A 372 8.76 30.61 -13.52
CA TYR A 372 7.59 30.89 -14.34
C TYR A 372 6.40 30.16 -13.72
N GLY A 373 6.02 30.59 -12.52
CA GLY A 373 5.07 29.88 -11.69
C GLY A 373 3.65 29.93 -12.18
N ILE A 374 3.29 30.96 -12.94
CA ILE A 374 1.91 31.14 -13.39
C ILE A 374 1.56 30.20 -14.54
N ILE A 375 2.54 29.92 -15.38
CA ILE A 375 2.31 28.99 -16.46
C ILE A 375 2.57 27.58 -15.93
N HIS A 376 3.42 27.46 -14.90
CA HIS A 376 3.80 26.14 -14.38
C HIS A 376 2.83 25.53 -13.38
N ALA A 377 2.10 26.41 -12.68
CA ALA A 377 1.26 26.02 -11.55
C ALA A 377 0.30 24.87 -11.85
N GLY A 378 -0.53 25.02 -12.88
CA GLY A 378 -1.47 23.99 -13.24
C GLY A 378 -0.77 22.65 -13.44
N GLY A 379 0.13 22.62 -14.40
CA GLY A 379 0.79 21.40 -14.81
C GLY A 379 1.60 20.71 -13.72
N VAL A 380 2.33 21.51 -12.93
CA VAL A 380 3.14 21.00 -11.82
C VAL A 380 2.22 20.37 -10.75
N GLY A 381 1.01 20.94 -10.61
CA GLY A 381 -0.01 20.46 -9.69
C GLY A 381 -0.57 19.11 -10.06
N LYS A 382 -0.81 18.92 -11.35
CA LYS A 382 -1.24 17.63 -11.88
C LYS A 382 -0.10 16.62 -11.82
N TYR A 383 1.13 17.11 -11.78
CA TYR A 383 2.31 16.25 -11.79
C TYR A 383 2.55 15.67 -10.42
N LEU A 384 2.89 16.54 -9.47
CA LEU A 384 3.07 16.18 -8.07
C LEU A 384 1.91 15.36 -7.51
N SER A 385 0.69 15.81 -7.78
CA SER A 385 -0.48 15.11 -7.31
C SER A 385 -0.53 13.68 -7.88
N ASP A 386 -0.23 13.54 -9.18
CA ASP A 386 -0.26 12.22 -9.82
C ASP A 386 0.88 11.37 -9.31
N TRP A 387 1.89 12.02 -8.75
CA TRP A 387 3.00 11.30 -8.15
C TRP A 387 2.62 10.85 -6.74
N ILE A 388 2.05 11.75 -5.95
CA ILE A 388 1.72 11.37 -4.59
C ILE A 388 0.75 10.21 -4.59
N LEU A 389 -0.27 10.31 -5.44
CA LEU A 389 -1.39 9.39 -5.42
C LEU A 389 -1.16 8.14 -6.25
N HIS A 390 0.05 8.00 -6.80
CA HIS A 390 0.42 6.81 -7.60
C HIS A 390 1.74 6.13 -7.18
N GLY A 391 2.62 6.88 -6.52
CA GLY A 391 3.86 6.31 -6.03
C GLY A 391 5.03 6.38 -6.99
N GLU A 392 4.79 6.98 -8.15
CA GLU A 392 5.82 7.19 -9.17
C GLU A 392 5.49 8.39 -10.06
N PRO A 393 6.48 8.96 -10.75
CA PRO A 393 6.10 10.09 -11.58
C PRO A 393 5.29 9.57 -12.76
N PRO A 394 4.28 10.32 -13.22
CA PRO A 394 3.48 9.95 -14.38
C PRO A 394 4.33 9.89 -15.68
N PHE A 395 5.14 10.93 -15.88
CA PHE A 395 6.14 10.98 -16.94
C PHE A 395 7.43 11.53 -16.33
N ASP A 396 8.52 11.55 -17.09
CA ASP A 396 9.83 11.82 -16.51
C ASP A 396 10.22 13.29 -16.48
N LEU A 397 10.46 13.82 -15.28
CA LEU A 397 10.94 15.19 -15.14
C LEU A 397 12.15 15.33 -14.25
N ILE A 398 13.19 14.54 -14.52
CA ILE A 398 14.35 14.53 -13.65
C ILE A 398 15.08 15.86 -13.80
N GLU A 399 14.72 16.60 -14.84
CA GLU A 399 15.24 17.94 -15.08
C GLU A 399 14.79 18.88 -13.98
N LEU A 400 13.70 18.47 -13.32
CA LEU A 400 12.99 19.30 -12.34
C LEU A 400 13.19 18.76 -10.94
N ASP A 401 13.81 17.58 -10.89
CA ASP A 401 14.05 16.86 -9.66
C ASP A 401 14.78 17.75 -8.67
N PRO A 402 14.29 17.78 -7.42
CA PRO A 402 14.74 18.69 -6.37
C PRO A 402 16.08 18.30 -5.81
N ASN A 403 16.51 17.08 -6.09
CA ASN A 403 17.78 16.59 -5.56
C ASN A 403 18.90 16.57 -6.61
N ARG A 404 18.70 17.31 -7.69
CA ARG A 404 19.75 17.50 -8.70
C ARG A 404 20.87 18.39 -8.14
N TYR A 405 20.64 18.99 -6.98
CA TYR A 405 21.64 19.77 -6.28
C TYR A 405 22.15 19.03 -5.04
N GLY A 406 23.12 19.61 -4.34
CA GLY A 406 23.73 18.93 -3.21
C GLY A 406 24.52 19.88 -2.32
N LYS A 407 25.54 19.38 -1.62
CA LYS A 407 26.30 20.23 -0.69
C LYS A 407 27.09 21.24 -1.51
N TRP A 408 27.32 20.90 -2.78
CA TRP A 408 28.13 21.75 -3.64
C TRP A 408 27.35 22.98 -4.08
N THR A 409 26.04 22.92 -3.88
CA THR A 409 25.14 23.96 -4.31
C THR A 409 25.09 24.99 -3.20
N THR A 410 26.24 25.59 -2.92
CA THR A 410 26.34 26.54 -1.82
C THR A 410 25.74 27.86 -2.26
N THR A 411 25.25 28.64 -1.30
CA THR A 411 24.65 29.92 -1.62
C THR A 411 25.57 30.82 -2.44
N GLN A 412 26.88 30.59 -2.34
CA GLN A 412 27.86 31.28 -3.17
C GLN A 412 27.60 31.00 -4.64
N TYR A 413 27.62 29.71 -4.97
CA TYR A 413 27.29 29.23 -6.31
C TYR A 413 25.86 29.61 -6.65
N THR A 414 24.95 29.44 -5.69
CA THR A 414 23.51 29.60 -5.94
C THR A 414 23.18 31.02 -6.40
N GLU A 415 23.96 32.00 -5.95
CA GLU A 415 23.74 33.38 -6.39
C GLU A 415 24.31 33.61 -7.79
N ALA A 416 25.44 32.96 -8.08
CA ALA A 416 26.18 33.21 -9.32
C ALA A 416 25.43 32.74 -10.53
N LYS A 417 25.00 31.47 -10.52
CA LYS A 417 24.34 30.85 -11.65
C LYS A 417 22.91 31.39 -11.82
N ALA A 418 22.28 31.76 -10.71
CA ALA A 418 20.95 32.34 -10.74
C ALA A 418 21.01 33.77 -11.29
N ARG A 419 22.09 34.46 -11.00
CA ARG A 419 22.30 35.75 -11.58
C ARG A 419 22.48 35.55 -13.10
N GLU A 420 22.97 34.37 -13.47
CA GLU A 420 23.17 34.03 -14.88
C GLU A 420 21.89 33.59 -15.55
N SER A 421 21.14 32.70 -14.92
CA SER A 421 19.92 32.17 -15.51
C SER A 421 19.00 33.32 -15.89
N TYR A 422 18.96 34.33 -15.03
CA TYR A 422 18.20 35.55 -15.30
C TYR A 422 18.65 36.21 -16.60
N GLY A 423 19.87 36.73 -16.59
CA GLY A 423 20.49 37.37 -17.73
C GLY A 423 20.38 36.57 -18.99
N PHE A 424 20.79 35.30 -18.94
CA PHE A 424 20.67 34.42 -20.10
C PHE A 424 19.22 33.97 -20.44
N ASN A 425 18.21 34.68 -19.96
CA ASN A 425 16.84 34.24 -20.20
C ASN A 425 16.59 34.07 -21.68
N ASN A 426 17.01 35.08 -22.44
CA ASN A 426 16.72 35.11 -23.86
C ASN A 426 17.93 34.92 -24.79
N ILE A 427 19.04 34.37 -24.28
CA ILE A 427 20.17 34.08 -25.16
C ILE A 427 19.80 32.96 -26.13
N VAL A 428 20.63 32.77 -27.16
CA VAL A 428 20.31 31.76 -28.15
C VAL A 428 20.47 30.40 -27.50
N GLY A 429 19.44 29.56 -27.63
CA GLY A 429 19.46 28.23 -27.10
C GLY A 429 20.18 27.32 -28.04
N TYR A 430 21.49 27.16 -27.82
CA TYR A 430 22.29 26.26 -28.64
C TYR A 430 22.21 24.82 -28.15
N PRO A 431 22.51 23.85 -29.04
CA PRO A 431 22.70 22.47 -28.61
C PRO A 431 24.09 22.37 -27.98
N LYS A 432 24.24 21.52 -26.96
CA LYS A 432 25.49 21.41 -26.24
C LYS A 432 25.91 22.78 -25.72
N GLU A 433 24.93 23.45 -25.12
CA GLU A 433 25.11 24.78 -24.56
C GLU A 433 25.97 24.68 -23.30
N GLU A 434 26.88 25.63 -23.12
CA GLU A 434 27.76 25.62 -21.96
C GLU A 434 27.71 26.96 -21.23
N ARG A 435 27.57 26.90 -19.91
CA ARG A 435 27.58 28.12 -19.09
C ARG A 435 28.64 28.02 -18.03
N PHE A 436 29.21 29.16 -17.69
CA PHE A 436 30.42 29.18 -16.89
C PHE A 436 30.30 29.93 -15.57
N ALA A 437 29.11 30.41 -15.26
CA ALA A 437 28.93 31.11 -14.02
C ALA A 437 29.07 30.09 -12.89
N GLY A 438 29.71 30.52 -11.81
CA GLY A 438 29.87 29.68 -10.65
C GLY A 438 30.88 28.56 -10.74
N ARG A 439 31.44 28.32 -11.92
CA ARG A 439 32.41 27.23 -12.07
C ARG A 439 33.87 27.64 -11.85
N PRO A 440 34.69 26.73 -11.28
CA PRO A 440 34.34 25.38 -10.81
C PRO A 440 33.82 25.30 -9.35
N THR A 441 33.22 24.16 -8.99
CA THR A 441 32.67 24.01 -7.64
C THR A 441 33.57 23.25 -6.68
N GLN A 442 33.05 23.00 -5.48
CA GLN A 442 33.78 22.25 -4.49
C GLN A 442 33.82 20.78 -4.88
N ARG A 443 32.90 20.39 -5.73
CA ARG A 443 32.80 18.99 -6.11
C ARG A 443 33.79 18.63 -7.22
N VAL A 444 35.08 18.56 -6.91
CA VAL A 444 36.04 18.29 -7.98
C VAL A 444 37.03 17.21 -7.59
N SER A 445 37.32 16.30 -8.52
CA SER A 445 38.30 15.23 -8.29
C SER A 445 39.70 15.82 -8.33
N GLY A 446 40.68 15.13 -7.74
CA GLY A 446 42.04 15.63 -7.70
C GLY A 446 42.54 15.73 -9.13
N LEU A 447 41.90 14.92 -9.96
CA LEU A 447 42.19 14.82 -11.38
C LEU A 447 41.88 16.09 -12.14
N TYR A 448 40.89 16.85 -11.68
CA TYR A 448 40.47 18.09 -12.34
C TYR A 448 41.65 19.00 -12.63
N GLN A 449 42.47 19.24 -11.62
CA GLN A 449 43.56 20.20 -11.74
C GLN A 449 44.61 19.75 -12.75
N ARG A 450 44.71 18.43 -12.92
CA ARG A 450 45.59 17.87 -13.93
C ARG A 450 45.02 18.18 -15.32
N LEU A 451 43.80 17.75 -15.57
CA LEU A 451 43.20 17.78 -16.91
C LEU A 451 42.68 19.14 -17.38
N GLU A 452 42.44 20.07 -16.46
CA GLU A 452 41.82 21.33 -16.84
C GLU A 452 42.53 22.04 -17.98
N SER A 453 43.85 22.11 -17.89
CA SER A 453 44.62 22.90 -18.83
C SER A 453 44.62 22.37 -20.25
N LYS A 454 44.06 21.17 -20.44
CA LYS A 454 44.13 20.52 -21.74
C LYS A 454 42.83 20.03 -22.34
N CYS A 455 41.70 20.58 -21.91
CA CYS A 455 40.42 20.17 -22.50
C CYS A 455 39.30 21.14 -22.20
N SER A 456 38.12 20.84 -22.75
CA SER A 456 36.91 21.57 -22.42
C SER A 456 36.15 20.76 -21.35
N MET A 457 36.00 21.34 -20.15
CA MET A 457 35.27 20.72 -19.03
C MET A 457 33.77 20.99 -19.03
N GLY A 458 32.98 19.93 -19.15
CA GLY A 458 31.54 20.03 -19.06
C GLY A 458 31.01 19.85 -17.65
N PHE A 459 30.15 20.78 -17.25
CA PHE A 459 29.48 20.77 -15.95
C PHE A 459 28.45 19.64 -15.85
N HIS A 460 28.66 18.71 -14.94
CA HIS A 460 27.69 17.66 -14.71
C HIS A 460 27.48 17.47 -13.21
N ALA A 461 26.31 17.89 -12.72
CA ALA A 461 25.92 17.68 -11.33
C ALA A 461 26.93 18.26 -10.34
N GLY A 462 27.43 19.44 -10.62
CA GLY A 462 28.44 20.06 -9.76
C GLY A 462 29.86 19.71 -10.16
N TRP A 463 30.04 18.52 -10.74
CA TRP A 463 31.35 18.03 -11.13
C TRP A 463 31.87 18.74 -12.37
N GLU A 464 33.19 18.77 -12.50
CA GLU A 464 33.82 19.16 -13.75
C GLU A 464 34.40 17.92 -14.41
N GLN A 465 33.95 17.60 -15.62
CA GLN A 465 34.34 16.37 -16.31
C GLN A 465 34.60 16.74 -17.76
N PRO A 466 35.63 16.15 -18.40
CA PRO A 466 35.95 16.63 -19.74
C PRO A 466 34.91 16.26 -20.80
N HIS A 467 34.68 17.17 -21.76
CA HIS A 467 33.86 16.90 -22.94
C HIS A 467 34.71 16.36 -24.11
N TRP A 468 35.70 17.15 -24.52
CA TRP A 468 36.60 16.75 -25.58
C TRP A 468 38.00 17.32 -25.37
N PHE A 469 39.03 16.62 -25.82
CA PHE A 469 40.40 16.99 -25.50
C PHE A 469 41.12 17.71 -26.63
N TYR A 470 41.82 18.78 -26.29
CA TYR A 470 42.47 19.60 -27.30
C TYR A 470 43.58 18.91 -28.08
N LYS A 471 43.40 18.69 -29.39
CA LYS A 471 44.54 18.28 -30.21
C LYS A 471 45.29 19.59 -30.50
N PRO A 472 46.64 19.54 -30.51
CA PRO A 472 47.40 20.77 -30.67
C PRO A 472 47.36 21.31 -32.11
N GLY A 473 47.35 22.63 -32.23
CA GLY A 473 47.29 23.27 -33.53
C GLY A 473 45.87 23.44 -34.05
N GLN A 474 44.92 23.04 -33.23
CA GLN A 474 43.50 23.10 -33.58
C GLN A 474 42.76 23.89 -32.49
N ASP A 475 41.60 24.41 -32.87
CA ASP A 475 40.89 25.45 -32.12
C ASP A 475 40.32 25.00 -30.79
N THR A 476 40.48 25.84 -29.76
CA THR A 476 40.01 25.49 -28.41
C THR A 476 39.06 26.49 -27.78
N GLN A 477 38.48 27.39 -28.58
CA GLN A 477 37.50 28.32 -28.04
C GLN A 477 36.13 27.67 -27.88
N TYR A 478 35.28 28.26 -27.04
CA TYR A 478 33.91 27.77 -26.88
C TYR A 478 33.07 28.17 -28.09
N ARG A 479 32.71 27.19 -28.93
CA ARG A 479 32.00 27.50 -30.17
C ARG A 479 30.79 26.64 -30.43
N PRO A 480 29.64 27.01 -29.84
CA PRO A 480 28.36 26.29 -29.93
C PRO A 480 27.71 26.51 -31.30
N SER A 481 26.92 25.56 -31.77
CA SER A 481 26.24 25.72 -33.05
C SER A 481 25.13 24.70 -33.24
N PHE A 482 24.22 24.97 -34.17
CA PHE A 482 23.13 24.05 -34.51
C PHE A 482 23.61 22.97 -35.46
N ARG A 483 24.79 23.20 -36.02
CA ARG A 483 25.48 22.29 -36.92
C ARG A 483 26.81 21.79 -36.34
N ARG A 484 27.52 20.94 -37.09
CA ARG A 484 28.86 20.47 -36.71
C ARG A 484 29.78 21.65 -36.36
N THR A 485 30.59 21.49 -35.31
CA THR A 485 31.43 22.60 -34.86
C THR A 485 32.88 22.18 -34.51
N ASN A 486 33.61 23.06 -33.83
CA ASN A 486 35.06 22.95 -33.68
C ASN A 486 35.57 21.68 -32.97
N TRP A 487 34.69 20.97 -32.28
CA TRP A 487 35.09 19.75 -31.62
C TRP A 487 34.75 18.51 -32.43
N PHE A 488 34.54 18.67 -33.73
CA PHE A 488 34.14 17.53 -34.55
C PHE A 488 35.24 16.52 -34.80
N GLU A 489 36.34 16.94 -35.42
CA GLU A 489 37.41 16.01 -35.68
C GLU A 489 38.18 15.58 -34.41
N PRO A 490 38.34 16.47 -33.40
CA PRO A 490 39.00 16.01 -32.17
C PRO A 490 38.31 14.81 -31.57
N VAL A 491 36.98 14.78 -31.66
CA VAL A 491 36.20 13.65 -31.17
C VAL A 491 36.40 12.46 -32.10
N GLY A 492 36.70 12.73 -33.36
CA GLY A 492 37.02 11.68 -34.29
C GLY A 492 38.35 11.05 -33.97
N SER A 493 39.37 11.89 -33.79
CA SER A 493 40.68 11.41 -33.39
C SER A 493 40.55 10.62 -32.08
N GLU A 494 39.82 11.15 -31.10
CA GLU A 494 39.58 10.43 -29.83
C GLU A 494 38.90 9.08 -30.08
N TYR A 495 37.92 9.08 -30.97
CA TYR A 495 37.21 7.85 -31.32
C TYR A 495 38.22 6.86 -31.89
N LYS A 496 39.01 7.35 -32.84
CA LYS A 496 39.93 6.49 -33.55
C LYS A 496 40.93 5.96 -32.56
N GLN A 497 41.30 6.82 -31.60
CA GLN A 497 42.26 6.44 -30.56
C GLN A 497 41.86 5.22 -29.73
N VAL A 498 40.64 5.22 -29.21
CA VAL A 498 40.11 4.11 -28.40
C VAL A 498 39.89 2.85 -29.23
N MET A 499 39.65 3.00 -30.53
CA MET A 499 39.40 1.81 -31.33
C MET A 499 40.74 1.14 -31.74
N GLN A 500 41.80 1.93 -31.84
CA GLN A 500 43.07 1.43 -32.29
C GLN A 500 43.96 1.05 -31.13
N ARG A 501 44.12 1.95 -30.18
CA ARG A 501 45.08 1.73 -29.11
C ARG A 501 44.52 1.47 -27.72
N VAL A 502 44.68 2.49 -26.87
CA VAL A 502 44.25 2.48 -25.48
C VAL A 502 44.19 3.94 -25.04
N ALA A 503 43.16 4.28 -24.30
CA ALA A 503 42.97 5.66 -23.86
C ALA A 503 42.27 5.67 -22.52
N VAL A 504 42.45 6.77 -21.82
CA VAL A 504 41.90 6.92 -20.48
C VAL A 504 40.91 8.09 -20.38
N THR A 505 39.76 7.81 -19.78
CA THR A 505 38.79 8.84 -19.48
C THR A 505 38.54 8.88 -17.97
N ASP A 506 38.17 10.06 -17.48
CA ASP A 506 37.78 10.28 -16.10
C ASP A 506 36.29 10.03 -15.98
N LEU A 507 35.92 9.13 -15.07
CA LEU A 507 34.51 8.82 -14.80
C LEU A 507 34.15 8.98 -13.34
N SER A 508 34.96 9.73 -12.59
CA SER A 508 34.72 10.01 -11.16
C SER A 508 33.31 10.55 -10.82
N PRO A 509 32.64 11.29 -11.74
CA PRO A 509 31.29 11.76 -11.44
C PRO A 509 30.22 10.70 -11.11
N PHE A 510 30.43 9.44 -11.49
CA PHE A 510 29.47 8.37 -11.20
C PHE A 510 28.83 8.47 -9.81
N GLY A 511 27.60 7.97 -9.69
CA GLY A 511 26.97 7.85 -8.37
C GLY A 511 27.29 6.48 -7.80
N LYS A 512 27.68 6.40 -6.53
CA LYS A 512 28.25 5.16 -6.00
C LYS A 512 27.68 4.76 -4.65
N PHE A 513 26.93 3.65 -4.59
CA PHE A 513 26.33 3.20 -3.33
C PHE A 513 26.84 1.85 -2.84
N ASN A 514 27.25 1.78 -1.58
CA ASN A 514 27.59 0.50 -1.01
C ASN A 514 26.44 0.03 -0.16
N ILE A 515 26.05 -1.22 -0.31
CA ILE A 515 24.90 -1.73 0.44
C ILE A 515 25.17 -3.11 1.03
N LYS A 516 25.41 -3.17 2.34
CA LYS A 516 25.65 -4.43 3.03
C LYS A 516 24.53 -4.63 4.04
N GLY A 517 24.48 -5.80 4.67
CA GLY A 517 23.46 -6.06 5.65
C GLY A 517 22.67 -7.29 5.26
N GLN A 518 21.96 -7.84 6.24
CA GLN A 518 21.37 -9.16 6.09
C GLN A 518 20.28 -9.31 5.06
N ASP A 519 19.46 -8.28 4.89
CA ASP A 519 18.36 -8.30 3.92
C ASP A 519 18.75 -7.86 2.50
N SER A 520 20.03 -7.59 2.27
CA SER A 520 20.49 -6.92 1.06
C SER A 520 20.14 -7.68 -0.21
N ILE A 521 20.24 -9.01 -0.23
CA ILE A 521 19.89 -9.67 -1.48
C ILE A 521 18.39 -9.65 -1.58
N ARG A 522 17.66 -9.62 -0.46
CA ARG A 522 16.22 -9.49 -0.57
C ARG A 522 15.85 -8.09 -1.05
N LEU A 523 16.71 -7.12 -0.76
CA LEU A 523 16.48 -5.74 -1.14
C LEU A 523 16.75 -5.57 -2.62
N LEU A 524 17.96 -5.92 -3.04
CA LEU A 524 18.33 -5.76 -4.44
C LEU A 524 17.55 -6.68 -5.36
N ASP A 525 17.16 -7.85 -4.90
CA ASP A 525 16.53 -8.79 -5.80
C ASP A 525 15.11 -8.36 -6.19
N HIS A 526 14.53 -7.47 -5.37
CA HIS A 526 13.20 -6.93 -5.63
C HIS A 526 13.26 -5.51 -6.18
N LEU A 527 14.37 -4.82 -5.93
CA LEU A 527 14.59 -3.48 -6.47
C LEU A 527 14.99 -3.57 -7.92
N PHE A 528 15.51 -4.72 -8.33
CA PHE A 528 16.03 -4.87 -9.70
C PHE A 528 15.35 -5.96 -10.55
N ALA A 529 15.22 -5.67 -11.84
CA ALA A 529 14.58 -6.61 -12.76
C ALA A 529 15.52 -7.71 -13.27
N ASN A 530 16.83 -7.42 -13.35
CA ASN A 530 17.84 -8.41 -13.73
C ASN A 530 18.18 -9.26 -12.53
N VAL A 531 18.79 -10.42 -12.78
CA VAL A 531 19.24 -11.29 -11.69
C VAL A 531 20.42 -10.70 -10.96
N ILE A 532 20.50 -11.02 -9.67
CA ILE A 532 21.61 -10.59 -8.85
C ILE A 532 22.89 -11.35 -9.22
N PRO A 533 23.96 -10.61 -9.53
CA PRO A 533 25.19 -11.20 -10.02
C PRO A 533 25.87 -12.09 -8.99
N LYS A 534 26.49 -13.19 -9.43
CA LYS A 534 27.30 -14.05 -8.58
C LYS A 534 28.40 -13.23 -7.92
N VAL A 535 28.96 -13.73 -6.82
CA VAL A 535 30.00 -12.99 -6.10
C VAL A 535 31.27 -12.78 -6.93
N GLY A 536 31.78 -11.54 -6.89
CA GLY A 536 32.90 -11.15 -7.72
C GLY A 536 32.47 -10.82 -9.13
N PHE A 537 31.19 -10.54 -9.31
CA PHE A 537 30.69 -10.18 -10.63
C PHE A 537 29.89 -8.90 -10.67
N THR A 538 29.59 -8.48 -11.89
CA THR A 538 28.88 -7.25 -12.12
C THR A 538 27.90 -7.53 -13.24
N ASN A 539 26.73 -6.91 -13.18
CA ASN A 539 25.85 -6.92 -14.32
C ASN A 539 25.00 -5.67 -14.35
N ILE A 540 24.40 -5.43 -15.50
CA ILE A 540 23.58 -4.26 -15.71
C ILE A 540 22.15 -4.56 -15.33
N SER A 541 21.61 -3.77 -14.40
CA SER A 541 20.29 -4.02 -13.87
C SER A 541 19.47 -2.75 -13.88
N HIS A 542 18.15 -2.91 -13.95
CA HIS A 542 17.26 -1.76 -13.98
C HIS A 542 16.30 -1.80 -12.82
N MET A 543 16.02 -0.64 -12.25
CA MET A 543 14.98 -0.50 -11.27
C MET A 543 13.70 -0.04 -11.97
N LEU A 544 12.68 -0.89 -12.02
CA LEU A 544 11.43 -0.49 -12.66
C LEU A 544 10.46 0.16 -11.67
N THR A 545 9.57 1.00 -12.17
CA THR A 545 8.51 1.57 -11.35
C THR A 545 7.41 0.53 -11.27
N PRO A 546 6.56 0.56 -10.22
CA PRO A 546 5.56 -0.49 -10.02
C PRO A 546 4.63 -0.71 -11.21
N LYS A 547 4.53 0.28 -12.09
CA LYS A 547 3.68 0.20 -13.26
C LYS A 547 4.50 -0.17 -14.48
N GLY A 548 5.82 -0.15 -14.33
CA GLY A 548 6.68 -0.76 -15.33
C GLY A 548 7.69 0.08 -16.11
N ARG A 549 7.80 1.36 -15.78
CA ARG A 549 8.76 2.22 -16.45
C ARG A 549 10.15 2.08 -15.85
N VAL A 550 11.16 2.39 -16.64
CA VAL A 550 12.52 2.32 -16.18
C VAL A 550 12.87 3.55 -15.36
N TYR A 551 12.76 3.40 -14.04
CA TYR A 551 13.11 4.48 -13.13
C TYR A 551 14.62 4.72 -13.15
N ALA A 552 15.39 3.64 -13.30
CA ALA A 552 16.84 3.77 -13.33
C ALA A 552 17.56 2.56 -13.89
N GLU A 553 18.68 2.82 -14.55
CA GLU A 553 19.64 1.79 -14.89
C GLU A 553 20.84 2.07 -14.02
N LEU A 554 21.44 1.01 -13.48
CA LEU A 554 22.71 1.13 -12.78
C LEU A 554 23.46 -0.23 -12.66
N THR A 555 24.78 -0.16 -12.50
CA THR A 555 25.64 -1.34 -12.37
C THR A 555 25.49 -1.97 -11.01
N VAL A 556 25.23 -3.27 -10.96
CA VAL A 556 25.21 -3.94 -9.66
C VAL A 556 26.43 -4.85 -9.53
N SER A 557 27.40 -4.37 -8.75
CA SER A 557 28.63 -5.10 -8.46
C SER A 557 28.51 -5.91 -7.18
N HIS A 558 28.85 -7.19 -7.22
CA HIS A 558 28.80 -8.07 -6.05
C HIS A 558 30.20 -8.43 -5.50
N GLN A 559 30.64 -7.73 -4.47
CA GLN A 559 32.04 -7.82 -4.03
C GLN A 559 32.31 -8.88 -2.96
N SER A 560 31.82 -8.70 -1.74
CA SER A 560 31.82 -9.77 -0.73
C SER A 560 30.39 -10.26 -0.58
N PRO A 561 30.20 -11.57 -0.30
CA PRO A 561 28.87 -12.17 -0.32
C PRO A 561 27.81 -11.36 0.43
N GLY A 562 26.88 -10.73 -0.28
CA GLY A 562 25.87 -9.93 0.38
C GLY A 562 26.23 -8.45 0.47
N GLU A 563 27.38 -8.08 -0.07
CA GLU A 563 27.80 -6.70 -0.07
C GLU A 563 27.83 -6.22 -1.48
N PHE A 564 27.09 -5.15 -1.74
CA PHE A 564 26.98 -4.68 -3.09
C PHE A 564 27.49 -3.25 -3.27
N LEU A 565 28.03 -3.00 -4.46
CA LEU A 565 28.47 -1.68 -4.88
C LEU A 565 27.60 -1.24 -6.07
N LEU A 566 26.79 -0.19 -5.89
CA LEU A 566 25.88 0.24 -6.97
C LEU A 566 26.40 1.48 -7.72
N ILE A 567 26.58 1.36 -9.03
CA ILE A 567 27.09 2.48 -9.83
C ILE A 567 26.02 3.07 -10.76
N THR A 568 25.91 4.40 -10.75
CA THR A 568 24.92 5.09 -11.55
C THR A 568 25.44 6.43 -12.03
N GLY A 569 24.65 7.10 -12.87
CA GLY A 569 25.04 8.37 -13.44
C GLY A 569 25.02 9.53 -12.48
N SER A 570 25.88 10.50 -12.74
CA SER A 570 26.05 11.66 -11.88
C SER A 570 24.76 12.46 -11.72
N GLY A 571 23.95 12.52 -12.76
CA GLY A 571 22.71 13.27 -12.66
C GLY A 571 21.62 12.46 -11.99
N SER A 572 21.80 11.14 -12.01
CA SER A 572 20.78 10.24 -11.48
C SER A 572 21.22 9.63 -10.11
N GLU A 573 22.10 10.30 -9.38
CA GLU A 573 22.64 9.78 -8.11
C GLU A 573 21.60 9.80 -6.96
N LEU A 574 21.19 11.00 -6.55
CA LEU A 574 20.24 11.19 -5.47
C LEU A 574 18.83 10.83 -5.94
N HIS A 575 18.55 11.01 -7.21
CA HIS A 575 17.31 10.53 -7.79
C HIS A 575 17.13 9.04 -7.50
N ASP A 576 18.20 8.27 -7.66
CA ASP A 576 18.17 6.81 -7.54
C ASP A 576 18.28 6.33 -6.08
N LEU A 577 19.10 7.03 -5.31
CA LEU A 577 19.28 6.67 -3.89
C LEU A 577 17.95 6.71 -3.15
N ARG A 578 17.29 7.86 -3.22
CA ARG A 578 15.93 8.08 -2.71
C ARG A 578 14.98 6.88 -2.90
N TRP A 579 15.06 6.22 -4.03
CA TRP A 579 14.17 5.10 -4.34
C TRP A 579 14.60 3.91 -3.52
N ILE A 580 15.91 3.64 -3.51
CA ILE A 580 16.49 2.52 -2.73
C ILE A 580 16.20 2.67 -1.22
N GLU A 581 16.48 3.86 -0.69
CA GLU A 581 16.17 4.23 0.69
C GLU A 581 14.70 3.99 1.07
N GLU A 582 13.78 4.58 0.31
CA GLU A 582 12.35 4.45 0.55
C GLU A 582 11.84 3.03 0.51
N GLU A 583 12.35 2.24 -0.43
CA GLU A 583 11.99 0.83 -0.50
C GLU A 583 12.51 0.01 0.70
N ALA A 584 13.70 0.35 1.18
CA ALA A 584 14.26 -0.23 2.41
C ALA A 584 13.37 0.12 3.61
N VAL A 585 12.76 1.29 3.54
CA VAL A 585 11.88 1.74 4.59
C VAL A 585 10.55 1.03 4.52
N LYS A 586 9.96 0.97 3.33
CA LYS A 586 8.65 0.34 3.11
C LYS A 586 8.62 -1.15 3.44
N GLY A 587 9.59 -1.90 2.91
CA GLY A 587 9.68 -3.32 3.18
C GLY A 587 10.32 -3.63 4.52
N GLY A 588 10.74 -2.58 5.22
CA GLY A 588 11.38 -2.73 6.50
C GLY A 588 12.58 -3.63 6.38
N TYR A 589 13.42 -3.33 5.41
CA TYR A 589 14.60 -4.15 5.16
C TYR A 589 15.67 -3.88 6.18
N ASP A 590 16.34 -4.94 6.62
CA ASP A 590 17.48 -4.83 7.50
C ASP A 590 18.77 -4.78 6.68
N VAL A 591 19.14 -3.58 6.25
CA VAL A 591 20.35 -3.34 5.44
C VAL A 591 21.01 -2.04 5.87
N GLU A 592 22.22 -1.78 5.38
CA GLU A 592 22.78 -0.45 5.54
C GLU A 592 23.32 0.08 4.22
N ILE A 593 22.96 1.33 3.93
CA ILE A 593 23.23 1.98 2.66
C ILE A 593 24.01 3.26 2.88
N LYS A 594 25.24 3.33 2.37
CA LYS A 594 25.98 4.58 2.49
C LYS A 594 26.27 5.06 1.10
N ASN A 595 26.41 6.37 0.97
CA ASN A 595 26.62 7.02 -0.29
C ASN A 595 28.09 7.46 -0.39
N ILE A 596 28.90 6.63 -1.05
CA ILE A 596 30.35 6.76 -1.02
C ILE A 596 30.83 7.53 -2.23
N THR A 597 29.88 8.10 -2.95
CA THR A 597 30.07 8.76 -4.23
C THR A 597 31.32 9.68 -4.29
N ASP A 598 31.51 10.52 -3.29
CA ASP A 598 32.54 11.56 -3.38
C ASP A 598 33.95 11.09 -2.98
N GLU A 599 34.04 9.99 -2.23
CA GLU A 599 35.36 9.55 -1.78
C GLU A 599 36.07 8.75 -2.84
N LEU A 600 35.30 8.29 -3.82
CA LEU A 600 35.88 7.51 -4.91
C LEU A 600 35.99 8.31 -6.21
N GLY A 601 37.14 8.07 -6.87
CA GLY A 601 37.39 8.54 -8.20
C GLY A 601 37.28 7.30 -9.06
N VAL A 602 36.90 7.48 -10.31
CA VAL A 602 36.80 6.37 -11.21
C VAL A 602 37.74 6.64 -12.38
N LEU A 603 38.14 5.57 -13.07
CA LEU A 603 38.96 5.64 -14.29
C LEU A 603 38.64 4.53 -15.27
N GLY A 604 38.27 4.93 -16.48
CA GLY A 604 38.06 4.01 -17.56
C GLY A 604 39.37 3.93 -18.31
N VAL A 605 39.80 2.71 -18.61
CA VAL A 605 40.95 2.43 -19.45
C VAL A 605 40.40 1.50 -20.50
N ALA A 606 40.31 1.96 -21.74
CA ALA A 606 39.68 1.15 -22.76
C ALA A 606 40.41 1.22 -24.09
N GLY A 607 40.29 0.14 -24.87
CA GLY A 607 40.95 0.00 -26.14
C GLY A 607 41.58 -1.36 -26.24
N PRO A 608 41.94 -1.78 -27.46
CA PRO A 608 42.74 -2.98 -27.70
C PRO A 608 43.93 -3.15 -26.76
N GLN A 609 44.67 -2.08 -26.45
CA GLN A 609 45.91 -2.22 -25.71
C GLN A 609 45.76 -2.13 -24.18
N ALA A 610 44.53 -2.10 -23.67
CA ALA A 610 44.32 -1.92 -22.24
C ALA A 610 45.06 -2.97 -21.43
N ARG A 611 44.96 -4.22 -21.86
CA ARG A 611 45.56 -5.30 -21.08
C ARG A 611 47.08 -5.18 -21.08
N LYS A 612 47.67 -4.93 -22.23
CA LYS A 612 49.11 -4.78 -22.32
C LYS A 612 49.57 -3.68 -21.35
N VAL A 613 48.83 -2.58 -21.28
CA VAL A 613 49.18 -1.43 -20.42
C VAL A 613 48.91 -1.65 -18.91
N LEU A 614 47.74 -2.18 -18.58
CA LEU A 614 47.35 -2.41 -17.19
C LEU A 614 48.08 -3.60 -16.59
N GLN A 615 48.30 -4.63 -17.39
CA GLN A 615 48.99 -5.84 -16.90
C GLN A 615 50.39 -5.50 -16.43
N LYS A 616 51.02 -4.51 -17.03
CA LYS A 616 52.37 -4.19 -16.64
C LYS A 616 52.43 -3.29 -15.39
N LEU A 617 51.30 -3.04 -14.75
CA LEU A 617 51.24 -2.11 -13.60
C LEU A 617 50.77 -2.84 -12.34
N THR A 618 50.46 -4.12 -12.50
CA THR A 618 49.79 -4.93 -11.48
C THR A 618 50.36 -6.32 -11.45
N SER A 619 50.25 -7.02 -10.34
CA SER A 619 50.74 -8.39 -10.30
C SER A 619 49.59 -9.37 -10.55
N GLU A 620 48.39 -8.83 -10.69
CA GLU A 620 47.21 -9.65 -10.90
C GLU A 620 47.09 -10.10 -12.34
N ASP A 621 46.66 -11.35 -12.53
CA ASP A 621 46.46 -11.94 -13.86
C ASP A 621 45.27 -11.33 -14.58
N LEU A 622 45.55 -10.65 -15.69
CA LEU A 622 44.52 -9.95 -16.45
C LEU A 622 44.14 -10.67 -17.76
N SER A 623 44.55 -11.92 -17.94
CA SER A 623 44.22 -12.64 -19.18
C SER A 623 42.73 -12.78 -19.32
N ASP A 624 42.26 -12.85 -20.57
CA ASP A 624 40.84 -12.96 -20.83
C ASP A 624 40.24 -14.19 -20.18
N ASP A 625 41.04 -15.24 -20.07
CA ASP A 625 40.59 -16.47 -19.42
C ASP A 625 40.34 -16.24 -17.95
N VAL A 626 41.30 -15.57 -17.31
CA VAL A 626 41.41 -15.45 -15.86
C VAL A 626 40.61 -14.27 -15.27
N PHE A 627 40.74 -13.08 -15.87
CA PHE A 627 39.89 -11.93 -15.50
C PHE A 627 38.73 -11.85 -16.48
N LYS A 628 37.61 -12.50 -16.16
CA LYS A 628 36.48 -12.62 -17.08
C LYS A 628 35.85 -11.25 -17.43
N PHE A 629 34.91 -11.24 -18.37
CA PHE A 629 34.17 -10.01 -18.62
C PHE A 629 33.19 -9.82 -17.46
N LEU A 630 32.98 -8.56 -17.04
CA LEU A 630 32.07 -8.20 -15.95
C LEU A 630 32.46 -8.71 -14.58
N GLN A 631 33.70 -9.15 -14.44
CA GLN A 631 34.16 -9.61 -13.14
C GLN A 631 34.67 -8.42 -12.35
N THR A 632 34.53 -8.46 -11.04
CA THR A 632 35.13 -7.42 -10.22
C THR A 632 36.16 -8.08 -9.31
N LYS A 633 37.26 -7.37 -9.08
CA LYS A 633 38.42 -7.90 -8.38
C LYS A 633 39.16 -6.79 -7.63
N SER A 634 39.66 -7.11 -6.44
CA SER A 634 40.49 -6.19 -5.68
C SER A 634 41.95 -6.39 -6.03
N LEU A 635 42.64 -5.31 -6.37
CA LEU A 635 44.04 -5.41 -6.76
C LEU A 635 44.75 -4.08 -6.58
N LYS A 636 46.06 -4.06 -6.79
CA LYS A 636 46.81 -2.83 -6.68
C LYS A 636 47.35 -2.46 -8.05
N VAL A 637 47.12 -1.22 -8.48
CA VAL A 637 47.76 -0.77 -9.69
C VAL A 637 48.84 0.20 -9.21
N SER A 638 50.10 -0.13 -9.44
CA SER A 638 51.22 0.64 -8.90
C SER A 638 51.16 0.82 -7.39
N ASN A 639 50.84 -0.26 -6.69
CA ASN A 639 50.68 -0.26 -5.24
C ASN A 639 49.66 0.76 -4.74
N ILE A 640 48.68 1.06 -5.59
CA ILE A 640 47.54 1.93 -5.27
C ILE A 640 46.30 1.05 -5.22
N PRO A 641 45.69 0.94 -4.03
CA PRO A 641 44.56 0.00 -3.87
C PRO A 641 43.36 0.39 -4.74
N VAL A 642 43.04 -0.47 -5.71
CA VAL A 642 41.98 -0.20 -6.69
C VAL A 642 40.98 -1.35 -6.82
N THR A 643 39.73 -1.05 -7.17
CA THR A 643 38.80 -2.13 -7.51
C THR A 643 38.41 -2.00 -8.96
N ALA A 644 38.81 -3.00 -9.73
CA ALA A 644 38.72 -2.97 -11.18
C ALA A 644 37.59 -3.86 -11.70
N ILE A 645 36.73 -3.29 -12.54
CA ILE A 645 35.65 -4.06 -13.17
C ILE A 645 35.94 -4.17 -14.66
N ARG A 646 35.95 -5.38 -15.19
CA ARG A 646 36.13 -5.50 -16.61
C ARG A 646 34.82 -5.11 -17.27
N ILE A 647 34.76 -3.82 -17.58
CA ILE A 647 33.59 -3.18 -18.14
C ILE A 647 34.02 -1.89 -18.76
N SER A 648 33.31 -1.52 -19.80
CA SER A 648 33.52 -0.26 -20.43
C SER A 648 32.30 0.09 -21.25
N TYR A 649 31.92 1.35 -21.16
CA TYR A 649 30.78 1.84 -21.89
C TYR A 649 31.15 1.96 -23.36
N THR A 650 32.45 1.88 -23.63
CA THR A 650 32.96 1.98 -25.00
C THR A 650 32.64 0.75 -25.83
N GLY A 651 32.49 -0.40 -25.18
CA GLY A 651 32.30 -1.64 -25.90
C GLY A 651 33.64 -2.27 -26.25
N GLU A 652 34.72 -1.53 -26.00
CA GLU A 652 36.05 -2.05 -26.27
C GLU A 652 36.61 -2.76 -25.06
N LEU A 653 37.64 -3.55 -25.25
CA LEU A 653 38.33 -4.19 -24.13
C LEU A 653 38.65 -3.11 -23.11
N GLY A 654 38.40 -3.37 -21.84
CA GLY A 654 38.67 -2.35 -20.84
C GLY A 654 38.26 -2.67 -19.43
N TRP A 655 38.75 -1.84 -18.50
CA TRP A 655 38.46 -1.93 -17.07
C TRP A 655 37.98 -0.58 -16.53
N GLU A 656 37.14 -0.62 -15.51
CA GLU A 656 36.87 0.59 -14.72
C GLU A 656 37.58 0.45 -13.41
N LEU A 657 38.44 1.40 -13.08
CA LEU A 657 39.23 1.34 -11.85
C LEU A 657 38.74 2.30 -10.77
N TYR A 658 37.92 1.79 -9.86
CA TYR A 658 37.42 2.59 -8.76
C TYR A 658 38.46 2.71 -7.65
N HIS A 659 38.77 3.93 -7.25
CA HIS A 659 39.85 4.20 -6.29
C HIS A 659 39.52 5.39 -5.35
N ARG A 660 40.30 5.56 -4.27
CA ARG A 660 40.06 6.65 -3.34
C ARG A 660 40.48 7.98 -3.98
N ARG A 661 39.75 9.05 -3.68
CA ARG A 661 39.89 10.33 -4.37
C ARG A 661 41.33 10.86 -4.40
N GLU A 662 42.14 10.48 -3.41
CA GLU A 662 43.50 11.00 -3.29
C GLU A 662 44.46 10.33 -4.26
N ASP A 663 44.16 9.09 -4.61
CA ASP A 663 45.00 8.31 -5.49
C ASP A 663 44.84 8.71 -6.98
N SER A 664 43.79 9.47 -7.30
CA SER A 664 43.41 9.72 -8.70
C SER A 664 44.56 10.28 -9.54
N VAL A 665 45.30 11.24 -9.00
CA VAL A 665 46.43 11.76 -9.72
C VAL A 665 47.49 10.69 -9.79
N ALA A 666 47.88 10.15 -8.64
CA ALA A 666 48.96 9.18 -8.62
C ALA A 666 48.65 8.00 -9.54
N LEU A 667 47.39 7.58 -9.58
CA LEU A 667 47.02 6.48 -10.47
C LEU A 667 47.04 6.89 -11.95
N TYR A 668 46.35 7.97 -12.28
CA TYR A 668 46.34 8.48 -13.65
C TYR A 668 47.73 8.61 -14.23
N ASP A 669 48.66 9.09 -13.42
CA ASP A 669 50.03 9.31 -13.88
C ASP A 669 50.72 8.00 -14.20
N ALA A 670 50.57 7.02 -13.32
CA ALA A 670 51.17 5.70 -13.50
C ALA A 670 50.75 5.07 -14.82
N ILE A 671 49.46 5.19 -15.11
CA ILE A 671 48.85 4.58 -16.29
C ILE A 671 49.29 5.27 -17.57
N MET A 672 49.32 6.61 -17.53
CA MET A 672 49.82 7.39 -18.65
C MET A 672 51.26 7.02 -18.93
N ASN A 673 52.06 7.02 -17.88
CA ASN A 673 53.46 6.67 -18.00
C ASN A 673 53.57 5.28 -18.58
N ALA A 674 52.79 4.35 -18.04
CA ALA A 674 52.88 2.94 -18.43
C ALA A 674 52.61 2.70 -19.91
N GLY A 675 51.51 3.26 -20.41
CA GLY A 675 51.06 3.01 -21.76
C GLY A 675 51.64 3.96 -22.80
N GLN A 676 52.61 4.78 -22.40
CA GLN A 676 53.33 5.58 -23.38
C GLN A 676 53.95 4.70 -24.46
N GLU A 677 54.27 3.45 -24.12
CA GLU A 677 54.74 2.46 -25.09
C GLU A 677 53.74 2.20 -26.21
N GLU A 678 52.45 2.19 -25.88
CA GLU A 678 51.42 1.88 -26.85
C GLU A 678 50.70 3.15 -27.31
N GLY A 679 51.20 4.28 -26.84
CA GLY A 679 50.80 5.58 -27.33
C GLY A 679 49.50 6.09 -26.75
N ILE A 680 49.31 5.80 -25.46
CA ILE A 680 48.09 6.09 -24.74
C ILE A 680 47.81 7.58 -24.71
N ASP A 681 46.53 7.95 -24.77
CA ASP A 681 46.09 9.35 -24.70
C ASP A 681 44.72 9.46 -24.00
N ASN A 682 44.25 10.69 -23.78
CA ASN A 682 42.99 10.98 -23.07
C ASN A 682 41.72 10.93 -23.94
N PHE A 683 40.57 10.74 -23.30
CA PHE A 683 39.30 10.99 -23.99
C PHE A 683 38.13 11.31 -23.06
N GLY A 684 37.10 11.94 -23.63
CA GLY A 684 36.00 12.49 -22.86
C GLY A 684 34.63 12.04 -23.32
N THR A 685 33.59 12.67 -22.76
CA THR A 685 32.21 12.23 -22.96
C THR A 685 31.75 12.36 -24.40
N TYR A 686 32.10 13.46 -25.08
CA TYR A 686 31.70 13.61 -26.48
C TYR A 686 32.23 12.41 -27.28
N ALA A 687 33.51 12.12 -27.14
CA ALA A 687 34.07 10.91 -27.71
C ALA A 687 33.32 9.65 -27.27
N MET A 688 33.01 9.57 -25.98
CA MET A 688 32.33 8.41 -25.41
C MET A 688 30.94 8.17 -25.97
N ASN A 689 30.19 9.23 -26.28
CA ASN A 689 28.87 9.08 -26.90
C ASN A 689 28.96 8.30 -28.22
N ALA A 690 29.82 8.80 -29.13
CA ALA A 690 30.01 8.22 -30.46
C ALA A 690 30.37 6.76 -30.34
N LEU A 691 31.18 6.43 -29.34
CA LEU A 691 31.62 5.07 -29.09
C LEU A 691 30.50 4.13 -28.71
N ARG A 692 29.66 4.54 -27.77
CA ARG A 692 28.64 3.64 -27.26
C ARG A 692 27.50 3.50 -28.26
N LEU A 693 27.24 4.58 -29.00
CA LEU A 693 26.14 4.55 -29.94
C LEU A 693 26.35 3.50 -31.02
N GLU A 694 27.59 3.34 -31.44
CA GLU A 694 27.95 2.34 -32.43
C GLU A 694 27.69 0.93 -31.91
N LYS A 695 27.87 0.72 -30.60
CA LYS A 695 27.63 -0.59 -29.98
C LYS A 695 26.13 -0.73 -29.70
N ALA A 696 25.41 0.38 -29.84
CA ALA A 696 23.96 0.49 -29.65
C ALA A 696 23.55 0.37 -28.20
N PHE A 697 24.43 0.85 -27.32
CA PHE A 697 24.16 0.91 -25.89
C PHE A 697 23.17 2.00 -25.57
N ARG A 698 22.23 1.71 -24.68
CA ARG A 698 21.26 2.73 -24.30
C ARG A 698 21.74 3.44 -23.05
N ALA A 699 21.49 4.74 -23.02
CA ALA A 699 21.81 5.61 -21.89
C ALA A 699 20.53 5.92 -21.11
N TRP A 700 20.54 5.77 -19.79
CA TRP A 700 19.36 6.14 -19.04
C TRP A 700 19.18 7.65 -19.13
N GLY A 701 17.93 8.09 -19.21
CA GLY A 701 17.65 9.50 -19.32
C GLY A 701 17.57 9.87 -20.78
N LEU A 702 18.02 8.98 -21.65
CA LEU A 702 17.95 9.19 -23.09
C LEU A 702 17.03 8.20 -23.76
N GLU A 703 17.53 7.00 -24.03
CA GLU A 703 16.72 5.98 -24.67
C GLU A 703 15.63 5.48 -23.74
N MET A 704 15.86 5.69 -22.45
CA MET A 704 15.00 5.21 -21.40
C MET A 704 14.94 6.20 -20.25
N ASN A 705 13.78 6.29 -19.63
CA ASN A 705 13.59 6.95 -18.34
C ASN A 705 12.22 6.54 -17.85
N CYS A 706 11.51 7.41 -17.14
CA CYS A 706 10.18 7.08 -16.63
C CYS A 706 9.10 7.13 -17.73
N ASP A 707 9.47 7.61 -18.90
CA ASP A 707 8.57 7.62 -20.05
C ASP A 707 8.37 6.22 -20.63
N THR A 708 9.37 5.38 -20.45
CA THR A 708 9.52 4.18 -21.23
C THR A 708 9.61 2.93 -20.38
N ASN A 709 9.14 1.81 -20.91
CA ASN A 709 9.30 0.55 -20.21
C ASN A 709 10.41 -0.28 -20.86
N PRO A 710 11.05 -1.18 -20.10
CA PRO A 710 12.24 -1.81 -20.67
C PRO A 710 11.98 -2.70 -21.91
N LEU A 711 10.81 -3.29 -22.06
CA LEU A 711 10.58 -4.17 -23.21
C LEU A 711 10.57 -3.41 -24.53
N GLU A 712 9.99 -2.22 -24.55
CA GLU A 712 9.88 -1.47 -25.79
C GLU A 712 11.14 -0.69 -26.05
N ALA A 713 12.01 -0.62 -25.05
CA ALA A 713 13.29 0.02 -25.26
C ALA A 713 14.35 -1.00 -25.68
N GLY A 714 13.89 -2.22 -25.97
CA GLY A 714 14.77 -3.31 -26.37
C GLY A 714 15.83 -3.65 -25.33
N LEU A 715 15.36 -4.06 -24.16
CA LEU A 715 16.23 -4.35 -23.03
C LEU A 715 15.86 -5.74 -22.50
N GLU A 716 15.14 -6.52 -23.29
CA GLU A 716 14.66 -7.81 -22.84
C GLU A 716 15.79 -8.62 -22.22
N TYR A 717 16.99 -8.40 -22.74
CA TYR A 717 18.22 -9.08 -22.30
C TYR A 717 18.51 -8.91 -20.83
N PHE A 718 18.32 -7.69 -20.32
CA PHE A 718 18.59 -7.39 -18.93
C PHE A 718 17.39 -7.57 -17.99
N VAL A 719 16.31 -8.17 -18.47
CA VAL A 719 15.09 -8.27 -17.66
C VAL A 719 14.55 -9.69 -17.55
N LYS A 720 14.85 -10.35 -16.43
CA LYS A 720 14.46 -11.74 -16.26
C LYS A 720 13.08 -11.83 -15.63
N LEU A 721 12.07 -11.88 -16.49
CA LEU A 721 10.67 -11.94 -16.09
C LEU A 721 10.28 -13.27 -15.44
N ASN A 722 11.21 -14.21 -15.30
CA ASN A 722 10.87 -15.44 -14.61
C ASN A 722 11.75 -15.70 -13.40
N LYS A 723 12.58 -14.71 -13.05
CA LYS A 723 13.37 -14.78 -11.84
C LYS A 723 12.35 -14.94 -10.72
N PRO A 724 12.66 -15.72 -9.65
CA PRO A 724 11.60 -16.09 -8.70
C PRO A 724 10.96 -14.88 -8.00
N ALA A 725 11.75 -13.84 -7.73
CA ALA A 725 11.27 -12.67 -7.01
C ALA A 725 10.25 -11.88 -7.83
N ASP A 726 9.19 -11.44 -7.17
CA ASP A 726 8.24 -10.50 -7.73
C ASP A 726 8.78 -9.12 -7.57
N PHE A 727 9.81 -8.82 -8.37
CA PHE A 727 10.49 -7.53 -8.34
C PHE A 727 9.57 -6.37 -8.68
N ILE A 728 9.90 -5.18 -8.16
CA ILE A 728 9.06 -4.01 -8.36
C ILE A 728 8.82 -3.81 -9.86
N GLY A 729 7.60 -4.05 -10.32
CA GLY A 729 7.29 -3.81 -11.71
C GLY A 729 7.12 -5.06 -12.55
N LYS A 730 7.29 -6.24 -11.95
CA LYS A 730 7.24 -7.49 -12.71
C LYS A 730 5.92 -7.71 -13.45
N GLN A 731 4.86 -7.95 -12.68
CA GLN A 731 3.58 -8.36 -13.24
C GLN A 731 3.03 -7.27 -14.16
N ALA A 732 3.53 -6.06 -13.97
CA ALA A 732 3.21 -4.98 -14.87
C ALA A 732 3.78 -5.36 -16.21
N LEU A 733 5.11 -5.54 -16.26
CA LEU A 733 5.83 -5.95 -17.47
C LEU A 733 5.22 -7.18 -18.13
N LYS A 734 4.93 -8.21 -17.34
CA LYS A 734 4.27 -9.41 -17.84
C LYS A 734 2.96 -9.07 -18.56
N GLN A 735 2.27 -8.02 -18.09
CA GLN A 735 1.11 -7.52 -18.80
C GLN A 735 1.47 -6.85 -20.10
N ILE A 736 2.53 -6.04 -20.09
CA ILE A 736 3.04 -5.47 -21.34
C ILE A 736 3.45 -6.54 -22.36
N LYS A 737 4.41 -7.41 -22.00
CA LYS A 737 4.84 -8.49 -22.88
C LYS A 737 3.67 -9.27 -23.47
N ALA A 738 2.61 -9.40 -22.68
CA ALA A 738 1.44 -10.17 -23.09
C ALA A 738 0.62 -9.43 -24.11
N LYS A 739 0.40 -8.15 -23.89
CA LYS A 739 -0.38 -7.37 -24.84
C LYS A 739 0.42 -7.13 -26.11
N GLY A 740 1.72 -6.98 -25.96
CA GLY A 740 2.60 -6.60 -27.07
C GLY A 740 2.82 -5.10 -27.11
N LEU A 741 3.98 -4.69 -27.61
CA LEU A 741 4.39 -3.29 -27.69
C LEU A 741 3.52 -2.54 -28.70
N LYS A 742 3.49 -1.21 -28.57
CA LYS A 742 2.86 -0.35 -29.58
C LYS A 742 3.92 0.38 -30.42
N ARG A 743 5.03 0.67 -29.76
CA ARG A 743 6.20 1.29 -30.36
C ARG A 743 7.46 0.52 -29.89
N ARG A 744 8.57 0.63 -30.62
CA ARG A 744 9.80 -0.04 -30.21
C ARG A 744 11.01 0.83 -30.56
N LEU A 745 12.05 0.75 -29.75
CA LEU A 745 13.27 1.52 -29.97
C LEU A 745 14.07 0.88 -31.08
N VAL A 746 14.26 1.65 -32.16
CA VAL A 746 15.13 1.21 -33.23
C VAL A 746 16.34 2.11 -33.36
N CYS A 747 17.15 1.77 -34.34
CA CYS A 747 18.43 2.39 -34.58
C CYS A 747 18.57 2.76 -36.07
N LEU A 748 18.86 4.03 -36.35
CA LEU A 748 18.88 4.51 -37.73
C LEU A 748 20.22 5.07 -38.15
N THR A 749 20.51 5.00 -39.45
CA THR A 749 21.62 5.76 -40.04
C THR A 749 21.06 6.74 -41.05
N LEU A 750 21.83 7.80 -41.30
CA LEU A 750 21.40 8.81 -42.26
C LEU A 750 22.60 9.59 -42.79
N ALA A 751 22.51 9.99 -44.04
CA ALA A 751 23.54 10.80 -44.68
C ALA A 751 23.21 12.23 -44.40
N THR A 752 24.11 12.92 -43.72
CA THR A 752 23.92 14.34 -43.49
C THR A 752 24.98 15.16 -44.15
N ASP A 753 24.81 16.47 -44.15
CA ASP A 753 25.77 17.33 -44.81
C ASP A 753 26.76 17.89 -43.81
N ASP A 754 26.22 18.69 -42.89
CA ASP A 754 26.99 19.59 -42.05
C ASP A 754 26.54 19.50 -40.62
N VAL A 755 25.58 18.60 -40.38
CA VAL A 755 24.86 18.57 -39.12
C VAL A 755 24.61 17.12 -38.67
N ASP A 756 24.57 16.87 -37.36
CA ASP A 756 24.22 15.55 -36.83
C ASP A 756 23.02 15.67 -35.90
N PRO A 757 22.26 14.57 -35.75
CA PRO A 757 21.15 14.58 -34.79
C PRO A 757 21.69 14.48 -33.36
N GLU A 758 20.93 14.90 -32.36
CA GLU A 758 21.41 14.82 -30.99
C GLU A 758 20.36 14.12 -30.17
N GLY A 759 19.16 14.04 -30.71
CA GLY A 759 18.05 13.46 -29.98
C GLY A 759 16.97 14.49 -29.81
N ASN A 760 15.74 14.03 -29.59
CA ASN A 760 14.54 14.89 -29.54
C ASN A 760 14.21 15.52 -30.90
N GLU A 761 14.70 14.94 -32.00
CA GLU A 761 14.28 15.43 -33.31
C GLU A 761 13.15 14.53 -33.75
N SER A 762 12.16 15.08 -34.46
CA SER A 762 10.95 14.35 -34.84
C SER A 762 11.21 13.47 -36.05
N ILE A 763 10.59 12.31 -36.13
CA ILE A 763 10.80 11.54 -37.35
C ILE A 763 9.50 11.32 -38.14
N TRP A 764 9.60 11.57 -39.44
CA TRP A 764 8.47 11.60 -40.36
C TRP A 764 8.30 10.33 -41.18
N TYR A 765 7.05 9.92 -41.42
CA TYR A 765 6.83 8.89 -42.40
C TYR A 765 5.63 9.24 -43.26
N ASN A 766 5.88 9.51 -44.54
CA ASN A 766 4.80 9.79 -45.48
C ASN A 766 3.72 10.76 -45.01
N GLY A 767 4.15 11.96 -44.62
CA GLY A 767 3.22 13.00 -44.23
C GLY A 767 3.08 13.27 -42.73
N LYS A 768 2.91 12.19 -41.96
CA LYS A 768 2.67 12.34 -40.54
C LYS A 768 4.01 12.23 -39.83
N VAL A 769 4.10 12.83 -38.65
CA VAL A 769 5.17 12.54 -37.66
C VAL A 769 4.77 11.31 -36.87
N VAL A 770 5.71 10.41 -36.57
CA VAL A 770 5.33 9.11 -36.01
C VAL A 770 6.17 8.70 -34.79
N GLY A 771 7.10 9.57 -34.38
CA GLY A 771 7.97 9.28 -33.27
C GLY A 771 9.14 10.23 -33.25
N ASN A 772 10.05 10.01 -32.31
CA ASN A 772 11.22 10.86 -32.16
C ASN A 772 12.52 10.11 -31.90
N THR A 773 13.64 10.78 -32.18
CA THR A 773 14.98 10.31 -31.82
C THR A 773 15.35 10.71 -30.40
N THR A 774 15.90 9.76 -29.66
CA THR A 774 16.30 10.01 -28.29
C THR A 774 17.74 10.50 -28.21
N SER A 775 18.68 9.91 -28.96
CA SER A 775 20.07 10.43 -29.04
C SER A 775 20.76 10.19 -30.40
N GLY A 776 21.78 10.99 -30.69
CA GLY A 776 22.50 10.86 -31.94
C GLY A 776 23.99 11.13 -31.90
N SER A 777 24.65 10.87 -33.02
CA SER A 777 26.05 11.23 -33.22
C SER A 777 26.46 10.90 -34.65
N TYR A 778 27.59 11.46 -35.08
CA TYR A 778 28.23 11.01 -36.31
C TYR A 778 28.91 9.68 -36.05
N SER A 779 28.87 8.76 -37.01
CA SER A 779 29.61 7.50 -36.84
C SER A 779 30.88 7.58 -37.66
N TYR A 780 32.02 7.70 -36.98
CA TYR A 780 33.26 8.07 -37.65
C TYR A 780 33.87 6.96 -38.50
N SER A 781 33.27 5.77 -38.43
CA SER A 781 33.80 4.57 -39.07
C SER A 781 33.08 4.22 -40.37
N ILE A 782 31.77 4.48 -40.38
CA ILE A 782 30.94 4.30 -41.57
C ILE A 782 30.68 5.64 -42.24
N GLN A 783 31.12 6.72 -41.59
CA GLN A 783 31.05 8.09 -42.12
C GLN A 783 29.61 8.58 -42.44
N LYS A 784 28.67 8.11 -41.62
CA LYS A 784 27.30 8.57 -41.65
C LYS A 784 26.93 9.02 -40.26
N SER A 785 25.63 9.28 -40.05
CA SER A 785 25.11 9.67 -38.74
C SER A 785 24.30 8.53 -38.14
N LEU A 786 24.19 8.54 -36.82
CA LEU A 786 23.55 7.45 -36.12
C LEU A 786 22.53 8.03 -35.18
N ALA A 787 21.32 7.47 -35.17
CA ALA A 787 20.30 7.91 -34.22
C ALA A 787 19.54 6.72 -33.65
N PHE A 788 19.24 6.85 -32.36
CA PHE A 788 18.32 5.97 -31.68
C PHE A 788 16.96 6.61 -31.84
N ALA A 789 15.92 5.81 -32.00
CA ALA A 789 14.60 6.36 -32.24
C ALA A 789 13.44 5.46 -31.79
N TYR A 790 12.39 6.09 -31.29
CA TYR A 790 11.13 5.41 -31.03
C TYR A 790 10.22 5.55 -32.23
N VAL A 791 9.65 4.42 -32.69
CA VAL A 791 8.74 4.39 -33.85
C VAL A 791 7.62 3.33 -33.72
N PRO A 792 6.47 3.53 -34.40
CA PRO A 792 5.46 2.46 -34.41
C PRO A 792 6.05 1.13 -34.84
N VAL A 793 5.50 0.02 -34.33
CA VAL A 793 6.06 -1.27 -34.67
C VAL A 793 5.88 -1.56 -36.16
N GLN A 794 4.82 -1.03 -36.76
CA GLN A 794 4.60 -1.27 -38.18
C GLN A 794 5.70 -0.60 -38.96
N LEU A 795 6.33 0.41 -38.35
CA LEU A 795 7.46 1.10 -38.97
C LEU A 795 8.83 0.74 -38.38
N SER A 796 8.91 -0.36 -37.62
CA SER A 796 10.11 -0.74 -36.86
C SER A 796 10.88 -1.94 -37.41
N GLU A 797 10.68 -2.27 -38.68
CA GLU A 797 11.34 -3.42 -39.23
C GLU A 797 12.72 -3.03 -39.78
N VAL A 798 13.60 -4.01 -39.93
CA VAL A 798 14.93 -3.69 -40.37
C VAL A 798 14.86 -3.48 -41.86
N GLY A 799 15.45 -2.39 -42.35
CA GLY A 799 15.35 -2.07 -43.76
C GLY A 799 14.38 -0.93 -44.01
N GLN A 800 13.52 -0.68 -43.02
CA GLN A 800 12.55 0.42 -43.08
C GLN A 800 13.21 1.79 -43.17
N GLN A 801 12.64 2.62 -44.02
CA GLN A 801 13.07 3.99 -44.21
C GLN A 801 12.17 4.93 -43.42
N VAL A 802 12.73 6.00 -42.87
CA VAL A 802 11.97 7.14 -42.36
C VAL A 802 12.71 8.43 -42.70
N GLU A 803 12.11 9.57 -42.39
CA GLU A 803 12.75 10.84 -42.67
C GLU A 803 12.88 11.58 -41.32
N VAL A 804 14.07 12.08 -41.03
CA VAL A 804 14.38 12.69 -39.73
C VAL A 804 14.52 14.20 -39.79
N GLU A 805 13.70 14.95 -39.06
CA GLU A 805 13.77 16.43 -39.17
C GLU A 805 14.94 17.02 -38.38
N LEU A 806 15.94 17.50 -39.11
CA LEU A 806 17.15 18.11 -38.56
C LEU A 806 17.36 19.50 -39.11
N LEU A 807 17.19 20.53 -38.28
CA LEU A 807 17.33 21.91 -38.77
C LEU A 807 16.47 22.25 -39.99
N GLY A 808 15.16 22.01 -39.92
CA GLY A 808 14.28 22.40 -41.00
C GLY A 808 14.29 21.57 -42.29
N LYS A 809 15.33 20.78 -42.50
CA LYS A 809 15.39 19.90 -43.66
C LYS A 809 15.19 18.46 -43.21
N ASN A 810 14.32 17.71 -43.89
CA ASN A 810 14.14 16.29 -43.61
C ASN A 810 15.22 15.46 -44.26
N TYR A 811 15.87 14.59 -43.51
CA TYR A 811 16.92 13.71 -44.06
C TYR A 811 16.47 12.25 -44.04
N PRO A 812 16.63 11.54 -45.16
CA PRO A 812 16.25 10.12 -45.18
C PRO A 812 17.11 9.31 -44.26
N ALA A 813 16.48 8.41 -43.51
CA ALA A 813 17.17 7.57 -42.55
C ALA A 813 16.61 6.18 -42.64
N VAL A 814 17.42 5.18 -42.31
CA VAL A 814 16.97 3.82 -42.50
C VAL A 814 17.38 3.01 -41.30
N ILE A 815 16.43 2.23 -40.79
CA ILE A 815 16.64 1.31 -39.67
C ILE A 815 17.66 0.24 -40.05
N ILE A 816 18.71 0.16 -39.26
CA ILE A 816 19.73 -0.84 -39.48
C ILE A 816 19.54 -1.96 -38.46
N GLN A 817 20.18 -3.11 -38.72
CA GLN A 817 20.22 -4.19 -37.77
C GLN A 817 21.22 -3.76 -36.73
N GLU A 818 20.81 -3.72 -35.46
CA GLU A 818 21.75 -3.36 -34.42
C GLU A 818 22.47 -4.64 -34.01
N PRO A 819 23.70 -4.51 -33.49
CA PRO A 819 24.49 -3.29 -33.27
C PRO A 819 25.33 -2.92 -34.49
N LEU A 820 25.73 -1.67 -34.64
CA LEU A 820 26.67 -1.38 -35.70
C LEU A 820 28.01 -2.11 -35.51
N VAL A 821 28.70 -1.83 -34.42
CA VAL A 821 29.99 -2.47 -34.14
C VAL A 821 29.87 -3.51 -33.03
N LEU A 822 30.31 -4.74 -33.25
CA LEU A 822 30.22 -5.68 -32.14
C LEU A 822 31.16 -5.29 -30.99
N THR A 823 30.77 -5.64 -29.77
CA THR A 823 31.58 -5.37 -28.58
C THR A 823 32.68 -6.41 -28.48
N GLU A 824 33.81 -6.10 -27.84
CA GLU A 824 34.93 -7.07 -27.79
C GLU A 824 34.57 -8.50 -27.32
N PRO A 825 33.76 -8.65 -26.24
CA PRO A 825 33.44 -10.02 -25.86
C PRO A 825 32.67 -10.79 -26.93
N THR A 826 31.75 -10.13 -27.63
CA THR A 826 30.94 -10.79 -28.65
C THR A 826 31.79 -11.12 -29.88
N ARG A 827 32.87 -10.36 -30.08
CA ARG A 827 33.81 -10.58 -31.18
C ARG A 827 34.77 -11.76 -30.89
N LYS B 20 -9.49 -23.78 53.70
CA LYS B 20 -9.92 -22.38 53.86
C LYS B 20 -11.37 -22.16 53.40
N ASP B 21 -12.03 -21.17 54.01
CA ASP B 21 -13.44 -20.92 53.73
C ASP B 21 -13.69 -19.68 52.83
N ARG B 22 -12.63 -18.95 52.45
CA ARG B 22 -12.79 -17.84 51.48
C ARG B 22 -11.76 -17.90 50.31
N ALA B 23 -12.25 -18.27 49.14
CA ALA B 23 -11.44 -18.33 47.94
C ALA B 23 -11.64 -17.12 47.07
N GLU B 24 -10.60 -16.75 46.34
CA GLU B 24 -10.77 -15.69 45.37
C GLU B 24 -11.48 -16.28 44.17
N THR B 25 -10.87 -17.31 43.61
CA THR B 25 -11.34 -17.99 42.41
C THR B 25 -11.49 -19.48 42.64
N VAL B 26 -12.67 -20.04 42.40
CA VAL B 26 -12.84 -21.48 42.47
C VAL B 26 -12.97 -22.09 41.08
N ILE B 27 -12.29 -23.22 40.87
CA ILE B 27 -12.44 -23.97 39.65
C ILE B 27 -13.11 -25.32 39.94
N ILE B 28 -14.31 -25.51 39.41
CA ILE B 28 -14.94 -26.80 39.51
C ILE B 28 -14.41 -27.71 38.41
N GLY B 29 -13.40 -28.52 38.70
CA GLY B 29 -12.91 -29.49 37.72
C GLY B 29 -11.43 -29.84 37.81
N GLY B 30 -11.11 -31.14 37.83
CA GLY B 30 -9.74 -31.58 37.99
C GLY B 30 -9.11 -32.28 36.81
N GLY B 31 -9.80 -32.30 35.67
CA GLY B 31 -9.20 -32.71 34.42
C GLY B 31 -8.17 -31.66 34.00
N CYS B 32 -7.68 -31.75 32.77
CA CYS B 32 -6.51 -30.97 32.32
C CYS B 32 -6.75 -29.51 31.95
N VAL B 33 -8.01 -29.11 31.81
CA VAL B 33 -8.34 -27.71 31.53
C VAL B 33 -8.62 -27.00 32.87
N GLY B 34 -9.17 -27.74 33.83
CA GLY B 34 -9.31 -27.23 35.17
C GLY B 34 -7.96 -26.94 35.80
N VAL B 35 -7.01 -27.87 35.61
CA VAL B 35 -5.66 -27.73 36.16
C VAL B 35 -4.81 -26.73 35.41
N SER B 36 -5.01 -26.64 34.10
CA SER B 36 -4.35 -25.63 33.29
C SER B 36 -4.63 -24.21 33.77
N LEU B 37 -5.92 -23.90 33.94
CA LEU B 37 -6.35 -22.58 34.40
C LEU B 37 -5.83 -22.25 35.79
N ALA B 38 -5.79 -23.27 36.66
CA ALA B 38 -5.26 -23.14 38.00
C ALA B 38 -3.80 -22.73 37.95
N TYR B 39 -3.04 -23.42 37.10
CA TYR B 39 -1.65 -23.12 36.87
C TYR B 39 -1.48 -21.69 36.43
N HIS B 40 -2.26 -21.30 35.42
CA HIS B 40 -2.11 -19.98 34.81
C HIS B 40 -2.58 -18.81 35.70
N LEU B 41 -3.69 -19.00 36.45
CA LEU B 41 -4.20 -17.96 37.36
C LEU B 41 -3.21 -17.74 38.49
N ALA B 42 -2.71 -18.84 39.06
CA ALA B 42 -1.77 -18.74 40.15
C ALA B 42 -0.37 -18.24 39.70
N LYS B 43 0.11 -18.68 38.54
CA LYS B 43 1.43 -18.24 38.08
C LYS B 43 1.39 -16.76 37.79
N ALA B 44 0.17 -16.25 37.58
CA ALA B 44 -0.04 -14.83 37.29
C ALA B 44 -0.10 -14.05 38.57
N GLY B 45 -0.04 -14.75 39.69
CA GLY B 45 0.09 -14.10 40.97
C GLY B 45 -1.22 -13.95 41.68
N MET B 46 -2.28 -14.55 41.13
CA MET B 46 -3.56 -14.60 41.82
C MET B 46 -3.44 -15.45 43.10
N LYS B 47 -3.99 -14.95 44.21
CA LYS B 47 -4.04 -15.69 45.45
C LYS B 47 -5.36 -16.38 45.69
N ASP B 48 -5.33 -17.36 46.58
CA ASP B 48 -6.52 -18.11 46.97
C ASP B 48 -7.19 -18.75 45.79
N VAL B 49 -6.37 -19.17 44.84
CA VAL B 49 -6.83 -20.03 43.77
C VAL B 49 -7.23 -21.34 44.41
N VAL B 50 -8.46 -21.78 44.18
CA VAL B 50 -8.91 -23.04 44.76
C VAL B 50 -9.54 -23.90 43.69
N LEU B 51 -9.06 -25.12 43.55
CA LEU B 51 -9.62 -26.07 42.59
C LEU B 51 -10.30 -27.20 43.32
N LEU B 52 -11.58 -27.45 43.04
CA LEU B 52 -12.24 -28.60 43.65
C LEU B 52 -12.47 -29.70 42.61
N GLU B 53 -11.99 -30.90 42.89
CA GLU B 53 -12.16 -32.04 41.99
C GLU B 53 -12.94 -33.19 42.67
N LYS B 54 -13.80 -33.88 41.90
CA LYS B 54 -14.69 -34.94 42.42
C LYS B 54 -13.99 -36.17 43.03
N SER B 55 -12.92 -36.66 42.41
CA SER B 55 -12.23 -37.84 42.94
C SER B 55 -10.71 -37.64 42.93
N GLU B 56 -10.11 -37.62 41.74
CA GLU B 56 -8.68 -37.33 41.59
C GLU B 56 -8.50 -36.60 40.28
N LEU B 57 -7.41 -35.86 40.17
CA LEU B 57 -7.07 -35.20 38.92
C LEU B 57 -7.18 -36.16 37.74
N THR B 58 -7.47 -35.65 36.56
CA THR B 58 -7.57 -36.45 35.32
C THR B 58 -8.62 -37.59 35.30
N ALA B 59 -9.52 -37.62 36.27
CA ALA B 59 -10.46 -38.74 36.38
C ALA B 59 -11.63 -38.71 35.39
N GLY B 60 -11.69 -37.64 34.59
CA GLY B 60 -12.70 -37.48 33.56
C GLY B 60 -12.30 -38.02 32.20
N SER B 61 -12.50 -37.19 31.18
CA SER B 61 -12.14 -37.56 29.81
C SER B 61 -10.64 -37.70 29.67
N THR B 62 -9.91 -36.76 30.25
CA THR B 62 -8.46 -36.60 30.10
C THR B 62 -7.58 -37.87 30.07
N TRP B 63 -7.66 -38.71 31.10
CA TRP B 63 -6.72 -39.83 31.26
C TRP B 63 -6.70 -40.80 30.09
N HIS B 64 -7.82 -40.95 29.38
CA HIS B 64 -7.92 -41.93 28.30
C HIS B 64 -7.52 -41.38 26.91
N ALA B 65 -7.05 -40.14 26.86
CA ALA B 65 -6.73 -39.46 25.59
C ALA B 65 -5.55 -40.03 24.81
N ALA B 66 -5.49 -39.73 23.52
CA ALA B 66 -4.41 -40.18 22.65
C ALA B 66 -3.25 -39.21 22.69
N GLY B 67 -3.52 -38.01 23.17
CA GLY B 67 -2.48 -37.03 23.41
C GLY B 67 -2.09 -36.20 22.21
N LEU B 68 -2.88 -36.22 21.14
CA LEU B 68 -2.49 -35.51 19.91
C LEU B 68 -2.54 -33.99 20.05
N THR B 69 -1.42 -33.36 19.76
CA THR B 69 -1.31 -31.92 19.93
C THR B 69 -0.63 -31.29 18.71
N THR B 70 -1.38 -30.54 17.91
CA THR B 70 -0.86 -30.03 16.64
C THR B 70 -0.91 -28.50 16.58
N TYR B 71 -0.05 -27.91 15.75
CA TYR B 71 -0.06 -26.47 15.60
C TYR B 71 -1.19 -26.07 14.69
N PHE B 72 -1.84 -27.09 14.14
CA PHE B 72 -2.82 -26.91 13.10
C PHE B 72 -4.23 -26.74 13.61
N HIS B 73 -4.89 -25.72 13.08
CA HIS B 73 -6.34 -25.55 13.26
C HIS B 73 -6.88 -24.89 12.01
N PRO B 74 -8.02 -25.39 11.52
CA PRO B 74 -8.70 -24.91 10.31
C PRO B 74 -9.13 -23.46 10.48
N GLY B 75 -9.50 -23.11 11.72
CA GLY B 75 -10.01 -21.79 12.07
C GLY B 75 -8.97 -20.71 11.86
N ILE B 76 -9.05 -19.64 12.64
CA ILE B 76 -8.10 -18.55 12.44
C ILE B 76 -7.40 -18.16 13.73
N ASN B 77 -8.17 -17.65 14.69
CA ASN B 77 -7.56 -17.21 15.92
C ASN B 77 -7.38 -18.39 16.82
N LEU B 78 -8.03 -19.50 16.50
CA LEU B 78 -7.81 -20.68 17.31
C LEU B 78 -6.42 -21.23 17.11
N LYS B 79 -5.74 -20.76 16.08
CA LYS B 79 -4.34 -21.12 15.89
C LYS B 79 -3.54 -20.63 17.07
N LYS B 80 -4.01 -19.58 17.73
CA LYS B 80 -3.21 -18.98 18.79
C LYS B 80 -3.36 -19.78 20.09
N ILE B 81 -4.53 -20.35 20.34
CA ILE B 81 -4.63 -21.33 21.42
C ILE B 81 -3.66 -22.52 21.21
N HIS B 82 -3.70 -23.16 20.05
CA HIS B 82 -2.81 -24.28 19.75
C HIS B 82 -1.34 -23.93 19.91
N TYR B 83 -0.99 -22.75 19.45
CA TYR B 83 0.38 -22.27 19.53
C TYR B 83 0.76 -22.04 20.99
N ASP B 84 -0.06 -21.28 21.71
CA ASP B 84 0.21 -20.94 23.12
C ASP B 84 0.37 -22.21 23.93
N SER B 85 -0.42 -23.22 23.58
CA SER B 85 -0.40 -24.50 24.25
C SER B 85 0.90 -25.22 24.03
N ILE B 86 1.22 -25.45 22.76
CA ILE B 86 2.44 -26.18 22.42
C ILE B 86 3.65 -25.54 23.05
N LYS B 87 3.82 -24.24 22.84
CA LYS B 87 4.96 -23.54 23.39
C LYS B 87 5.10 -23.69 24.92
N LEU B 88 3.97 -23.67 25.63
CA LEU B 88 3.97 -23.93 27.08
C LEU B 88 4.31 -25.38 27.37
N TYR B 89 3.81 -26.29 26.56
CA TYR B 89 4.02 -27.72 26.77
C TYR B 89 5.49 -28.14 26.70
N GLU B 90 6.28 -27.45 25.89
CA GLU B 90 7.73 -27.65 25.79
C GLU B 90 8.43 -27.24 27.08
N LYS B 91 8.23 -25.98 27.45
CA LYS B 91 8.88 -25.38 28.62
C LYS B 91 8.36 -25.92 29.95
N LEU B 92 7.61 -27.01 29.95
CA LEU B 92 6.95 -27.44 31.18
C LEU B 92 7.84 -28.36 32.03
N GLU B 93 8.81 -29.01 31.40
CA GLU B 93 9.79 -29.80 32.13
C GLU B 93 10.79 -28.92 32.86
N GLU B 94 11.20 -27.84 32.22
CA GLU B 94 12.17 -26.96 32.84
C GLU B 94 11.57 -26.25 34.04
N GLU B 95 10.27 -26.03 33.99
CA GLU B 95 9.60 -25.34 35.07
C GLU B 95 9.54 -26.20 36.32
N THR B 96 9.10 -27.45 36.15
CA THR B 96 8.68 -28.28 37.27
C THR B 96 9.51 -29.51 37.59
N GLY B 97 10.41 -29.89 36.69
CA GLY B 97 11.19 -31.10 36.89
C GLY B 97 10.47 -32.37 36.46
N GLN B 98 9.20 -32.26 36.07
CA GLN B 98 8.52 -33.47 35.68
C GLN B 98 8.56 -33.59 34.19
N VAL B 99 8.64 -34.83 33.74
CA VAL B 99 8.67 -35.15 32.33
C VAL B 99 7.27 -35.32 31.81
N VAL B 100 6.82 -34.39 30.98
CA VAL B 100 5.47 -34.43 30.50
C VAL B 100 5.31 -35.45 29.37
N GLY B 101 6.40 -35.83 28.72
CA GLY B 101 6.33 -36.85 27.68
C GLY B 101 5.89 -36.39 26.30
N PHE B 102 6.43 -35.23 25.89
CA PHE B 102 6.08 -34.58 24.63
C PHE B 102 6.87 -35.14 23.46
N HIS B 103 6.21 -35.85 22.55
CA HIS B 103 6.86 -36.35 21.34
C HIS B 103 6.68 -35.35 20.22
N GLN B 104 7.75 -34.91 19.59
CA GLN B 104 7.62 -33.90 18.56
C GLN B 104 8.16 -34.27 17.18
N PRO B 105 7.52 -35.26 16.51
CA PRO B 105 8.00 -35.63 15.19
C PRO B 105 7.48 -34.69 14.10
N GLY B 106 6.44 -33.94 14.43
CA GLY B 106 5.78 -33.13 13.43
C GLY B 106 4.50 -33.86 13.06
N SER B 107 3.60 -33.15 12.39
CA SER B 107 2.35 -33.73 11.90
C SER B 107 2.23 -33.48 10.40
N ILE B 108 1.56 -34.40 9.71
CA ILE B 108 1.37 -34.30 8.26
C ILE B 108 -0.05 -34.73 7.91
N ARG B 109 -0.81 -33.82 7.31
CA ARG B 109 -2.13 -34.13 6.80
C ARG B 109 -2.06 -34.47 5.31
N LEU B 110 -2.75 -35.54 4.91
CA LEU B 110 -2.66 -36.05 3.54
C LEU B 110 -3.79 -35.62 2.58
N ALA B 111 -3.41 -35.19 1.38
CA ALA B 111 -4.35 -34.99 0.30
C ALA B 111 -4.24 -36.16 -0.67
N THR B 112 -5.36 -36.80 -0.97
CA THR B 112 -5.36 -37.93 -1.90
C THR B 112 -6.27 -37.57 -3.08
N THR B 113 -6.91 -36.42 -2.94
CA THR B 113 -7.78 -35.86 -3.97
C THR B 113 -7.30 -34.47 -4.38
N PRO B 114 -7.67 -34.02 -5.59
CA PRO B 114 -7.17 -32.70 -5.99
C PRO B 114 -7.92 -31.64 -5.24
N VAL B 115 -9.14 -31.96 -4.81
CA VAL B 115 -9.90 -31.02 -4.02
C VAL B 115 -9.16 -30.71 -2.73
N ARG B 116 -8.62 -31.76 -2.10
CA ARG B 116 -7.89 -31.62 -0.84
C ARG B 116 -6.58 -30.86 -0.98
N VAL B 117 -5.89 -30.99 -2.10
CA VAL B 117 -4.75 -30.11 -2.32
C VAL B 117 -5.24 -28.67 -2.28
N ASP B 118 -6.46 -28.43 -2.74
CA ASP B 118 -6.94 -27.06 -2.87
C ASP B 118 -7.22 -26.47 -1.49
N GLU B 119 -7.75 -27.30 -0.60
CA GLU B 119 -7.98 -26.90 0.79
C GLU B 119 -6.69 -26.41 1.43
N PHE B 120 -5.62 -27.15 1.18
CA PHE B 120 -4.30 -26.92 1.77
C PHE B 120 -3.71 -25.60 1.31
N LYS B 121 -4.00 -25.21 0.08
CA LYS B 121 -3.49 -23.99 -0.52
C LYS B 121 -4.20 -22.81 0.11
N TYR B 122 -5.47 -23.06 0.43
CA TYR B 122 -6.40 -22.14 1.08
C TYR B 122 -6.09 -22.00 2.57
N GLN B 123 -5.64 -23.12 3.13
CA GLN B 123 -5.19 -23.16 4.49
C GLN B 123 -3.85 -22.48 4.65
N MET B 124 -3.04 -22.44 3.61
CA MET B 124 -1.72 -21.83 3.73
C MET B 124 -1.82 -20.31 3.67
N THR B 125 -2.76 -19.80 2.88
CA THR B 125 -2.94 -18.36 2.77
C THR B 125 -3.51 -17.82 4.08
N ARG B 126 -4.18 -18.66 4.86
CA ARG B 126 -4.77 -18.24 6.14
C ARG B 126 -3.80 -18.27 7.33
N THR B 127 -2.76 -19.09 7.24
CA THR B 127 -1.81 -19.29 8.34
C THR B 127 -0.55 -18.47 8.10
N GLY B 128 -0.41 -17.96 6.89
CA GLY B 128 0.80 -17.25 6.54
C GLY B 128 1.13 -16.06 7.41
N TRP B 129 0.12 -15.29 7.81
CA TRP B 129 0.34 -14.09 8.62
C TRP B 129 0.26 -14.41 10.10
N HIS B 130 0.57 -15.66 10.44
CA HIS B 130 0.55 -16.14 11.82
C HIS B 130 1.91 -16.62 12.15
N ALA B 131 2.26 -16.52 13.43
CA ALA B 131 3.55 -17.02 13.90
C ALA B 131 3.70 -18.48 13.51
N THR B 132 2.62 -19.25 13.71
CA THR B 132 2.55 -20.67 13.39
C THR B 132 3.32 -21.05 12.12
N GLU B 133 4.26 -21.97 12.26
CA GLU B 133 5.06 -22.48 11.13
C GLU B 133 4.40 -23.67 10.42
N GLN B 134 4.14 -23.52 9.12
CA GLN B 134 3.35 -24.49 8.37
C GLN B 134 3.83 -24.53 6.91
N TYR B 135 3.82 -25.73 6.33
CA TYR B 135 4.42 -25.98 5.03
C TYR B 135 3.60 -26.91 4.14
N LEU B 136 3.43 -26.54 2.87
CA LEU B 136 2.82 -27.44 1.90
C LEU B 136 3.93 -28.32 1.27
N ILE B 137 3.84 -29.63 1.43
CA ILE B 137 4.96 -30.49 1.06
C ILE B 137 4.59 -31.52 -0.01
N GLU B 138 5.58 -31.87 -0.83
CA GLU B 138 5.40 -32.83 -1.92
C GLU B 138 5.58 -34.25 -1.41
N PRO B 139 5.07 -35.25 -2.15
CA PRO B 139 5.18 -36.67 -1.79
C PRO B 139 6.58 -37.23 -1.52
N GLU B 140 7.62 -36.71 -2.16
CA GLU B 140 8.97 -37.20 -1.88
C GLU B 140 9.35 -36.78 -0.46
N LYS B 141 8.91 -35.60 -0.06
CA LYS B 141 9.26 -35.05 1.25
C LYS B 141 8.45 -35.73 2.35
N ILE B 142 7.36 -36.39 1.96
CA ILE B 142 6.55 -37.18 2.89
C ILE B 142 7.10 -38.60 2.97
N GLN B 143 7.64 -39.10 1.87
CA GLN B 143 8.29 -40.42 1.85
C GLN B 143 9.44 -40.36 2.84
N GLU B 144 10.17 -39.26 2.79
CA GLU B 144 11.32 -39.07 3.67
C GLU B 144 10.93 -39.14 5.16
N MET B 145 9.75 -38.62 5.52
CA MET B 145 9.34 -38.48 6.92
C MET B 145 8.57 -39.67 7.47
N PHE B 146 7.72 -40.23 6.63
CA PHE B 146 6.89 -41.35 6.98
C PHE B 146 7.03 -42.42 5.91
N PRO B 147 8.21 -43.06 5.86
CA PRO B 147 8.52 -44.06 4.83
C PRO B 147 7.47 -45.16 4.68
N LEU B 148 6.91 -45.62 5.80
CA LEU B 148 6.07 -46.82 5.82
C LEU B 148 4.70 -46.63 5.18
N LEU B 149 4.52 -45.46 4.56
CA LEU B 149 3.26 -45.07 3.94
C LEU B 149 3.17 -45.46 2.43
N ASN B 150 1.97 -45.86 2.01
CA ASN B 150 1.67 -46.16 0.60
C ASN B 150 1.57 -44.87 -0.16
N MET B 151 2.46 -44.64 -1.12
CA MET B 151 2.50 -43.33 -1.76
C MET B 151 1.57 -43.19 -2.96
N ASN B 152 0.69 -44.15 -3.14
CA ASN B 152 -0.05 -44.23 -4.39
C ASN B 152 -1.01 -43.08 -4.71
N LYS B 153 -1.69 -42.56 -3.71
CA LYS B 153 -2.65 -41.50 -3.97
C LYS B 153 -2.25 -40.19 -3.32
N VAL B 154 -1.18 -40.21 -2.54
CA VAL B 154 -0.75 -39.01 -1.87
C VAL B 154 -0.35 -37.95 -2.90
N LEU B 155 -1.02 -36.80 -2.84
CA LEU B 155 -0.80 -35.76 -3.82
C LEU B 155 0.04 -34.61 -3.29
N ALA B 156 -0.18 -34.28 -2.02
CA ALA B 156 0.61 -33.26 -1.35
C ALA B 156 0.35 -33.41 0.14
N GLY B 157 1.02 -32.63 0.96
CA GLY B 157 0.78 -32.77 2.39
C GLY B 157 0.88 -31.46 3.11
N LEU B 158 0.13 -31.33 4.22
CA LEU B 158 0.20 -30.16 5.07
C LEU B 158 0.98 -30.56 6.28
N TYR B 159 2.06 -29.84 6.53
CA TYR B 159 3.05 -30.27 7.50
C TYR B 159 3.34 -29.15 8.49
N ASN B 160 3.24 -29.50 9.77
CA ASN B 160 3.64 -28.60 10.83
C ASN B 160 4.84 -29.22 11.52
N PRO B 161 6.00 -28.56 11.47
CA PRO B 161 7.11 -29.09 12.24
C PRO B 161 6.94 -28.77 13.72
N GLY B 162 7.50 -29.60 14.60
CA GLY B 162 7.62 -29.22 15.99
C GLY B 162 6.46 -29.56 16.90
N ASP B 163 5.51 -30.35 16.41
CA ASP B 163 4.36 -30.79 17.21
C ASP B 163 4.29 -32.30 17.19
N GLY B 164 3.21 -32.86 17.72
CA GLY B 164 3.07 -34.29 17.75
C GLY B 164 2.05 -34.71 18.79
N HIS B 165 2.45 -35.57 19.71
CA HIS B 165 1.56 -36.00 20.78
C HIS B 165 2.23 -35.87 22.15
N ILE B 166 1.44 -36.12 23.19
CA ILE B 166 1.87 -35.97 24.58
C ILE B 166 1.18 -36.97 25.47
N ASP B 167 1.75 -37.25 26.62
CA ASP B 167 1.02 -38.07 27.56
C ASP B 167 0.15 -37.10 28.36
N PRO B 168 -1.16 -37.34 28.40
CA PRO B 168 -2.02 -36.40 29.10
C PRO B 168 -1.75 -36.37 30.60
N TYR B 169 -1.50 -37.54 31.20
CA TYR B 169 -1.29 -37.64 32.65
C TYR B 169 -0.08 -36.82 33.10
N SER B 170 1.05 -37.13 32.52
CA SER B 170 2.27 -36.44 32.85
C SER B 170 2.13 -34.93 32.61
N LEU B 171 1.12 -34.55 31.85
CA LEU B 171 0.90 -33.15 31.50
C LEU B 171 0.12 -32.42 32.58
N THR B 172 -0.98 -33.05 33.02
CA THR B 172 -1.84 -32.53 34.07
C THR B 172 -1.13 -32.49 35.41
N MET B 173 -0.50 -33.60 35.79
CA MET B 173 0.22 -33.67 37.06
C MET B 173 1.35 -32.66 37.09
N ALA B 174 1.96 -32.43 35.93
CA ALA B 174 3.03 -31.44 35.80
C ALA B 174 2.46 -30.04 35.91
N LEU B 175 1.28 -29.82 35.34
CA LEU B 175 0.59 -28.52 35.48
C LEU B 175 0.06 -28.33 36.89
N ALA B 176 -0.29 -29.45 37.53
CA ALA B 176 -0.79 -29.44 38.89
C ALA B 176 0.33 -29.00 39.81
N ALA B 177 1.54 -29.46 39.51
CA ALA B 177 2.72 -29.08 40.26
C ALA B 177 3.05 -27.61 40.12
N GLY B 178 2.74 -27.02 38.97
CA GLY B 178 3.04 -25.62 38.77
C GLY B 178 2.08 -24.79 39.60
N ALA B 179 0.83 -25.25 39.66
CA ALA B 179 -0.25 -24.58 40.40
C ALA B 179 -0.01 -24.57 41.90
N ARG B 180 0.17 -25.77 42.46
CA ARG B 180 0.46 -25.93 43.88
C ARG B 180 1.63 -25.08 44.29
N LYS B 181 2.63 -25.02 43.41
CA LYS B 181 3.89 -24.38 43.69
C LYS B 181 3.80 -22.87 43.60
N CYS B 182 2.68 -22.38 43.10
CA CYS B 182 2.53 -20.94 43.06
C CYS B 182 1.43 -20.43 43.99
N GLY B 183 0.87 -21.33 44.78
CA GLY B 183 -0.03 -20.91 45.84
C GLY B 183 -1.48 -21.23 45.57
N ALA B 184 -1.70 -22.10 44.59
CA ALA B 184 -3.05 -22.61 44.34
C ALA B 184 -3.27 -23.75 45.29
N LEU B 185 -4.47 -23.88 45.82
CA LEU B 185 -4.82 -25.05 46.62
C LEU B 185 -5.68 -26.01 45.80
N LEU B 186 -5.25 -27.26 45.74
CA LEU B 186 -5.93 -28.25 44.91
C LEU B 186 -6.59 -29.35 45.72
N LYS B 187 -7.76 -29.10 46.27
CA LYS B 187 -8.40 -30.17 47.01
C LYS B 187 -9.07 -31.24 46.14
N TYR B 188 -8.87 -32.49 46.53
CA TYR B 188 -9.64 -33.62 46.01
C TYR B 188 -9.43 -34.76 46.96
N PRO B 189 -10.42 -35.64 47.12
CA PRO B 189 -11.75 -35.59 46.50
C PRO B 189 -12.72 -34.65 47.22
N ALA B 190 -13.11 -33.61 46.51
CA ALA B 190 -13.99 -32.61 47.06
C ALA B 190 -14.89 -32.00 45.99
N PRO B 191 -15.89 -32.77 45.54
CA PRO B 191 -16.87 -32.33 44.56
C PRO B 191 -17.73 -31.17 45.04
N VAL B 192 -18.12 -30.27 44.14
CA VAL B 192 -19.15 -29.28 44.43
C VAL B 192 -20.50 -30.00 44.42
N THR B 193 -21.34 -29.71 45.40
CA THR B 193 -22.66 -30.33 45.44
C THR B 193 -23.79 -29.33 45.34
N SER B 194 -23.52 -28.06 45.61
CA SER B 194 -24.50 -27.00 45.45
C SER B 194 -23.86 -25.66 45.31
N LEU B 195 -24.37 -24.88 44.37
CA LEU B 195 -23.91 -23.52 44.19
C LEU B 195 -25.07 -22.57 44.40
N LYS B 196 -24.86 -21.55 45.20
CA LYS B 196 -25.87 -20.54 45.38
C LYS B 196 -25.23 -19.18 45.22
N ALA B 197 -25.79 -18.36 44.36
CA ALA B 197 -25.29 -17.02 44.12
C ALA B 197 -25.65 -16.10 45.28
N ARG B 198 -24.87 -15.04 45.44
CA ARG B 198 -25.16 -14.05 46.46
C ARG B 198 -25.37 -12.66 45.88
N SER B 199 -26.25 -11.89 46.52
CA SER B 199 -26.65 -10.58 46.01
C SER B 199 -25.49 -9.63 45.64
N ASP B 200 -24.28 -9.85 46.17
CA ASP B 200 -23.14 -8.97 45.84
C ASP B 200 -22.29 -9.58 44.76
N GLY B 201 -22.79 -10.63 44.13
CA GLY B 201 -22.09 -11.23 43.02
C GLY B 201 -21.08 -12.30 43.38
N THR B 202 -21.00 -12.67 44.67
CA THR B 202 -20.13 -13.75 45.12
C THR B 202 -20.89 -15.09 45.07
N TRP B 203 -20.27 -16.17 45.57
CA TRP B 203 -20.83 -17.52 45.44
C TRP B 203 -20.72 -18.40 46.70
N ASP B 204 -21.72 -19.24 46.94
CA ASP B 204 -21.68 -20.18 48.05
C ASP B 204 -21.50 -21.57 47.52
N VAL B 205 -20.33 -22.14 47.77
CA VAL B 205 -20.00 -23.46 47.27
C VAL B 205 -20.15 -24.49 48.37
N GLU B 206 -20.58 -25.72 48.02
CA GLU B 206 -20.80 -26.77 49.02
C GLU B 206 -20.14 -28.11 48.70
N THR B 207 -19.19 -28.48 49.54
CA THR B 207 -18.50 -29.76 49.46
C THR B 207 -19.05 -30.75 50.48
N PRO B 208 -18.78 -32.06 50.30
CA PRO B 208 -19.01 -32.85 51.51
C PRO B 208 -18.07 -32.39 52.63
N GLN B 209 -16.99 -31.72 52.24
CA GLN B 209 -15.98 -31.15 53.13
C GLN B 209 -16.31 -29.74 53.65
N GLY B 210 -17.59 -29.40 53.77
CA GLY B 210 -18.00 -28.09 54.25
C GLY B 210 -18.02 -26.97 53.21
N SER B 211 -18.34 -25.75 53.65
CA SER B 211 -18.65 -24.68 52.70
C SER B 211 -17.63 -23.55 52.57
N MET B 212 -17.71 -22.84 51.43
CA MET B 212 -16.85 -21.70 51.17
C MET B 212 -17.46 -20.72 50.16
N ARG B 213 -16.92 -19.49 50.18
CA ARG B 213 -17.38 -18.42 49.28
C ARG B 213 -16.28 -18.03 48.33
N ALA B 214 -16.53 -18.08 47.02
CA ALA B 214 -15.55 -17.63 46.04
C ALA B 214 -16.03 -16.36 45.34
N ASN B 215 -15.11 -15.45 45.03
CA ASN B 215 -15.53 -14.27 44.29
C ASN B 215 -16.01 -14.65 42.90
N ARG B 216 -15.50 -15.74 42.34
CA ARG B 216 -15.99 -16.25 41.06
C ARG B 216 -15.93 -17.76 41.00
N ILE B 217 -16.65 -18.34 40.05
CA ILE B 217 -16.57 -19.77 39.83
C ILE B 217 -16.39 -20.10 38.36
N VAL B 218 -15.55 -21.08 38.12
CA VAL B 218 -15.24 -21.57 36.80
C VAL B 218 -15.68 -23.01 36.64
N ASN B 219 -16.62 -23.24 35.73
CA ASN B 219 -17.05 -24.60 35.42
C ASN B 219 -16.14 -25.23 34.37
N ALA B 220 -15.33 -26.20 34.77
CA ALA B 220 -14.49 -26.93 33.84
C ALA B 220 -14.58 -28.43 34.13
N ALA B 221 -15.81 -28.91 34.27
CA ALA B 221 -16.06 -30.25 34.75
C ALA B 221 -16.29 -31.25 33.61
N GLY B 222 -15.63 -31.05 32.49
CA GLY B 222 -15.73 -32.02 31.42
C GLY B 222 -17.16 -32.27 30.99
N PHE B 223 -17.64 -33.50 31.14
CA PHE B 223 -18.98 -33.82 30.68
C PHE B 223 -19.99 -33.69 31.80
N TRP B 224 -19.47 -33.38 32.98
CA TRP B 224 -20.33 -33.01 34.08
C TRP B 224 -20.71 -31.52 34.04
N ALA B 225 -20.28 -30.83 32.99
CA ALA B 225 -20.53 -29.40 32.90
C ALA B 225 -22.03 -29.09 32.92
N ARG B 226 -22.79 -29.80 32.08
CA ARG B 226 -24.23 -29.59 32.06
C ARG B 226 -24.78 -29.85 33.46
N GLU B 227 -24.18 -30.81 34.15
CA GLU B 227 -24.59 -31.25 35.48
C GLU B 227 -24.48 -30.13 36.52
N VAL B 228 -23.30 -29.52 36.57
CA VAL B 228 -23.00 -28.43 37.47
C VAL B 228 -23.69 -27.16 37.03
N GLY B 229 -23.75 -26.95 35.71
CA GLY B 229 -24.45 -25.81 35.17
C GLY B 229 -25.88 -25.74 35.67
N LYS B 230 -26.49 -26.91 35.87
CA LYS B 230 -27.87 -26.97 36.32
C LYS B 230 -27.99 -26.48 37.75
N MET B 231 -26.90 -26.57 38.51
CA MET B 231 -26.91 -26.14 39.91
C MET B 231 -27.21 -24.66 40.09
N ILE B 232 -26.95 -23.89 39.05
CA ILE B 232 -27.37 -22.50 39.04
C ILE B 232 -28.40 -22.26 37.92
N GLY B 233 -29.02 -23.35 37.46
CA GLY B 233 -30.14 -23.26 36.56
C GLY B 233 -29.82 -22.97 35.11
N LEU B 234 -28.69 -23.51 34.62
CA LEU B 234 -28.25 -23.23 33.27
C LEU B 234 -28.24 -24.47 32.42
N GLU B 235 -28.91 -24.35 31.29
CA GLU B 235 -28.84 -25.34 30.26
C GLU B 235 -27.56 -25.06 29.50
N HIS B 236 -26.62 -25.97 29.68
CA HIS B 236 -25.38 -25.94 28.93
C HIS B 236 -25.52 -26.96 27.80
N PRO B 237 -25.43 -26.51 26.55
CA PRO B 237 -25.70 -27.37 25.39
C PRO B 237 -24.58 -28.37 25.09
N LEU B 238 -24.39 -29.37 25.96
CA LEU B 238 -23.31 -30.32 25.78
C LEU B 238 -23.78 -31.76 25.78
N ILE B 239 -23.15 -32.60 24.97
CA ILE B 239 -23.47 -34.01 25.02
C ILE B 239 -22.18 -34.81 24.89
N PRO B 240 -22.00 -35.82 25.78
CA PRO B 240 -20.89 -36.76 25.65
C PRO B 240 -21.03 -37.58 24.37
N VAL B 241 -19.94 -37.79 23.64
CA VAL B 241 -19.97 -38.63 22.44
C VAL B 241 -18.95 -39.77 22.56
N GLN B 242 -19.30 -40.93 22.01
CA GLN B 242 -18.40 -42.07 22.06
C GLN B 242 -17.44 -41.98 20.92
N HIS B 243 -16.16 -41.92 21.26
CA HIS B 243 -15.09 -41.94 20.28
C HIS B 243 -14.04 -42.94 20.68
N GLN B 244 -13.71 -43.89 19.84
CA GLN B 244 -12.60 -44.76 20.21
C GLN B 244 -11.45 -44.70 19.21
N TYR B 245 -10.28 -45.04 19.72
CA TYR B 245 -9.12 -45.31 18.90
C TYR B 245 -8.50 -46.65 19.27
N VAL B 246 -7.61 -47.11 18.40
CA VAL B 246 -7.03 -48.44 18.46
C VAL B 246 -5.48 -48.45 18.41
N VAL B 247 -4.88 -49.31 19.23
CA VAL B 247 -3.44 -49.50 19.27
C VAL B 247 -3.05 -50.88 18.77
N THR B 248 -1.98 -50.94 17.97
CA THR B 248 -1.50 -52.18 17.36
C THR B 248 -0.54 -52.94 18.24
N SER B 249 -0.13 -54.12 17.80
CA SER B 249 0.99 -54.79 18.43
C SER B 249 2.25 -54.28 17.74
N THR B 250 3.41 -54.74 18.20
CA THR B 250 4.67 -54.25 17.68
C THR B 250 4.83 -54.65 16.22
N ILE B 251 5.33 -53.70 15.42
CA ILE B 251 5.59 -53.94 14.02
C ILE B 251 7.08 -53.83 13.76
N PRO B 252 7.66 -54.81 13.06
CA PRO B 252 9.11 -54.84 12.82
C PRO B 252 9.65 -53.62 12.06
N GLU B 253 8.94 -53.17 11.03
CA GLU B 253 9.39 -52.04 10.19
C GLU B 253 9.28 -50.72 10.93
N VAL B 254 8.39 -50.69 11.92
CA VAL B 254 8.16 -49.54 12.80
C VAL B 254 9.25 -49.37 13.84
N LYS B 255 9.57 -50.47 14.52
CA LYS B 255 10.65 -50.54 15.50
C LYS B 255 12.00 -50.19 14.88
N ALA B 256 12.15 -50.60 13.63
CA ALA B 256 13.43 -50.52 12.95
C ALA B 256 13.77 -49.13 12.46
N LEU B 257 12.81 -48.22 12.44
CA LEU B 257 13.09 -46.86 11.98
C LEU B 257 14.06 -46.15 12.92
N LYS B 258 14.83 -45.21 12.37
CA LYS B 258 15.78 -44.48 13.18
C LYS B 258 15.17 -43.23 13.85
N ARG B 259 14.16 -42.64 13.20
CA ARG B 259 13.45 -41.47 13.74
C ARG B 259 12.08 -41.89 14.21
N GLU B 260 11.38 -40.99 14.87
CA GLU B 260 9.98 -41.23 15.19
C GLU B 260 9.13 -40.81 14.00
N LEU B 261 8.19 -41.67 13.61
CA LEU B 261 7.21 -41.32 12.58
C LEU B 261 6.36 -40.13 13.00
N PRO B 262 6.08 -39.20 12.05
CA PRO B 262 5.19 -38.05 12.27
C PRO B 262 3.74 -38.50 12.34
N VAL B 263 2.96 -37.82 13.19
CA VAL B 263 1.54 -38.10 13.36
C VAL B 263 0.80 -37.80 12.07
N LEU B 264 0.11 -38.79 11.51
CA LEU B 264 -0.53 -38.58 10.23
C LEU B 264 -2.01 -38.30 10.37
N ARG B 265 -2.57 -37.71 9.32
CA ARG B 265 -4.01 -37.64 9.17
C ARG B 265 -4.39 -37.86 7.72
N ASP B 266 -4.88 -39.07 7.45
CA ASP B 266 -5.53 -39.40 6.20
C ASP B 266 -6.96 -38.85 6.28
N LEU B 267 -7.13 -37.64 5.77
CA LEU B 267 -8.40 -36.93 5.79
C LEU B 267 -9.51 -37.71 5.10
N GLU B 268 -9.18 -38.31 3.96
CA GLU B 268 -10.18 -39.00 3.16
C GLU B 268 -10.61 -40.31 3.78
N GLY B 269 -9.84 -40.79 4.75
CA GLY B 269 -10.25 -41.95 5.52
C GLY B 269 -10.87 -41.54 6.83
N SER B 270 -10.61 -40.30 7.23
CA SER B 270 -11.09 -39.73 8.49
C SER B 270 -10.53 -40.52 9.66
N TYR B 271 -9.21 -40.52 9.78
CA TYR B 271 -8.53 -41.07 10.95
C TYR B 271 -7.19 -40.40 11.13
N TYR B 272 -6.77 -40.26 12.37
CA TYR B 272 -5.41 -39.87 12.68
C TYR B 272 -4.65 -41.12 13.03
N LEU B 273 -3.34 -41.05 12.90
CA LEU B 273 -2.46 -42.17 13.21
C LEU B 273 -1.13 -41.63 13.67
N ARG B 274 -0.53 -42.34 14.62
CA ARG B 274 0.79 -42.01 15.09
C ARG B 274 1.51 -43.23 15.66
N GLN B 275 2.78 -43.05 15.99
CA GLN B 275 3.61 -44.10 16.53
C GLN B 275 3.33 -44.25 18.01
N GLU B 276 2.91 -45.44 18.42
CA GLU B 276 2.77 -45.76 19.83
C GLU B 276 3.72 -46.89 20.19
N ARG B 277 4.83 -46.55 20.84
CA ARG B 277 5.92 -47.48 21.14
C ARG B 277 6.57 -48.06 19.88
N ASP B 278 6.47 -49.39 19.71
CA ASP B 278 6.99 -50.04 18.52
C ASP B 278 5.85 -50.56 17.61
N GLY B 279 4.68 -49.99 17.80
CA GLY B 279 3.50 -50.24 16.98
C GLY B 279 2.88 -48.92 16.56
N LEU B 280 1.62 -48.95 16.13
CA LEU B 280 0.94 -47.76 15.65
C LEU B 280 -0.34 -47.48 16.44
N LEU B 281 -0.63 -46.22 16.69
CA LEU B 281 -1.92 -45.87 17.28
C LEU B 281 -2.73 -45.18 16.22
N PHE B 282 -3.93 -45.68 15.93
CA PHE B 282 -4.77 -45.00 14.96
C PHE B 282 -6.21 -44.93 15.45
N GLY B 283 -6.86 -43.79 15.22
CA GLY B 283 -8.24 -43.61 15.63
C GLY B 283 -9.06 -42.90 14.57
N PRO B 284 -10.26 -43.44 14.25
CA PRO B 284 -11.14 -42.89 13.22
C PRO B 284 -12.25 -41.96 13.72
N TYR B 285 -12.78 -41.16 12.79
CA TYR B 285 -14.02 -40.42 13.02
C TYR B 285 -15.14 -40.99 12.14
N GLU B 286 -15.92 -41.90 12.71
CA GLU B 286 -16.94 -42.64 11.96
C GLU B 286 -18.04 -41.69 11.44
N SER B 287 -18.88 -42.19 10.53
CA SER B 287 -19.96 -41.41 9.93
C SER B 287 -21.04 -41.07 10.95
N GLN B 288 -21.74 -39.97 10.73
CA GLN B 288 -22.75 -39.51 11.68
C GLN B 288 -23.87 -40.52 11.89
N GLU B 289 -24.17 -41.32 10.88
CA GLU B 289 -25.17 -42.36 11.06
C GLU B 289 -24.66 -43.45 12.00
N LYS B 290 -23.35 -43.66 11.99
CA LYS B 290 -22.75 -44.85 12.60
C LYS B 290 -22.37 -44.67 14.09
N MET B 291 -21.92 -43.47 14.45
CA MET B 291 -21.36 -43.23 15.77
C MET B 291 -22.43 -43.26 16.82
N LYS B 292 -22.01 -43.29 18.07
CA LYS B 292 -22.94 -43.33 19.18
C LYS B 292 -22.78 -42.15 20.11
N VAL B 293 -23.86 -41.78 20.76
CA VAL B 293 -23.82 -40.73 21.73
C VAL B 293 -24.39 -41.25 23.05
N GLN B 294 -24.11 -40.54 24.14
CA GLN B 294 -24.64 -40.92 25.44
C GLN B 294 -25.91 -40.14 25.70
N ASP B 295 -26.91 -40.40 24.88
CA ASP B 295 -28.19 -39.72 24.97
C ASP B 295 -28.68 -39.66 26.42
N SER B 296 -28.71 -40.81 27.09
CA SER B 296 -29.20 -40.89 28.47
C SER B 296 -28.50 -39.92 29.45
N TRP B 297 -27.20 -39.72 29.29
CA TRP B 297 -26.45 -38.89 30.24
C TRP B 297 -26.77 -37.41 30.11
N VAL B 298 -27.52 -37.05 29.07
CA VAL B 298 -27.96 -35.68 28.94
C VAL B 298 -29.28 -35.58 29.69
N THR B 299 -30.06 -36.65 29.54
CA THR B 299 -31.39 -36.79 30.13
C THR B 299 -31.36 -37.05 31.65
N ASN B 300 -30.55 -38.04 32.05
CA ASN B 300 -30.46 -38.50 33.44
C ASN B 300 -29.22 -38.00 34.16
N GLY B 301 -28.29 -37.40 33.42
CA GLY B 301 -27.04 -36.98 34.01
C GLY B 301 -26.02 -38.10 34.03
N VAL B 302 -24.73 -37.75 34.11
CA VAL B 302 -23.68 -38.76 34.16
C VAL B 302 -23.85 -39.64 35.39
N PRO B 303 -23.95 -40.96 35.18
CA PRO B 303 -24.10 -41.93 36.26
C PRO B 303 -22.96 -41.81 37.28
N PRO B 304 -23.28 -41.78 38.58
CA PRO B 304 -22.20 -41.72 39.59
C PRO B 304 -21.48 -43.07 39.75
N GLY B 305 -20.26 -43.03 40.26
CA GLY B 305 -19.36 -44.18 40.30
C GLY B 305 -18.66 -44.39 38.96
N PHE B 306 -18.72 -43.33 38.15
CA PHE B 306 -18.03 -43.26 36.88
C PHE B 306 -16.75 -42.46 37.02
N GLY B 307 -15.73 -42.82 36.25
CA GLY B 307 -14.45 -42.14 36.33
C GLY B 307 -13.39 -43.20 36.38
N LYS B 308 -12.25 -42.94 35.74
CA LYS B 308 -11.27 -43.99 35.48
C LYS B 308 -12.07 -45.23 35.05
N GLU B 309 -12.71 -45.14 33.90
CA GLU B 309 -13.63 -46.16 33.40
C GLU B 309 -13.90 -45.90 31.92
N LEU B 310 -14.01 -46.97 31.16
CA LEU B 310 -14.20 -46.86 29.73
C LEU B 310 -15.57 -47.35 29.29
N PHE B 311 -15.80 -47.24 27.98
CA PHE B 311 -16.96 -47.81 27.32
C PHE B 311 -16.61 -49.16 26.72
N GLU B 312 -17.63 -50.02 26.56
CA GLU B 312 -17.48 -51.28 25.84
C GLU B 312 -16.97 -51.04 24.42
N SER B 313 -15.93 -51.77 24.01
CA SER B 313 -15.33 -51.61 22.69
C SER B 313 -16.35 -51.92 21.59
N ASP B 314 -16.15 -51.35 20.42
CA ASP B 314 -16.98 -51.65 19.26
C ASP B 314 -16.17 -51.48 17.97
N LEU B 315 -15.47 -52.52 17.53
CA LEU B 315 -14.67 -52.41 16.32
C LEU B 315 -15.59 -52.39 15.11
N ASP B 316 -16.80 -52.90 15.30
CA ASP B 316 -17.75 -53.11 14.23
C ASP B 316 -18.27 -51.84 13.57
N ARG B 317 -18.29 -50.72 14.29
CA ARG B 317 -18.85 -49.49 13.72
C ARG B 317 -17.79 -48.64 13.07
N ILE B 318 -16.53 -49.04 13.23
CA ILE B 318 -15.42 -48.38 12.56
C ILE B 318 -14.75 -49.38 11.61
N MET B 319 -15.49 -50.41 11.23
CA MET B 319 -14.95 -51.46 10.37
C MET B 319 -14.41 -50.91 9.04
N GLU B 320 -15.17 -50.04 8.39
CA GLU B 320 -14.81 -49.45 7.10
C GLU B 320 -13.54 -48.61 7.17
N HIS B 321 -13.31 -48.01 8.32
CA HIS B 321 -12.22 -47.06 8.47
C HIS B 321 -10.93 -47.77 8.78
N ILE B 322 -11.05 -48.84 9.56
CA ILE B 322 -9.90 -49.66 9.87
C ILE B 322 -9.34 -50.24 8.58
N LYS B 323 -10.25 -50.67 7.72
CA LYS B 323 -9.94 -51.17 6.38
C LYS B 323 -9.08 -50.16 5.61
N ALA B 324 -9.48 -48.90 5.67
CA ALA B 324 -8.77 -47.84 4.95
C ALA B 324 -7.34 -47.66 5.48
N ALA B 325 -7.24 -47.68 6.80
CA ALA B 325 -5.96 -47.50 7.47
C ALA B 325 -4.96 -48.51 6.97
N MET B 326 -5.45 -49.70 6.63
CA MET B 326 -4.51 -50.74 6.25
C MET B 326 -3.95 -50.54 4.85
N GLU B 327 -4.71 -49.88 3.98
CA GLU B 327 -4.26 -49.71 2.60
C GLU B 327 -3.26 -48.57 2.51
N MET B 328 -3.41 -47.59 3.38
CA MET B 328 -2.49 -46.46 3.41
C MET B 328 -1.21 -46.90 4.09
N VAL B 329 -1.33 -47.79 5.06
CA VAL B 329 -0.16 -48.29 5.75
C VAL B 329 -0.19 -49.82 5.83
N PRO B 330 0.48 -50.51 4.87
CA PRO B 330 0.42 -51.97 4.72
C PRO B 330 1.08 -52.79 5.86
N VAL B 331 1.88 -52.17 6.71
CA VAL B 331 2.42 -52.89 7.86
C VAL B 331 1.29 -53.31 8.78
N LEU B 332 0.21 -52.53 8.74
CA LEU B 332 -0.98 -52.81 9.54
C LEU B 332 -1.62 -54.14 9.16
N LYS B 333 -1.44 -54.57 7.91
CA LYS B 333 -2.02 -55.81 7.45
C LYS B 333 -1.53 -57.05 8.26
N LYS B 334 -0.28 -57.02 8.70
CA LYS B 334 0.27 -58.16 9.40
C LYS B 334 0.08 -58.04 10.93
N ALA B 335 0.18 -56.81 11.43
CA ALA B 335 0.14 -56.55 12.87
C ALA B 335 -1.21 -56.87 13.48
N ASP B 336 -1.26 -56.89 14.80
CA ASP B 336 -2.49 -57.21 15.50
C ASP B 336 -2.91 -56.13 16.51
N ILE B 337 -4.22 -56.08 16.76
CA ILE B 337 -4.82 -55.13 17.70
C ILE B 337 -4.72 -55.60 19.15
N ILE B 338 -4.24 -54.70 19.99
CA ILE B 338 -3.98 -54.96 21.39
C ILE B 338 -5.01 -54.30 22.28
N ASN B 339 -5.43 -53.11 21.87
CA ASN B 339 -6.21 -52.25 22.75
C ASN B 339 -7.28 -51.44 21.99
N VAL B 340 -8.44 -51.23 22.61
CA VAL B 340 -9.47 -50.38 22.02
C VAL B 340 -10.01 -49.44 23.07
N VAL B 341 -9.58 -48.19 23.06
CA VAL B 341 -9.97 -47.25 24.08
C VAL B 341 -11.26 -46.54 23.70
N ASN B 342 -12.39 -47.04 24.18
CA ASN B 342 -13.65 -46.41 23.89
C ASN B 342 -14.09 -45.56 25.08
N GLY B 343 -14.02 -44.23 24.92
CA GLY B 343 -14.33 -43.29 26.00
C GLY B 343 -15.28 -42.14 25.64
N PRO B 344 -15.68 -41.34 26.65
CA PRO B 344 -16.54 -40.19 26.37
C PRO B 344 -15.77 -38.89 26.08
N ILE B 345 -16.21 -38.07 25.10
CA ILE B 345 -15.70 -36.70 24.94
C ILE B 345 -16.85 -35.71 25.05
N THR B 346 -16.59 -34.53 25.59
CA THR B 346 -17.67 -33.56 25.77
C THR B 346 -17.79 -32.58 24.60
N TYR B 347 -18.84 -32.73 23.78
CA TYR B 347 -19.06 -31.91 22.58
C TYR B 347 -19.96 -30.71 22.76
N SER B 348 -19.57 -29.58 22.20
CA SER B 348 -20.52 -28.49 22.00
C SER B 348 -21.15 -28.76 20.65
N PRO B 349 -22.23 -28.04 20.28
CA PRO B 349 -22.85 -28.36 18.99
C PRO B 349 -21.87 -28.27 17.81
N ASP B 350 -21.03 -27.25 17.76
CA ASP B 350 -20.13 -27.07 16.63
C ASP B 350 -18.69 -27.54 16.88
N ILE B 351 -18.52 -28.40 17.90
CA ILE B 351 -17.24 -29.00 18.32
C ILE B 351 -16.20 -28.00 18.87
N LEU B 352 -16.56 -26.72 18.90
CA LEU B 352 -15.69 -25.73 19.52
C LEU B 352 -15.97 -25.77 21.05
N PRO B 353 -14.95 -25.58 21.88
CA PRO B 353 -15.20 -25.50 23.33
C PRO B 353 -16.02 -24.29 23.75
N MET B 354 -16.52 -24.29 24.97
CA MET B 354 -17.25 -23.13 25.47
C MET B 354 -16.41 -22.41 26.51
N VAL B 355 -15.99 -21.20 26.18
CA VAL B 355 -15.03 -20.46 27.00
C VAL B 355 -15.41 -18.99 27.24
N GLY B 356 -15.48 -18.58 28.51
CA GLY B 356 -15.70 -17.19 28.86
C GLY B 356 -16.65 -17.00 30.01
N PRO B 357 -16.94 -15.73 30.34
CA PRO B 357 -17.90 -15.34 31.37
C PRO B 357 -19.30 -15.56 30.87
N HIS B 358 -20.14 -16.27 31.62
CA HIS B 358 -21.49 -16.48 31.17
C HIS B 358 -22.34 -15.27 31.50
N GLN B 359 -23.07 -14.81 30.50
CA GLN B 359 -24.02 -13.72 30.65
C GLN B 359 -25.26 -14.21 31.42
N GLY B 360 -25.96 -13.31 32.09
CA GLY B 360 -27.18 -13.66 32.80
C GLY B 360 -26.91 -13.92 34.26
N VAL B 361 -25.69 -14.34 34.54
CA VAL B 361 -25.18 -14.62 35.88
C VAL B 361 -23.95 -13.77 36.17
N ARG B 362 -23.71 -13.50 37.44
CA ARG B 362 -22.54 -12.74 37.87
C ARG B 362 -21.37 -13.66 38.27
N ASN B 363 -20.17 -13.36 37.77
CA ASN B 363 -18.94 -14.04 38.16
C ASN B 363 -18.95 -15.54 37.88
N TYR B 364 -19.54 -15.92 36.77
CA TYR B 364 -19.51 -17.32 36.38
C TYR B 364 -18.79 -17.48 35.06
N TRP B 365 -17.67 -18.19 35.09
CA TRP B 365 -16.90 -18.43 33.89
C TRP B 365 -17.00 -19.89 33.54
N VAL B 366 -16.86 -20.18 32.25
CA VAL B 366 -16.84 -21.57 31.78
C VAL B 366 -15.64 -21.90 30.86
N ALA B 367 -15.24 -23.16 30.92
CA ALA B 367 -14.33 -23.76 29.97
C ALA B 367 -14.71 -25.24 29.80
N ILE B 368 -15.80 -25.46 29.05
CA ILE B 368 -16.42 -26.78 28.92
C ILE B 368 -16.60 -27.25 27.46
N GLY B 369 -17.13 -28.48 27.32
CA GLY B 369 -17.46 -29.02 26.02
C GLY B 369 -16.27 -29.09 25.10
N PHE B 370 -15.13 -29.47 25.64
CA PHE B 370 -13.90 -29.52 24.86
C PHE B 370 -13.79 -30.71 23.94
N GLY B 371 -13.78 -30.43 22.63
CA GLY B 371 -13.62 -31.49 21.64
C GLY B 371 -12.16 -31.90 21.58
N TYR B 372 -11.29 -30.91 21.78
CA TYR B 372 -9.85 -31.15 21.76
C TYR B 372 -9.13 -30.58 22.98
N GLY B 373 -9.37 -31.12 24.15
CA GLY B 373 -8.85 -30.51 25.35
C GLY B 373 -7.35 -30.62 25.60
N ILE B 374 -6.69 -31.64 25.02
CA ILE B 374 -5.26 -31.83 25.32
C ILE B 374 -4.45 -30.80 24.56
N ILE B 375 -4.89 -30.45 23.36
CA ILE B 375 -4.14 -29.45 22.62
C ILE B 375 -4.62 -28.06 23.07
N HIS B 376 -5.87 -27.94 23.51
CA HIS B 376 -6.45 -26.64 23.86
C HIS B 376 -6.14 -26.13 25.28
N ALA B 377 -5.81 -27.04 26.19
CA ALA B 377 -5.67 -26.74 27.62
C ALA B 377 -4.72 -25.57 27.91
N GLY B 378 -3.49 -25.67 27.42
CA GLY B 378 -2.52 -24.63 27.63
C GLY B 378 -2.98 -23.25 27.21
N GLY B 379 -3.28 -23.11 25.91
CA GLY B 379 -3.62 -21.82 25.35
C GLY B 379 -4.85 -21.19 25.97
N VAL B 380 -5.89 -22.01 26.16
CA VAL B 380 -7.14 -21.58 26.77
C VAL B 380 -6.90 -21.15 28.20
N GLY B 381 -5.95 -21.81 28.85
CA GLY B 381 -5.64 -21.45 30.22
C GLY B 381 -5.01 -20.08 30.24
N LYS B 382 -4.11 -19.83 29.31
CA LYS B 382 -3.47 -18.54 29.23
C LYS B 382 -4.50 -17.49 28.82
N TYR B 383 -5.61 -17.94 28.24
CA TYR B 383 -6.65 -17.04 27.74
C TYR B 383 -7.55 -16.53 28.87
N LEU B 384 -8.36 -17.42 29.43
CA LEU B 384 -9.25 -17.11 30.53
C LEU B 384 -8.55 -16.35 31.64
N SER B 385 -7.34 -16.80 31.97
CA SER B 385 -6.54 -16.16 32.99
C SER B 385 -6.21 -14.71 32.61
N ASP B 386 -5.83 -14.49 31.35
CA ASP B 386 -5.52 -13.12 30.91
C ASP B 386 -6.81 -12.29 30.80
N TRP B 387 -7.96 -12.97 30.74
CA TRP B 387 -9.25 -12.30 30.72
C TRP B 387 -9.67 -11.91 32.12
N ILE B 388 -9.53 -12.82 33.06
CA ILE B 388 -9.91 -12.53 34.44
C ILE B 388 -9.08 -11.40 35.03
N LEU B 389 -7.78 -11.46 34.85
CA LEU B 389 -6.88 -10.52 35.52
C LEU B 389 -6.63 -9.23 34.75
N HIS B 390 -7.33 -9.04 33.63
CA HIS B 390 -7.24 -7.82 32.81
C HIS B 390 -8.61 -7.18 32.55
N GLY B 391 -9.66 -7.97 32.65
CA GLY B 391 -11.01 -7.47 32.49
C GLY B 391 -11.52 -7.48 31.07
N GLU B 392 -10.71 -7.94 30.12
CA GLU B 392 -11.09 -8.07 28.71
C GLU B 392 -10.30 -9.19 28.06
N PRO B 393 -10.78 -9.69 26.91
CA PRO B 393 -10.01 -10.80 26.32
C PRO B 393 -8.68 -10.30 25.79
N PRO B 394 -7.62 -11.10 25.94
CA PRO B 394 -6.29 -10.77 25.42
C PRO B 394 -6.29 -10.66 23.90
N PHE B 395 -6.90 -11.62 23.21
CA PHE B 395 -7.16 -11.45 21.78
C PHE B 395 -8.59 -11.94 21.56
N ASP B 396 -9.13 -11.77 20.35
CA ASP B 396 -10.55 -11.99 20.17
C ASP B 396 -10.89 -13.44 19.80
N LEU B 397 -11.66 -14.09 20.66
CA LEU B 397 -12.11 -15.45 20.43
C LEU B 397 -13.62 -15.61 20.60
N ILE B 398 -14.38 -14.78 19.89
CA ILE B 398 -15.83 -14.82 20.02
C ILE B 398 -16.39 -16.11 19.42
N GLU B 399 -15.59 -16.80 18.62
CA GLU B 399 -16.00 -18.07 18.04
C GLU B 399 -16.24 -19.10 19.12
N LEU B 400 -15.71 -18.80 20.32
CA LEU B 400 -15.70 -19.73 21.45
C LEU B 400 -16.62 -19.27 22.57
N ASP B 401 -17.14 -18.06 22.40
CA ASP B 401 -18.01 -17.43 23.41
C ASP B 401 -19.14 -18.35 23.85
N PRO B 402 -19.37 -18.47 25.19
CA PRO B 402 -20.33 -19.47 25.65
C PRO B 402 -21.76 -19.03 25.37
N ASN B 403 -21.90 -17.76 25.05
CA ASN B 403 -23.22 -17.21 24.89
C ASN B 403 -23.59 -17.04 23.42
N ARG B 404 -22.81 -17.71 22.56
CA ARG B 404 -23.09 -17.80 21.11
C ARG B 404 -24.29 -18.72 20.91
N TYR B 405 -24.66 -19.41 21.97
CA TYR B 405 -25.88 -20.19 22.01
C TYR B 405 -26.85 -19.49 22.95
N GLY B 406 -28.03 -20.07 23.08
CA GLY B 406 -29.05 -19.47 23.89
C GLY B 406 -30.19 -20.43 24.14
N LYS B 407 -31.36 -19.84 24.36
CA LYS B 407 -32.58 -20.56 24.66
C LYS B 407 -33.03 -21.41 23.48
N TRP B 408 -32.54 -21.08 22.29
CA TRP B 408 -32.87 -21.82 21.05
C TRP B 408 -32.11 -23.13 20.84
N THR B 409 -31.05 -23.35 21.63
CA THR B 409 -30.15 -24.48 21.47
C THR B 409 -30.64 -25.73 22.20
N THR B 410 -31.81 -26.25 21.83
CA THR B 410 -32.39 -27.33 22.64
C THR B 410 -31.59 -28.60 22.52
N THR B 411 -31.71 -29.48 23.52
CA THR B 411 -30.98 -30.75 23.55
C THR B 411 -31.18 -31.66 22.33
N GLN B 412 -32.35 -31.52 21.70
CA GLN B 412 -32.65 -32.18 20.41
C GLN B 412 -31.71 -31.68 19.35
N TYR B 413 -31.66 -30.36 19.23
CA TYR B 413 -30.71 -29.74 18.32
C TYR B 413 -29.27 -30.13 18.65
N THR B 414 -28.89 -30.13 19.93
CA THR B 414 -27.51 -30.40 20.37
C THR B 414 -27.07 -31.84 20.05
N GLU B 415 -28.01 -32.77 20.01
CA GLU B 415 -27.65 -34.12 19.61
C GLU B 415 -27.46 -34.15 18.10
N ALA B 416 -28.25 -33.35 17.39
CA ALA B 416 -28.21 -33.34 15.93
C ALA B 416 -26.89 -32.77 15.45
N LYS B 417 -26.55 -31.57 15.92
CA LYS B 417 -25.40 -30.84 15.44
C LYS B 417 -24.11 -31.50 15.90
N ALA B 418 -24.17 -32.16 17.05
CA ALA B 418 -23.01 -32.89 17.52
C ALA B 418 -22.79 -34.16 16.71
N ARG B 419 -23.87 -34.82 16.31
CA ARG B 419 -23.72 -35.98 15.44
C ARG B 419 -23.15 -35.53 14.11
N GLU B 420 -23.39 -34.27 13.76
CA GLU B 420 -22.89 -33.76 12.52
C GLU B 420 -21.43 -33.31 12.61
N SER B 421 -21.07 -32.54 13.64
CA SER B 421 -19.69 -32.05 13.78
C SER B 421 -18.68 -33.19 13.91
N TYR B 422 -19.09 -34.23 14.63
CA TYR B 422 -18.32 -35.45 14.77
C TYR B 422 -17.99 -36.09 13.44
N GLY B 423 -19.03 -36.61 12.80
CA GLY B 423 -18.92 -37.22 11.48
C GLY B 423 -18.20 -36.40 10.44
N PHE B 424 -18.61 -35.14 10.27
CA PHE B 424 -17.95 -34.23 9.34
C PHE B 424 -16.61 -33.77 9.88
N ASN B 425 -16.00 -34.53 10.78
CA ASN B 425 -14.75 -34.07 11.37
C ASN B 425 -13.80 -33.69 10.27
N ASN B 426 -13.56 -34.60 9.34
CA ASN B 426 -12.55 -34.33 8.35
C ASN B 426 -13.06 -34.02 6.96
N ILE B 427 -14.31 -33.61 6.83
CA ILE B 427 -14.77 -33.23 5.51
C ILE B 427 -14.06 -31.95 5.07
N VAL B 428 -14.21 -31.57 3.81
CA VAL B 428 -13.53 -30.39 3.30
C VAL B 428 -14.06 -29.06 3.83
N GLY B 429 -13.12 -28.24 4.29
CA GLY B 429 -13.45 -26.91 4.75
C GLY B 429 -13.51 -26.00 3.54
N TYR B 430 -14.73 -25.80 3.03
CA TYR B 430 -14.96 -24.87 1.94
C TYR B 430 -15.13 -23.45 2.46
N PRO B 431 -14.93 -22.43 1.59
CA PRO B 431 -15.29 -21.07 1.97
C PRO B 431 -16.80 -20.94 1.95
N LYS B 432 -17.40 -20.16 2.84
CA LYS B 432 -18.86 -20.06 2.88
C LYS B 432 -19.52 -21.44 2.96
N GLU B 433 -19.01 -22.28 3.86
CA GLU B 433 -19.50 -23.63 4.12
C GLU B 433 -20.84 -23.65 4.87
N GLU B 434 -21.69 -24.61 4.53
CA GLU B 434 -23.04 -24.77 5.09
C GLU B 434 -23.32 -26.17 5.67
N ARG B 435 -23.93 -26.26 6.84
CA ARG B 435 -24.38 -27.57 7.37
C ARG B 435 -25.86 -27.52 7.76
N PHE B 436 -26.54 -28.66 7.70
CA PHE B 436 -28.00 -28.61 7.84
C PHE B 436 -28.63 -29.44 8.97
N ALA B 437 -27.81 -30.08 9.80
CA ALA B 437 -28.32 -30.86 10.93
C ALA B 437 -28.86 -29.92 11.97
N GLY B 438 -29.98 -30.30 12.58
CA GLY B 438 -30.68 -29.52 13.59
C GLY B 438 -31.53 -28.37 13.06
N ARG B 439 -31.41 -28.12 11.75
CA ARG B 439 -32.09 -27.02 11.05
C ARG B 439 -33.45 -27.45 10.47
N PRO B 440 -34.43 -26.54 10.49
CA PRO B 440 -34.35 -25.22 11.09
C PRO B 440 -34.64 -25.32 12.61
N THR B 441 -34.37 -24.25 13.35
CA THR B 441 -34.64 -24.27 14.77
C THR B 441 -35.95 -23.57 15.08
N GLN B 442 -36.23 -23.40 16.37
CA GLN B 442 -37.40 -22.69 16.79
C GLN B 442 -37.19 -21.23 16.50
N ARG B 443 -35.92 -20.88 16.37
CA ARG B 443 -35.55 -19.50 16.14
C ARG B 443 -35.63 -19.08 14.67
N VAL B 444 -36.85 -18.85 14.20
CA VAL B 444 -37.04 -18.47 12.81
C VAL B 444 -38.03 -17.30 12.73
N SER B 445 -37.72 -16.28 11.93
CA SER B 445 -38.62 -15.11 11.83
C SER B 445 -39.84 -15.47 11.01
N GLY B 446 -40.90 -14.66 11.14
CA GLY B 446 -42.15 -14.93 10.47
C GLY B 446 -42.04 -15.01 8.96
N LEU B 447 -41.02 -14.36 8.41
CA LEU B 447 -40.73 -14.38 6.96
C LEU B 447 -40.21 -15.73 6.44
N TYR B 448 -39.59 -16.52 7.31
CA TYR B 448 -38.96 -17.79 6.91
C TYR B 448 -39.88 -18.69 6.07
N GLN B 449 -41.12 -18.86 6.49
CA GLN B 449 -42.04 -19.78 5.83
C GLN B 449 -42.39 -19.32 4.41
N ARG B 450 -42.33 -18.00 4.21
CA ARG B 450 -42.50 -17.39 2.90
C ARG B 450 -41.32 -17.70 1.98
N LEU B 451 -40.15 -17.29 2.43
CA LEU B 451 -38.93 -17.26 1.62
C LEU B 451 -38.17 -18.58 1.48
N GLU B 452 -38.44 -19.56 2.35
CA GLU B 452 -37.63 -20.77 2.39
C GLU B 452 -37.45 -21.38 1.01
N SER B 453 -38.56 -21.52 0.31
CA SER B 453 -38.55 -22.15 -1.01
C SER B 453 -37.90 -21.25 -2.07
N LYS B 454 -37.57 -20.00 -1.73
CA LYS B 454 -37.16 -19.04 -2.77
C LYS B 454 -35.73 -18.57 -2.61
N CYS B 455 -34.96 -19.27 -1.80
CA CYS B 455 -33.58 -18.91 -1.59
C CYS B 455 -32.86 -19.98 -0.81
N SER B 456 -31.58 -19.70 -0.57
CA SER B 456 -30.74 -20.51 0.30
C SER B 456 -30.68 -19.89 1.69
N MET B 457 -31.10 -20.65 2.70
CA MET B 457 -31.03 -20.17 4.07
C MET B 457 -29.69 -20.51 4.74
N GLY B 458 -28.96 -19.48 5.13
CA GLY B 458 -27.75 -19.68 5.91
C GLY B 458 -28.06 -19.61 7.40
N PHE B 459 -27.54 -20.58 8.15
CA PHE B 459 -27.72 -20.65 9.59
C PHE B 459 -26.96 -19.53 10.27
N HIS B 460 -27.64 -18.61 10.95
CA HIS B 460 -26.92 -17.57 11.68
C HIS B 460 -27.42 -17.43 13.10
N ALA B 461 -26.58 -17.91 14.03
CA ALA B 461 -26.87 -17.80 15.45
C ALA B 461 -28.24 -18.39 15.79
N GLY B 462 -28.57 -19.54 15.23
CA GLY B 462 -29.88 -20.14 15.45
C GLY B 462 -30.94 -19.74 14.42
N TRP B 463 -30.80 -18.53 13.90
CA TRP B 463 -31.71 -17.97 12.92
C TRP B 463 -31.55 -18.59 11.54
N GLU B 464 -32.61 -18.55 10.75
CA GLU B 464 -32.53 -18.83 9.33
C GLU B 464 -32.70 -17.50 8.58
N GLN B 465 -31.67 -17.11 7.83
CA GLN B 465 -31.60 -15.81 7.18
C GLN B 465 -31.05 -15.99 5.76
N PRO B 466 -31.67 -15.33 4.76
CA PRO B 466 -31.26 -15.64 3.39
C PRO B 466 -29.85 -15.16 3.00
N HIS B 467 -29.17 -16.03 2.26
CA HIS B 467 -27.87 -15.77 1.67
C HIS B 467 -27.95 -15.19 0.24
N TRP B 468 -28.60 -15.92 -0.65
CA TRP B 468 -28.80 -15.47 -2.03
C TRP B 468 -30.12 -16.02 -2.57
N PHE B 469 -30.74 -15.30 -3.49
CA PHE B 469 -32.08 -15.66 -3.98
C PHE B 469 -32.08 -16.31 -5.37
N TYR B 470 -32.86 -17.36 -5.52
CA TYR B 470 -32.93 -18.10 -6.78
C TYR B 470 -33.56 -17.33 -7.95
N LYS B 471 -32.79 -17.10 -9.01
CA LYS B 471 -33.34 -16.60 -10.28
C LYS B 471 -33.88 -17.84 -11.05
N PRO B 472 -34.99 -17.68 -11.82
CA PRO B 472 -35.60 -18.83 -12.48
C PRO B 472 -34.80 -19.34 -13.65
N GLY B 473 -34.76 -20.66 -13.80
CA GLY B 473 -33.99 -21.30 -14.86
C GLY B 473 -32.53 -21.52 -14.51
N GLN B 474 -32.13 -21.18 -13.29
CA GLN B 474 -30.74 -21.25 -12.85
C GLN B 474 -30.57 -22.16 -11.65
N ASP B 475 -29.33 -22.59 -11.43
CA ASP B 475 -29.01 -23.66 -10.49
C ASP B 475 -29.24 -23.23 -9.06
N THR B 476 -29.89 -24.09 -8.27
CA THR B 476 -30.20 -23.76 -6.87
C THR B 476 -29.68 -24.80 -5.88
N GLN B 477 -28.72 -25.60 -6.34
CA GLN B 477 -28.07 -26.62 -5.52
C GLN B 477 -27.05 -26.03 -4.54
N TYR B 478 -26.78 -26.74 -3.44
CA TYR B 478 -25.71 -26.32 -2.55
C TYR B 478 -24.40 -26.72 -3.19
N ARG B 479 -23.65 -25.74 -3.68
CA ARG B 479 -22.42 -26.05 -4.45
C ARG B 479 -21.20 -25.31 -3.92
N PRO B 480 -20.58 -25.84 -2.86
CA PRO B 480 -19.43 -25.16 -2.26
C PRO B 480 -18.16 -25.27 -3.10
N SER B 481 -17.28 -24.25 -3.06
CA SER B 481 -16.02 -24.28 -3.81
C SER B 481 -15.02 -23.21 -3.36
N PHE B 482 -13.73 -23.47 -3.60
CA PHE B 482 -12.70 -22.50 -3.24
C PHE B 482 -12.61 -21.37 -4.25
N ARG B 483 -13.28 -21.58 -5.37
CA ARG B 483 -13.35 -20.60 -6.46
C ARG B 483 -14.79 -20.11 -6.65
N ARG B 484 -15.00 -19.19 -7.58
CA ARG B 484 -16.33 -18.71 -7.91
C ARG B 484 -17.32 -19.86 -8.11
N THR B 485 -18.56 -19.68 -7.65
CA THR B 485 -19.53 -20.76 -7.73
C THR B 485 -20.97 -20.31 -8.09
N ASN B 486 -21.94 -21.20 -7.89
CA ASN B 486 -23.27 -21.05 -8.48
C ASN B 486 -24.08 -19.83 -8.03
N TRP B 487 -23.65 -19.18 -6.96
CA TRP B 487 -24.34 -17.96 -6.53
C TRP B 487 -23.64 -16.68 -6.99
N PHE B 488 -22.81 -16.76 -8.03
CA PHE B 488 -22.06 -15.60 -8.46
C PHE B 488 -22.92 -14.56 -9.16
N GLU B 489 -23.58 -14.98 -10.23
CA GLU B 489 -24.49 -14.12 -10.98
C GLU B 489 -25.75 -13.71 -10.22
N PRO B 490 -26.36 -14.62 -9.45
CA PRO B 490 -27.53 -14.19 -8.67
C PRO B 490 -27.23 -13.05 -7.73
N VAL B 491 -26.04 -13.06 -7.16
CA VAL B 491 -25.60 -12.00 -6.27
C VAL B 491 -25.40 -10.75 -7.11
N GLY B 492 -25.06 -10.93 -8.37
CA GLY B 492 -24.96 -9.83 -9.28
C GLY B 492 -26.32 -9.24 -9.63
N SER B 493 -27.30 -10.10 -9.89
CA SER B 493 -28.66 -9.66 -10.17
C SER B 493 -29.08 -8.79 -9.03
N GLU B 494 -28.91 -9.36 -7.83
CA GLU B 494 -29.28 -8.74 -6.58
C GLU B 494 -28.54 -7.44 -6.32
N TYR B 495 -27.24 -7.44 -6.56
CA TYR B 495 -26.48 -6.23 -6.35
C TYR B 495 -27.08 -5.12 -7.20
N LYS B 496 -27.28 -5.41 -8.48
CA LYS B 496 -27.78 -4.42 -9.43
C LYS B 496 -29.21 -4.04 -9.10
N GLN B 497 -29.99 -4.96 -8.56
CA GLN B 497 -31.36 -4.64 -8.18
C GLN B 497 -31.41 -3.47 -7.19
N VAL B 498 -30.65 -3.60 -6.11
CA VAL B 498 -30.57 -2.57 -5.08
C VAL B 498 -29.97 -1.29 -5.61
N MET B 499 -29.15 -1.41 -6.64
CA MET B 499 -28.52 -0.23 -7.19
C MET B 499 -29.47 0.45 -8.19
N GLN B 500 -30.27 -0.35 -8.88
CA GLN B 500 -31.13 0.17 -9.93
C GLN B 500 -32.60 0.39 -9.51
N ARG B 501 -33.20 -0.65 -8.95
CA ARG B 501 -34.62 -0.59 -8.74
C ARG B 501 -34.82 -0.32 -7.26
N VAL B 502 -35.32 -1.34 -6.55
CA VAL B 502 -35.56 -1.31 -5.11
C VAL B 502 -35.80 -2.75 -4.64
N ALA B 503 -35.25 -3.11 -3.49
CA ALA B 503 -35.35 -4.49 -3.03
C ALA B 503 -35.47 -4.61 -1.51
N VAL B 504 -35.99 -5.74 -1.04
CA VAL B 504 -36.22 -5.93 0.38
C VAL B 504 -35.41 -7.08 0.97
N THR B 505 -34.72 -6.84 2.07
CA THR B 505 -34.04 -7.91 2.78
C THR B 505 -34.55 -8.05 4.19
N ASP B 506 -34.45 -9.29 4.69
CA ASP B 506 -34.82 -9.64 6.05
C ASP B 506 -33.64 -9.43 7.00
N LEU B 507 -33.89 -8.62 8.02
CA LEU B 507 -32.89 -8.32 9.02
C LEU B 507 -33.35 -8.63 10.45
N SER B 508 -34.39 -9.46 10.60
CA SER B 508 -34.87 -9.86 11.92
C SER B 508 -33.82 -10.45 12.89
N PRO B 509 -32.77 -11.12 12.36
CA PRO B 509 -31.79 -11.64 13.31
C PRO B 509 -31.03 -10.66 14.20
N PHE B 510 -30.93 -9.38 13.85
CA PHE B 510 -30.22 -8.42 14.68
C PHE B 510 -30.51 -8.60 16.17
N GLY B 511 -29.56 -8.24 17.00
CA GLY B 511 -29.75 -8.26 18.43
C GLY B 511 -30.31 -6.92 18.87
N LYS B 512 -31.29 -6.96 19.79
CA LYS B 512 -32.10 -5.79 20.15
C LYS B 512 -32.26 -5.56 21.65
N PHE B 513 -31.71 -4.47 22.16
CA PHE B 513 -31.76 -4.13 23.60
C PHE B 513 -32.53 -2.84 23.85
N ASN B 514 -33.45 -2.86 24.80
CA ASN B 514 -34.10 -1.61 25.15
C ASN B 514 -33.50 -1.10 26.45
N ILE B 515 -33.23 0.19 26.52
CA ILE B 515 -32.51 0.75 27.66
C ILE B 515 -33.20 1.97 28.22
N LYS B 516 -33.79 1.80 29.40
CA LYS B 516 -34.52 2.85 30.09
C LYS B 516 -33.87 3.21 31.43
N GLY B 517 -34.34 4.28 32.07
CA GLY B 517 -33.85 4.65 33.41
C GLY B 517 -33.21 6.03 33.55
N GLN B 518 -33.11 6.54 34.77
CA GLN B 518 -32.61 7.88 34.98
C GLN B 518 -31.10 7.96 34.69
N ASP B 519 -30.37 6.88 34.96
CA ASP B 519 -28.93 6.85 34.72
C ASP B 519 -28.62 6.44 33.28
N SER B 520 -29.66 6.27 32.46
CA SER B 520 -29.53 5.60 31.17
C SER B 520 -28.53 6.26 30.26
N ILE B 521 -28.51 7.59 30.22
CA ILE B 521 -27.53 8.25 29.36
C ILE B 521 -26.12 8.25 29.95
N ARG B 522 -26.01 8.20 31.28
CA ARG B 522 -24.71 8.16 31.95
C ARG B 522 -24.05 6.81 31.67
N LEU B 523 -24.90 5.83 31.40
CA LEU B 523 -24.48 4.48 31.04
C LEU B 523 -23.96 4.46 29.62
N LEU B 524 -24.82 4.83 28.67
CA LEU B 524 -24.47 4.75 27.26
C LEU B 524 -23.37 5.73 26.88
N ASP B 525 -23.27 6.85 27.60
CA ASP B 525 -22.28 7.85 27.24
C ASP B 525 -20.89 7.40 27.64
N HIS B 526 -20.81 6.43 28.54
CA HIS B 526 -19.54 5.85 29.00
C HIS B 526 -19.24 4.50 28.39
N LEU B 527 -20.27 3.80 27.94
CA LEU B 527 -20.10 2.53 27.26
C LEU B 527 -19.70 2.74 25.81
N PHE B 528 -20.03 3.91 25.27
CA PHE B 528 -19.83 4.17 23.86
C PHE B 528 -18.87 5.30 23.60
N ALA B 529 -18.07 5.15 22.54
CA ALA B 529 -17.06 6.14 22.18
C ALA B 529 -17.62 7.31 21.35
N ASN B 530 -18.71 7.08 20.62
CA ASN B 530 -19.40 8.15 19.91
C ASN B 530 -20.31 8.90 20.86
N VAL B 531 -20.75 10.10 20.47
CA VAL B 531 -21.68 10.89 21.27
C VAL B 531 -23.09 10.34 21.34
N ILE B 532 -23.75 10.55 22.46
CA ILE B 532 -25.14 10.14 22.62
C ILE B 532 -25.99 10.99 21.70
N PRO B 533 -26.74 10.34 20.80
CA PRO B 533 -27.54 10.95 19.75
C PRO B 533 -28.73 11.76 20.27
N LYS B 534 -29.06 12.84 19.55
CA LYS B 534 -30.24 13.63 19.84
C LYS B 534 -31.50 12.77 19.86
N VAL B 535 -32.52 13.25 20.57
CA VAL B 535 -33.78 12.54 20.69
C VAL B 535 -34.45 12.43 19.33
N GLY B 536 -34.91 11.24 18.99
CA GLY B 536 -35.45 10.96 17.68
C GLY B 536 -34.38 10.76 16.63
N PHE B 537 -33.15 10.48 17.06
CA PHE B 537 -32.05 10.21 16.13
C PHE B 537 -31.26 8.92 16.40
N THR B 538 -30.37 8.60 15.46
CA THR B 538 -29.60 7.38 15.51
C THR B 538 -28.14 7.62 15.08
N ASN B 539 -27.20 6.89 15.66
CA ASN B 539 -25.85 6.90 15.11
C ASN B 539 -25.12 5.59 15.34
N ILE B 540 -24.01 5.42 14.62
CA ILE B 540 -23.22 4.21 14.79
C ILE B 540 -22.20 4.47 15.90
N SER B 541 -22.24 3.63 16.92
CA SER B 541 -21.42 3.84 18.10
C SER B 541 -20.66 2.57 18.43
N HIS B 542 -19.51 2.72 19.08
CA HIS B 542 -18.71 1.55 19.42
C HIS B 542 -18.48 1.40 20.93
N MET B 543 -18.52 0.16 21.41
CA MET B 543 -18.15 -0.12 22.79
C MET B 543 -16.69 -0.56 22.85
N LEU B 544 -15.84 0.29 23.42
CA LEU B 544 -14.45 -0.07 23.53
C LEU B 544 -14.12 -0.77 24.86
N THR B 545 -13.08 -1.61 24.84
CA THR B 545 -12.57 -2.21 26.05
C THR B 545 -11.66 -1.19 26.68
N PRO B 546 -11.42 -1.31 28.01
CA PRO B 546 -10.63 -0.28 28.72
C PRO B 546 -9.27 -0.02 28.09
N LYS B 547 -8.80 -0.97 27.30
CA LYS B 547 -7.52 -0.85 26.65
C LYS B 547 -7.64 -0.36 25.21
N GLY B 548 -8.84 -0.32 24.68
CA GLY B 548 -9.07 0.40 23.42
C GLY B 548 -9.52 -0.41 22.21
N ARG B 549 -9.76 -1.69 22.42
CA ARG B 549 -10.20 -2.54 21.35
C ARG B 549 -11.68 -2.40 21.14
N VAL B 550 -12.12 -2.61 19.92
CA VAL B 550 -13.51 -2.55 19.62
C VAL B 550 -14.19 -3.82 20.07
N TYR B 551 -14.76 -3.80 21.27
CA TYR B 551 -15.50 -4.95 21.77
C TYR B 551 -16.78 -5.12 21.00
N ALA B 552 -17.31 -4.00 20.49
CA ALA B 552 -18.52 -4.02 19.68
C ALA B 552 -18.76 -2.72 18.94
N GLU B 553 -19.42 -2.85 17.77
CA GLU B 553 -20.06 -1.78 17.02
C GLU B 553 -21.55 -2.03 17.11
N LEU B 554 -22.35 -0.98 17.31
CA LEU B 554 -23.81 -1.13 17.24
C LEU B 554 -24.59 0.19 17.03
N THR B 555 -25.81 0.07 16.52
CA THR B 555 -26.72 1.21 16.30
C THR B 555 -27.35 1.70 17.63
N VAL B 556 -27.24 3.00 17.93
CA VAL B 556 -27.92 3.58 19.10
C VAL B 556 -29.06 4.51 18.70
N SER B 557 -30.29 4.03 18.81
CA SER B 557 -31.50 4.82 18.50
C SER B 557 -32.07 5.44 19.77
N HIS B 558 -32.31 6.75 19.72
CA HIS B 558 -32.86 7.50 20.84
C HIS B 558 -34.33 7.87 20.58
N GLN B 559 -35.26 7.08 21.12
CA GLN B 559 -36.66 7.18 20.72
C GLN B 559 -37.46 8.20 21.54
N SER B 560 -37.70 7.90 22.81
CA SER B 560 -38.22 8.90 23.74
C SER B 560 -37.08 9.28 24.66
N PRO B 561 -36.99 10.56 25.05
CA PRO B 561 -35.83 11.09 25.77
C PRO B 561 -35.36 10.24 26.96
N GLY B 562 -34.19 9.61 26.80
CA GLY B 562 -33.62 8.76 27.82
C GLY B 562 -33.95 7.30 27.62
N GLU B 563 -34.68 6.97 26.57
CA GLU B 563 -35.02 5.60 26.31
C GLU B 563 -34.36 5.21 25.00
N PHE B 564 -33.48 4.20 25.02
CA PHE B 564 -32.69 3.86 23.84
C PHE B 564 -32.95 2.49 23.28
N LEU B 565 -32.76 2.40 21.97
CA LEU B 565 -32.84 1.15 21.24
C LEU B 565 -31.47 0.82 20.63
N LEU B 566 -30.84 -0.22 21.15
CA LEU B 566 -29.51 -0.65 20.71
C LEU B 566 -29.60 -1.86 19.80
N ILE B 567 -29.11 -1.74 18.57
CA ILE B 567 -29.12 -2.86 17.62
C ILE B 567 -27.71 -3.36 17.30
N THR B 568 -27.53 -4.68 17.29
CA THR B 568 -26.22 -5.26 17.02
C THR B 568 -26.36 -6.55 16.19
N GLY B 569 -25.24 -7.18 15.84
CA GLY B 569 -25.28 -8.37 15.02
C GLY B 569 -25.88 -9.56 15.74
N SER B 570 -26.49 -10.47 14.98
CA SER B 570 -27.16 -11.64 15.56
C SER B 570 -26.18 -12.52 16.32
N GLY B 571 -24.96 -12.59 15.82
CA GLY B 571 -23.91 -13.40 16.40
C GLY B 571 -23.25 -12.69 17.56
N SER B 572 -23.43 -11.38 17.61
CA SER B 572 -22.85 -10.56 18.65
C SER B 572 -23.90 -10.10 19.67
N GLU B 573 -24.99 -10.85 19.83
CA GLU B 573 -26.09 -10.40 20.70
C GLU B 573 -25.75 -10.47 22.18
N LEU B 574 -25.59 -11.69 22.68
CA LEU B 574 -25.35 -11.88 24.11
C LEU B 574 -23.92 -11.52 24.48
N HIS B 575 -23.01 -11.64 23.52
CA HIS B 575 -21.66 -11.16 23.71
C HIS B 575 -21.69 -9.71 24.16
N ASP B 576 -22.57 -8.94 23.51
CA ASP B 576 -22.65 -7.50 23.72
C ASP B 576 -23.51 -7.14 24.94
N LEU B 577 -24.65 -7.82 25.13
CA LEU B 577 -25.53 -7.58 26.29
C LEU B 577 -24.77 -7.79 27.63
N ARG B 578 -24.13 -8.96 27.75
CA ARG B 578 -23.21 -9.30 28.83
C ARG B 578 -22.28 -8.18 29.29
N TRP B 579 -21.76 -7.44 28.33
CA TRP B 579 -20.84 -6.36 28.62
C TRP B 579 -21.60 -5.19 29.19
N ILE B 580 -22.71 -4.86 28.54
CA ILE B 580 -23.61 -3.79 28.99
C ILE B 580 -24.13 -4.13 30.38
N GLU B 581 -24.67 -5.33 30.54
CA GLU B 581 -25.11 -5.76 31.86
C GLU B 581 -24.04 -5.61 32.95
N GLU B 582 -22.86 -6.21 32.76
CA GLU B 582 -21.80 -6.18 33.77
C GLU B 582 -21.35 -4.77 34.14
N GLU B 583 -21.23 -3.90 33.14
CA GLU B 583 -20.91 -2.50 33.38
C GLU B 583 -22.01 -1.73 34.10
N ALA B 584 -23.27 -2.07 33.83
CA ALA B 584 -24.40 -1.46 34.53
C ALA B 584 -24.35 -1.75 36.03
N VAL B 585 -23.85 -2.95 36.38
CA VAL B 585 -23.67 -3.36 37.78
C VAL B 585 -22.45 -2.71 38.37
N LYS B 586 -21.32 -2.71 37.66
CA LYS B 586 -20.10 -2.12 38.22
C LYS B 586 -20.32 -0.65 38.64
N GLY B 587 -20.89 0.15 37.76
CA GLY B 587 -21.13 1.55 38.05
C GLY B 587 -22.36 1.84 38.90
N GLY B 588 -23.08 0.79 39.29
CA GLY B 588 -24.26 0.96 40.10
C GLY B 588 -25.25 1.88 39.41
N TYR B 589 -25.53 1.58 38.13
CA TYR B 589 -26.44 2.39 37.32
C TYR B 589 -27.90 2.09 37.61
N ASP B 590 -28.71 3.14 37.65
CA ASP B 590 -30.16 2.98 37.78
C ASP B 590 -30.76 2.94 36.41
N VAL B 591 -30.81 1.75 35.83
CA VAL B 591 -31.32 1.60 34.47
C VAL B 591 -32.16 0.35 34.36
N GLU B 592 -32.87 0.23 33.23
CA GLU B 592 -33.62 -0.97 32.96
C GLU B 592 -33.21 -1.41 31.58
N ILE B 593 -32.79 -2.67 31.48
CA ILE B 593 -32.26 -3.23 30.25
C ILE B 593 -32.99 -4.52 29.89
N LYS B 594 -33.70 -4.52 28.78
CA LYS B 594 -34.40 -5.73 28.38
C LYS B 594 -33.93 -6.20 27.01
N ASN B 595 -34.03 -7.50 26.76
CA ASN B 595 -33.56 -8.09 25.53
C ASN B 595 -34.74 -8.46 24.67
N ILE B 596 -35.04 -7.63 23.68
CA ILE B 596 -36.26 -7.77 22.90
C ILE B 596 -36.03 -8.47 21.55
N THR B 597 -34.83 -9.01 21.38
CA THR B 597 -34.37 -9.63 20.12
C THR B 597 -35.36 -10.54 19.41
N ASP B 598 -36.02 -11.41 20.15
CA ASP B 598 -36.85 -12.46 19.58
C ASP B 598 -38.26 -11.99 19.22
N GLU B 599 -38.68 -10.88 19.83
CA GLU B 599 -40.03 -10.38 19.65
C GLU B 599 -40.17 -9.48 18.45
N LEU B 600 -39.05 -8.94 18.01
CA LEU B 600 -39.06 -7.95 16.93
C LEU B 600 -38.52 -8.50 15.63
N GLY B 601 -39.15 -8.06 14.54
CA GLY B 601 -38.66 -8.33 13.21
C GLY B 601 -38.01 -7.06 12.69
N VAL B 602 -37.05 -7.19 11.80
CA VAL B 602 -36.49 -6.01 11.16
C VAL B 602 -36.73 -6.23 9.68
N LEU B 603 -36.75 -5.15 8.90
CA LEU B 603 -36.88 -5.24 7.44
C LEU B 603 -36.13 -4.11 6.76
N GLY B 604 -35.26 -4.48 5.82
CA GLY B 604 -34.57 -3.51 5.02
C GLY B 604 -35.30 -3.22 3.72
N VAL B 605 -35.48 -1.95 3.42
CA VAL B 605 -36.02 -1.50 2.16
C VAL B 605 -35.04 -0.52 1.58
N ALA B 606 -34.30 -0.90 0.54
CA ALA B 606 -33.24 -0.02 0.03
C ALA B 606 -33.13 -0.02 -1.49
N GLY B 607 -32.67 1.11 -2.03
CA GLY B 607 -32.59 1.33 -3.46
C GLY B 607 -33.11 2.71 -3.79
N PRO B 608 -32.84 3.20 -5.01
CA PRO B 608 -33.35 4.44 -5.60
C PRO B 608 -34.83 4.69 -5.37
N GLN B 609 -35.65 3.64 -5.52
CA GLN B 609 -37.11 3.78 -5.47
C GLN B 609 -37.73 3.51 -4.10
N ALA B 610 -36.88 3.32 -3.08
CA ALA B 610 -37.35 2.99 -1.73
C ALA B 610 -38.34 4.00 -1.18
N ARG B 611 -38.11 5.28 -1.46
CA ARG B 611 -39.02 6.32 -0.96
C ARG B 611 -40.40 6.22 -1.65
N LYS B 612 -40.40 6.14 -2.98
CA LYS B 612 -41.63 6.03 -3.76
C LYS B 612 -42.46 4.86 -3.28
N VAL B 613 -41.80 3.75 -2.99
CA VAL B 613 -42.49 2.53 -2.58
C VAL B 613 -43.05 2.62 -1.13
N LEU B 614 -42.23 3.11 -0.21
CA LEU B 614 -42.68 3.19 1.17
C LEU B 614 -43.65 4.36 1.34
N GLN B 615 -43.43 5.42 0.58
CA GLN B 615 -44.26 6.61 0.70
C GLN B 615 -45.71 6.35 0.40
N LYS B 616 -45.97 5.49 -0.57
CA LYS B 616 -47.33 5.23 -0.99
C LYS B 616 -48.01 4.19 -0.09
N LEU B 617 -47.36 3.84 1.02
CA LEU B 617 -47.88 2.85 1.97
C LEU B 617 -48.13 3.44 3.33
N THR B 618 -47.76 4.70 3.48
CA THR B 618 -47.79 5.30 4.80
C THR B 618 -48.25 6.73 4.70
N SER B 619 -48.80 7.25 5.78
CA SER B 619 -49.28 8.63 5.82
C SER B 619 -48.20 9.55 6.37
N GLU B 620 -47.08 8.98 6.79
CA GLU B 620 -45.96 9.76 7.28
C GLU B 620 -45.18 10.31 6.10
N ASP B 621 -44.77 11.57 6.17
CA ASP B 621 -43.99 12.18 5.11
C ASP B 621 -42.53 11.68 5.08
N LEU B 622 -42.18 10.97 4.00
CA LEU B 622 -40.88 10.33 3.92
C LEU B 622 -39.90 11.06 3.03
N SER B 623 -40.24 12.25 2.57
CA SER B 623 -39.34 12.95 1.66
C SER B 623 -38.06 13.36 2.38
N ASP B 624 -36.98 13.42 1.62
CA ASP B 624 -35.64 13.66 2.15
C ASP B 624 -35.54 14.94 2.96
N ASP B 625 -36.40 15.89 2.63
CA ASP B 625 -36.39 17.15 3.32
C ASP B 625 -36.74 16.93 4.79
N VAL B 626 -37.84 16.24 5.04
CA VAL B 626 -38.46 16.13 6.37
C VAL B 626 -38.00 14.95 7.21
N PHE B 627 -37.94 13.77 6.60
CA PHE B 627 -37.45 12.57 7.26
C PHE B 627 -35.97 12.45 6.99
N LYS B 628 -35.17 13.05 7.87
CA LYS B 628 -33.73 13.16 7.69
C LYS B 628 -33.00 11.82 7.62
N PHE B 629 -31.71 11.86 7.29
CA PHE B 629 -30.85 10.69 7.36
C PHE B 629 -30.57 10.38 8.82
N LEU B 630 -30.53 9.09 9.18
CA LEU B 630 -30.24 8.57 10.54
C LEU B 630 -31.32 8.88 11.56
N GLN B 631 -32.49 9.32 11.11
CA GLN B 631 -33.60 9.64 12.01
C GLN B 631 -34.45 8.40 12.32
N THR B 632 -35.01 8.34 13.53
CA THR B 632 -35.95 7.27 13.85
C THR B 632 -37.35 7.83 14.14
N LYS B 633 -38.37 7.08 13.74
CA LYS B 633 -39.74 7.57 13.81
C LYS B 633 -40.74 6.44 14.02
N SER B 634 -41.78 6.74 14.78
CA SER B 634 -42.90 5.84 14.92
C SER B 634 -43.93 6.21 13.86
N LEU B 635 -44.40 5.23 13.09
CA LEU B 635 -45.39 5.44 12.03
C LEU B 635 -46.13 4.14 11.70
N LYS B 636 -47.11 4.23 10.83
CA LYS B 636 -47.77 3.02 10.36
C LYS B 636 -47.59 2.86 8.86
N VAL B 637 -47.15 1.68 8.46
CA VAL B 637 -47.13 1.28 7.07
C VAL B 637 -48.23 0.24 6.89
N SER B 638 -49.23 0.56 6.07
CA SER B 638 -50.44 -0.28 5.97
C SER B 638 -51.10 -0.50 7.34
N ASN B 639 -51.25 0.57 8.11
CA ASN B 639 -51.85 0.48 9.45
C ASN B 639 -51.06 -0.52 10.33
N ILE B 640 -49.78 -0.70 10.03
CA ILE B 640 -48.91 -1.58 10.80
C ILE B 640 -47.86 -0.75 11.53
N PRO B 641 -47.86 -0.82 12.87
CA PRO B 641 -46.93 -0.03 13.69
C PRO B 641 -45.47 -0.42 13.47
N VAL B 642 -44.72 0.54 12.95
CA VAL B 642 -43.34 0.34 12.58
C VAL B 642 -42.49 1.41 13.24
N THR B 643 -41.27 1.07 13.59
CA THR B 643 -40.34 2.07 14.06
C THR B 643 -39.31 2.14 12.98
N ALA B 644 -39.28 3.27 12.27
CA ALA B 644 -38.54 3.39 11.01
C ALA B 644 -37.27 4.24 11.12
N ILE B 645 -36.15 3.64 10.74
CA ILE B 645 -34.88 4.36 10.77
C ILE B 645 -34.40 4.56 9.36
N ARG B 646 -34.14 5.81 9.00
CA ARG B 646 -33.57 6.04 7.69
C ARG B 646 -32.10 5.68 7.81
N ILE B 647 -31.80 4.43 7.44
CA ILE B 647 -30.45 3.90 7.48
C ILE B 647 -30.40 2.65 6.61
N SER B 648 -29.24 2.37 6.05
CA SER B 648 -29.09 1.15 5.30
C SER B 648 -27.65 0.72 5.24
N TYR B 649 -27.42 -0.57 5.43
CA TYR B 649 -26.06 -1.06 5.39
C TYR B 649 -25.58 -1.09 3.95
N THR B 650 -26.50 -0.99 2.99
CA THR B 650 -26.15 -0.99 1.56
C THR B 650 -25.49 0.32 1.17
N GLY B 651 -25.78 1.36 1.94
CA GLY B 651 -25.29 2.69 1.64
C GLY B 651 -26.19 3.44 0.69
N GLU B 652 -27.19 2.74 0.13
CA GLU B 652 -28.16 3.33 -0.78
C GLU B 652 -29.34 3.81 0.03
N LEU B 653 -30.13 4.71 -0.53
CA LEU B 653 -31.33 5.20 0.14
C LEU B 653 -32.18 4.05 0.67
N GLY B 654 -32.61 4.17 1.91
CA GLY B 654 -33.39 3.11 2.49
C GLY B 654 -33.73 3.25 3.95
N TRP B 655 -34.64 2.41 4.42
CA TRP B 655 -35.08 2.40 5.81
C TRP B 655 -34.92 1.02 6.43
N GLU B 656 -34.69 0.99 7.74
CA GLU B 656 -34.81 -0.24 8.51
C GLU B 656 -36.11 -0.14 9.29
N LEU B 657 -37.01 -1.10 9.05
CA LEU B 657 -38.36 -1.09 9.65
C LEU B 657 -38.54 -2.10 10.79
N TYR B 658 -38.42 -1.62 12.02
CA TYR B 658 -38.58 -2.44 13.21
C TYR B 658 -40.04 -2.63 13.60
N HIS B 659 -40.45 -3.89 13.78
CA HIS B 659 -41.85 -4.22 14.03
C HIS B 659 -42.06 -5.48 14.87
N ARG B 660 -43.28 -5.70 15.34
CA ARG B 660 -43.60 -6.88 16.12
C ARG B 660 -43.54 -8.09 15.20
N ARG B 661 -42.99 -9.18 15.72
CA ARG B 661 -42.65 -10.39 14.96
C ARG B 661 -43.82 -10.96 14.19
N GLU B 662 -45.02 -10.72 14.69
CA GLU B 662 -46.22 -11.27 14.10
C GLU B 662 -46.65 -10.52 12.84
N ASP B 663 -46.33 -9.23 12.78
CA ASP B 663 -46.76 -8.43 11.64
C ASP B 663 -45.91 -8.70 10.40
N SER B 664 -44.77 -9.34 10.60
CA SER B 664 -43.74 -9.39 9.58
C SER B 664 -44.20 -9.90 8.22
N VAL B 665 -45.04 -10.93 8.21
CA VAL B 665 -45.56 -11.40 6.92
C VAL B 665 -46.44 -10.28 6.37
N ALA B 666 -47.40 -9.87 7.17
CA ALA B 666 -48.37 -8.86 6.76
C ALA B 666 -47.69 -7.57 6.33
N LEU B 667 -46.58 -7.21 6.98
CA LEU B 667 -45.81 -6.04 6.58
C LEU B 667 -45.10 -6.28 5.26
N TYR B 668 -44.32 -7.38 5.24
CA TYR B 668 -43.55 -7.73 4.06
C TYR B 668 -44.42 -7.68 2.80
N ASP B 669 -45.63 -8.21 2.93
CA ASP B 669 -46.51 -8.33 1.78
C ASP B 669 -46.90 -6.95 1.31
N ALA B 670 -47.19 -6.04 2.22
CA ALA B 670 -47.53 -4.69 1.82
C ALA B 670 -46.43 -4.08 0.95
N ILE B 671 -45.18 -4.29 1.37
CA ILE B 671 -44.04 -3.69 0.70
C ILE B 671 -43.70 -4.37 -0.64
N MET B 672 -43.73 -5.69 -0.68
CA MET B 672 -43.55 -6.36 -1.97
C MET B 672 -44.65 -5.91 -2.92
N ASN B 673 -45.89 -5.95 -2.45
CA ASN B 673 -46.99 -5.54 -3.29
C ASN B 673 -46.93 -4.07 -3.77
N ALA B 674 -46.63 -3.15 -2.86
CA ALA B 674 -46.61 -1.71 -3.17
C ALA B 674 -45.67 -1.38 -4.32
N GLY B 675 -44.46 -1.93 -4.23
CA GLY B 675 -43.37 -1.65 -5.15
C GLY B 675 -43.29 -2.58 -6.34
N GLN B 676 -44.32 -3.39 -6.56
CA GLN B 676 -44.45 -4.16 -7.80
C GLN B 676 -44.50 -3.17 -8.98
N GLU B 677 -44.98 -1.96 -8.71
CA GLU B 677 -44.93 -0.86 -9.67
C GLU B 677 -43.49 -0.57 -10.11
N GLU B 678 -42.55 -0.66 -9.16
CA GLU B 678 -41.17 -0.30 -9.43
C GLU B 678 -40.26 -1.54 -9.57
N GLY B 679 -40.86 -2.72 -9.53
CA GLY B 679 -40.14 -3.96 -9.82
C GLY B 679 -39.33 -4.46 -8.66
N ILE B 680 -39.92 -4.30 -7.48
CA ILE B 680 -39.30 -4.66 -6.21
C ILE B 680 -39.01 -6.14 -6.19
N ASP B 681 -37.90 -6.50 -5.53
CA ASP B 681 -37.48 -7.89 -5.39
C ASP B 681 -36.77 -8.15 -4.06
N ASN B 682 -36.44 -9.41 -3.82
CA ASN B 682 -35.74 -9.87 -2.62
C ASN B 682 -34.22 -9.78 -2.74
N PHE B 683 -33.53 -9.69 -1.60
CA PHE B 683 -32.09 -9.88 -1.59
C PHE B 683 -31.60 -10.30 -0.21
N GLY B 684 -30.43 -10.93 -0.18
CA GLY B 684 -29.90 -11.57 1.02
C GLY B 684 -28.50 -11.12 1.38
N THR B 685 -27.92 -11.78 2.38
CA THR B 685 -26.67 -11.30 2.99
C THR B 685 -25.47 -11.30 2.06
N TYR B 686 -25.31 -12.32 1.22
CA TYR B 686 -24.18 -12.33 0.31
C TYR B 686 -24.22 -11.08 -0.55
N ALA B 687 -25.38 -10.83 -1.16
CA ALA B 687 -25.61 -9.61 -1.92
C ALA B 687 -25.28 -8.37 -1.11
N MET B 688 -25.69 -8.36 0.16
CA MET B 688 -25.49 -7.22 1.06
C MET B 688 -24.01 -6.90 1.32
N ASN B 689 -23.15 -7.94 1.39
CA ASN B 689 -21.69 -7.79 1.52
C ASN B 689 -21.07 -6.96 0.38
N ALA B 690 -21.34 -7.40 -0.85
CA ALA B 690 -20.82 -6.78 -2.05
C ALA B 690 -21.22 -5.31 -2.10
N LEU B 691 -22.45 -5.05 -1.69
CA LEU B 691 -23.01 -3.71 -1.60
C LEU B 691 -22.31 -2.87 -0.54
N ARG B 692 -22.11 -3.43 0.65
CA ARG B 692 -21.54 -2.63 1.74
C ARG B 692 -20.06 -2.38 1.53
N LEU B 693 -19.37 -3.39 0.99
CA LEU B 693 -17.93 -3.33 0.79
C LEU B 693 -17.55 -2.22 -0.19
N GLU B 694 -18.39 -2.03 -1.20
CA GLU B 694 -18.18 -0.94 -2.16
C GLU B 694 -18.27 0.41 -1.46
N LYS B 695 -19.07 0.49 -0.40
CA LYS B 695 -19.20 1.73 0.38
C LYS B 695 -18.08 1.91 1.39
N ALA B 696 -17.26 0.87 1.56
CA ALA B 696 -16.12 0.81 2.49
C ALA B 696 -16.63 0.74 3.92
N PHE B 697 -17.82 0.14 4.06
CA PHE B 697 -18.41 -0.10 5.37
C PHE B 697 -17.68 -1.23 6.03
N ARG B 698 -17.37 -1.04 7.29
CA ARG B 698 -16.62 -2.04 8.00
C ARG B 698 -17.63 -2.84 8.80
N ALA B 699 -17.45 -4.16 8.83
CA ALA B 699 -18.36 -5.04 9.56
C ALA B 699 -17.72 -5.49 10.86
N TRP B 700 -18.41 -5.38 12.00
CA TRP B 700 -17.78 -5.85 13.23
C TRP B 700 -17.57 -7.36 13.14
N GLY B 701 -16.45 -7.82 13.71
CA GLY B 701 -16.14 -9.23 13.67
C GLY B 701 -15.26 -9.56 12.48
N LEU B 702 -15.16 -8.60 11.57
CA LEU B 702 -14.30 -8.77 10.41
C LEU B 702 -13.19 -7.74 10.48
N GLU B 703 -13.52 -6.52 10.09
CA GLU B 703 -12.55 -5.44 10.09
C GLU B 703 -12.13 -5.09 11.49
N MET B 704 -13.02 -5.31 12.45
CA MET B 704 -12.77 -4.90 13.80
C MET B 704 -13.28 -5.95 14.77
N ASN B 705 -12.58 -6.12 15.87
CA ASN B 705 -13.05 -6.82 17.06
C ASN B 705 -12.05 -6.55 18.17
N CYS B 706 -11.87 -7.51 19.10
CA CYS B 706 -10.96 -7.30 20.23
C CYS B 706 -9.48 -7.36 19.83
N ASP B 707 -9.20 -7.76 18.60
CA ASP B 707 -7.84 -7.72 18.09
C ASP B 707 -7.44 -6.27 17.75
N THR B 708 -8.42 -5.44 17.46
CA THR B 708 -8.21 -4.19 16.76
C THR B 708 -8.77 -2.97 17.47
N ASN B 709 -8.13 -1.82 17.28
CA ASN B 709 -8.69 -0.57 17.80
C ASN B 709 -9.29 0.34 16.69
N PRO B 710 -10.26 1.21 17.02
CA PRO B 710 -10.97 1.97 15.99
C PRO B 710 -10.09 2.93 15.19
N LEU B 711 -9.00 3.43 15.76
CA LEU B 711 -8.18 4.38 15.04
C LEU B 711 -7.52 3.73 13.84
N GLU B 712 -7.03 2.51 14.04
CA GLU B 712 -6.30 1.77 13.00
C GLU B 712 -7.26 1.00 12.11
N ALA B 713 -8.49 0.85 12.56
CA ALA B 713 -9.54 0.29 11.72
C ALA B 713 -10.26 1.43 10.99
N GLY B 714 -9.70 2.64 11.08
CA GLY B 714 -10.25 3.80 10.40
C GLY B 714 -11.67 4.08 10.80
N LEU B 715 -11.87 4.39 12.08
CA LEU B 715 -13.21 4.66 12.56
C LEU B 715 -13.22 5.97 13.32
N GLU B 716 -12.17 6.77 13.17
CA GLU B 716 -12.06 8.03 13.94
C GLU B 716 -13.33 8.88 13.84
N TYR B 717 -14.06 8.76 12.74
CA TYR B 717 -15.29 9.52 12.53
C TYR B 717 -16.28 9.31 13.67
N PHE B 718 -16.40 8.07 14.12
CA PHE B 718 -17.31 7.70 15.21
C PHE B 718 -16.68 7.69 16.60
N VAL B 719 -15.47 8.20 16.73
CA VAL B 719 -14.78 8.10 18.02
C VAL B 719 -14.43 9.49 18.49
N LYS B 720 -15.29 10.00 19.36
CA LYS B 720 -15.24 11.37 19.83
C LYS B 720 -14.38 11.45 21.08
N LEU B 721 -13.09 11.64 20.86
CA LEU B 721 -12.10 11.73 21.91
C LEU B 721 -12.17 13.03 22.69
N ASN B 722 -13.10 13.92 22.37
CA ASN B 722 -13.17 15.16 23.13
C ASN B 722 -14.48 15.33 23.86
N LYS B 723 -15.35 14.33 23.74
CA LYS B 723 -16.63 14.34 24.47
C LYS B 723 -16.39 14.26 25.97
N PRO B 724 -17.24 14.94 26.75
CA PRO B 724 -16.90 15.14 28.16
C PRO B 724 -16.70 13.84 28.92
N ALA B 725 -17.47 12.81 28.58
CA ALA B 725 -17.43 11.55 29.32
C ALA B 725 -16.14 10.77 29.11
N ASP B 726 -15.60 10.24 30.21
CA ASP B 726 -14.49 9.30 30.13
C ASP B 726 -15.05 7.93 29.88
N PHE B 727 -15.49 7.74 28.65
CA PHE B 727 -16.05 6.48 28.22
C PHE B 727 -14.99 5.40 28.32
N ILE B 728 -15.43 4.18 28.58
CA ILE B 728 -14.51 3.07 28.72
C ILE B 728 -13.58 2.98 27.51
N GLY B 729 -12.31 3.28 27.70
CA GLY B 729 -11.33 3.18 26.62
C GLY B 729 -10.79 4.50 26.10
N LYS B 730 -11.25 5.61 26.65
CA LYS B 730 -10.83 6.91 26.15
C LYS B 730 -9.33 7.09 26.26
N GLN B 731 -8.83 7.15 27.48
CA GLN B 731 -7.44 7.51 27.71
C GLN B 731 -6.48 6.51 27.08
N ALA B 732 -6.96 5.31 26.77
CA ALA B 732 -6.15 4.39 25.98
C ALA B 732 -6.01 5.00 24.60
N LEU B 733 -7.14 5.14 23.91
CA LEU B 733 -7.18 5.71 22.55
C LEU B 733 -6.40 7.00 22.37
N LYS B 734 -6.55 7.92 23.33
CA LYS B 734 -5.81 9.17 23.32
C LYS B 734 -4.29 8.95 23.24
N GLN B 735 -3.81 7.93 23.93
CA GLN B 735 -2.39 7.56 23.90
C GLN B 735 -2.01 6.91 22.55
N ILE B 736 -2.92 6.08 22.03
CA ILE B 736 -2.77 5.51 20.69
C ILE B 736 -2.63 6.63 19.67
N LYS B 737 -3.66 7.49 19.57
CA LYS B 737 -3.67 8.64 18.65
C LYS B 737 -2.38 9.42 18.76
N ALA B 738 -1.85 9.42 19.99
CA ALA B 738 -0.62 10.14 20.33
C ALA B 738 0.65 9.43 19.90
N LYS B 739 0.73 8.13 20.18
CA LYS B 739 1.96 7.41 19.86
C LYS B 739 1.97 7.24 18.34
N GLY B 740 0.77 7.15 17.77
CA GLY B 740 0.62 6.97 16.34
C GLY B 740 0.51 5.51 15.98
N LEU B 741 -0.17 5.22 14.87
CA LEU B 741 -0.40 3.84 14.42
C LEU B 741 0.85 3.14 13.90
N LYS B 742 0.79 1.80 13.92
CA LYS B 742 1.80 0.92 13.32
C LYS B 742 1.27 0.30 12.03
N ARG B 743 -0.05 0.12 12.00
CA ARG B 743 -0.78 -0.40 10.86
C ARG B 743 -2.10 0.37 10.54
N ARG B 744 -2.59 0.24 9.31
CA ARG B 744 -3.76 1.00 8.88
C ARG B 744 -4.64 0.08 8.05
N LEU B 745 -5.94 0.18 8.22
CA LEU B 745 -6.84 -0.62 7.42
C LEU B 745 -6.96 0.09 6.10
N VAL B 746 -6.54 -0.56 5.03
CA VAL B 746 -6.73 0.03 3.73
C VAL B 746 -7.73 -0.77 2.92
N CYS B 747 -7.97 -0.26 1.73
CA CYS B 747 -8.94 -0.88 0.87
C CYS B 747 -8.26 -1.03 -0.46
N LEU B 748 -8.15 -2.26 -0.93
CA LEU B 748 -7.48 -2.45 -2.19
C LEU B 748 -8.34 -3.25 -3.16
N THR B 749 -8.14 -3.01 -4.47
CA THR B 749 -8.74 -3.82 -5.53
C THR B 749 -7.72 -4.64 -6.32
N LEU B 750 -8.22 -5.68 -6.96
CA LEU B 750 -7.39 -6.58 -7.72
C LEU B 750 -8.19 -7.32 -8.77
N ALA B 751 -7.55 -7.61 -9.89
CA ALA B 751 -8.15 -8.47 -10.89
C ALA B 751 -7.79 -9.92 -10.66
N THR B 752 -8.79 -10.76 -10.41
CA THR B 752 -8.56 -12.19 -10.35
C THR B 752 -9.31 -12.82 -11.50
N ASP B 753 -9.07 -14.11 -11.65
CA ASP B 753 -9.60 -14.88 -12.74
C ASP B 753 -10.90 -15.58 -12.37
N ASP B 754 -10.79 -16.45 -11.38
CA ASP B 754 -11.76 -17.49 -11.12
C ASP B 754 -12.20 -17.52 -9.67
N VAL B 755 -11.62 -16.66 -8.86
CA VAL B 755 -11.74 -16.78 -7.42
C VAL B 755 -11.78 -15.40 -6.77
N ASP B 756 -12.45 -15.27 -5.62
CA ASP B 756 -12.46 -14.01 -4.89
C ASP B 756 -11.93 -14.13 -3.47
N PRO B 757 -11.34 -13.03 -2.97
CA PRO B 757 -10.86 -13.03 -1.59
C PRO B 757 -12.05 -12.98 -0.69
N GLU B 758 -11.91 -13.37 0.58
CA GLU B 758 -12.99 -13.33 1.55
C GLU B 758 -12.51 -12.76 2.89
N GLY B 759 -11.20 -12.74 3.05
CA GLY B 759 -10.59 -12.32 4.30
C GLY B 759 -9.78 -13.46 4.84
N ASN B 760 -8.83 -13.13 5.71
CA ASN B 760 -7.87 -14.08 6.30
C ASN B 760 -6.88 -14.64 5.28
N GLU B 761 -6.71 -13.93 4.17
CA GLU B 761 -5.71 -14.29 3.18
C GLU B 761 -4.48 -13.42 3.41
N SER B 762 -3.29 -13.95 3.16
CA SER B 762 -2.05 -13.24 3.49
C SER B 762 -1.75 -12.19 2.47
N ILE B 763 -1.22 -11.06 2.88
CA ILE B 763 -0.79 -10.13 1.85
C ILE B 763 0.70 -9.87 1.98
N TRP B 764 1.35 -10.05 0.83
CA TRP B 764 2.80 -10.08 0.66
C TRP B 764 3.31 -8.77 0.16
N TYR B 765 4.52 -8.43 0.56
CA TYR B 765 5.20 -7.34 -0.08
C TYR B 765 6.65 -7.73 -0.26
N ASN B 766 7.10 -7.85 -1.51
CA ASN B 766 8.51 -8.10 -1.82
C ASN B 766 9.20 -9.16 -0.95
N GLY B 767 8.64 -10.36 -0.93
CA GLY B 767 9.26 -11.42 -0.16
C GLY B 767 8.57 -11.75 1.14
N LYS B 768 8.26 -10.77 1.98
CA LYS B 768 7.68 -11.09 3.29
C LYS B 768 6.16 -11.04 3.24
N VAL B 769 5.51 -11.81 4.12
CA VAL B 769 4.08 -11.59 4.40
C VAL B 769 3.97 -10.45 5.40
N VAL B 770 3.06 -9.53 5.15
CA VAL B 770 3.22 -8.26 5.80
C VAL B 770 1.89 -7.68 6.34
N GLY B 771 0.84 -8.48 6.24
CA GLY B 771 -0.48 -8.12 6.74
C GLY B 771 -1.49 -9.11 6.20
N ASN B 772 -2.76 -8.91 6.56
CA ASN B 772 -3.82 -9.80 6.08
C ASN B 772 -5.10 -9.06 5.64
N THR B 773 -5.91 -9.74 4.82
CA THR B 773 -7.24 -9.26 4.42
C THR B 773 -8.30 -9.66 5.43
N THR B 774 -9.13 -8.69 5.82
CA THR B 774 -10.21 -8.93 6.77
C THR B 774 -11.49 -9.39 6.06
N SER B 775 -11.83 -8.75 4.93
CA SER B 775 -12.98 -9.14 4.10
C SER B 775 -12.75 -9.00 2.63
N GLY B 776 -13.50 -9.77 1.85
CA GLY B 776 -13.46 -9.68 0.40
C GLY B 776 -14.81 -9.93 -0.28
N SER B 777 -14.86 -9.61 -1.56
CA SER B 777 -15.99 -9.95 -2.42
C SER B 777 -15.67 -9.47 -3.81
N TYR B 778 -16.37 -10.00 -4.79
CA TYR B 778 -16.30 -9.46 -6.13
C TYR B 778 -17.07 -8.17 -6.19
N SER B 779 -16.54 -7.19 -6.90
CA SER B 779 -17.22 -5.91 -7.10
C SER B 779 -17.88 -5.85 -8.45
N TYR B 780 -19.20 -5.87 -8.47
CA TYR B 780 -19.90 -6.02 -9.73
C TYR B 780 -19.91 -4.78 -10.66
N SER B 781 -19.47 -3.62 -10.19
CA SER B 781 -19.64 -2.42 -11.00
C SER B 781 -18.38 -2.06 -11.75
N ILE B 782 -17.25 -2.33 -11.10
CA ILE B 782 -15.93 -2.13 -11.69
C ILE B 782 -15.43 -3.46 -12.23
N GLN B 783 -16.15 -4.53 -11.89
CA GLN B 783 -15.84 -5.88 -12.34
C GLN B 783 -14.45 -6.39 -11.89
N LYS B 784 -14.06 -5.98 -10.68
CA LYS B 784 -12.84 -6.48 -10.06
C LYS B 784 -13.18 -7.00 -8.69
N SER B 785 -12.15 -7.35 -7.92
CA SER B 785 -12.35 -7.80 -6.55
C SER B 785 -11.91 -6.71 -5.60
N LEU B 786 -12.53 -6.70 -4.43
CA LEU B 786 -12.30 -5.68 -3.42
C LEU B 786 -11.97 -6.39 -2.13
N ALA B 787 -10.94 -5.92 -1.44
CA ALA B 787 -10.56 -6.49 -0.15
C ALA B 787 -10.25 -5.42 0.88
N PHE B 788 -10.61 -5.71 2.12
CA PHE B 788 -10.16 -4.91 3.22
C PHE B 788 -8.88 -5.58 3.71
N ALA B 789 -7.90 -4.78 4.14
CA ALA B 789 -6.63 -5.37 4.52
C ALA B 789 -5.93 -4.52 5.57
N TYR B 790 -5.27 -5.19 6.53
CA TYR B 790 -4.42 -4.48 7.48
C TYR B 790 -3.03 -4.53 6.95
N VAL B 791 -2.34 -3.39 6.93
CA VAL B 791 -0.97 -3.32 6.42
C VAL B 791 -0.15 -2.28 7.21
N PRO B 792 1.18 -2.44 7.25
CA PRO B 792 2.05 -1.45 7.89
C PRO B 792 1.74 -0.05 7.37
N VAL B 793 1.92 0.98 8.19
CA VAL B 793 1.53 2.29 7.74
C VAL B 793 2.41 2.72 6.56
N GLN B 794 3.64 2.23 6.53
CA GLN B 794 4.58 2.63 5.48
C GLN B 794 4.09 2.16 4.11
N LEU B 795 3.32 1.07 4.12
CA LEU B 795 2.75 0.52 2.90
C LEU B 795 1.27 0.84 2.74
N SER B 796 0.74 1.80 3.50
CA SER B 796 -0.71 2.00 3.54
C SER B 796 -1.21 3.23 2.80
N GLU B 797 -0.38 3.82 1.97
CA GLU B 797 -0.78 5.01 1.23
C GLU B 797 -1.44 4.64 -0.10
N VAL B 798 -2.15 5.56 -0.70
CA VAL B 798 -2.89 5.27 -1.91
C VAL B 798 -1.95 5.19 -3.11
N GLY B 799 -2.16 4.17 -3.94
CA GLY B 799 -1.30 3.93 -5.08
C GLY B 799 -0.41 2.74 -4.82
N GLN B 800 -0.29 2.37 -3.56
CA GLN B 800 0.53 1.25 -3.15
C GLN B 800 0.07 -0.08 -3.72
N GLN B 801 1.03 -0.88 -4.15
CA GLN B 801 0.76 -2.24 -4.58
C GLN B 801 1.12 -3.17 -3.47
N VAL B 802 0.33 -4.21 -3.30
CA VAL B 802 0.74 -5.35 -2.49
C VAL B 802 0.26 -6.57 -3.24
N GLU B 803 0.65 -7.75 -2.80
CA GLU B 803 0.25 -8.95 -3.51
C GLU B 803 -0.53 -9.82 -2.53
N VAL B 804 -1.70 -10.29 -2.96
CA VAL B 804 -2.61 -11.03 -2.08
C VAL B 804 -2.65 -12.51 -2.44
N GLU B 805 -2.23 -13.38 -1.52
CA GLU B 805 -2.17 -14.81 -1.81
C GLU B 805 -3.53 -15.50 -1.78
N LEU B 806 -4.01 -15.87 -2.96
CA LEU B 806 -5.30 -16.56 -3.14
C LEU B 806 -5.12 -17.87 -3.90
N LEU B 807 -5.38 -18.97 -3.22
CA LEU B 807 -5.21 -20.31 -3.78
C LEU B 807 -3.77 -20.59 -4.30
N GLY B 808 -2.78 -20.39 -3.43
CA GLY B 808 -1.43 -20.71 -3.82
C GLY B 808 -0.79 -19.76 -4.80
N LYS B 809 -1.59 -18.95 -5.50
CA LYS B 809 -1.00 -17.95 -6.37
C LYS B 809 -1.20 -16.53 -5.87
N ASN B 810 -0.11 -15.76 -5.87
CA ASN B 810 -0.14 -14.37 -5.47
C ASN B 810 -0.81 -13.49 -6.51
N TYR B 811 -1.76 -12.68 -6.07
CA TYR B 811 -2.42 -11.74 -6.95
C TYR B 811 -2.01 -10.34 -6.55
N PRO B 812 -1.56 -9.56 -7.53
CA PRO B 812 -1.21 -8.15 -7.36
C PRO B 812 -2.47 -7.36 -7.11
N ALA B 813 -2.44 -6.49 -6.11
CA ALA B 813 -3.59 -5.72 -5.67
C ALA B 813 -3.17 -4.29 -5.38
N VAL B 814 -4.08 -3.31 -5.47
CA VAL B 814 -3.64 -1.93 -5.28
C VAL B 814 -4.57 -1.12 -4.35
N ILE B 815 -3.98 -0.40 -3.41
CA ILE B 815 -4.70 0.48 -2.50
C ILE B 815 -5.41 1.63 -3.19
N ILE B 816 -6.72 1.67 -3.01
CA ILE B 816 -7.54 2.71 -3.59
C ILE B 816 -7.95 3.75 -2.54
N GLN B 817 -8.44 4.89 -3.01
CA GLN B 817 -9.01 5.90 -2.13
C GLN B 817 -10.43 5.51 -1.76
N GLU B 818 -10.71 5.31 -0.49
CA GLU B 818 -12.05 4.91 -0.10
C GLU B 818 -12.94 6.17 -0.01
N PRO B 819 -14.26 6.02 -0.21
CA PRO B 819 -15.03 4.82 -0.54
C PRO B 819 -15.13 4.61 -2.04
N LEU B 820 -15.33 3.38 -2.50
CA LEU B 820 -15.47 3.16 -3.94
C LEU B 820 -16.69 3.92 -4.46
N VAL B 821 -17.85 3.62 -3.88
CA VAL B 821 -19.07 4.30 -4.24
C VAL B 821 -19.52 5.23 -3.09
N LEU B 822 -19.80 6.49 -3.37
CA LEU B 822 -20.23 7.34 -2.27
C LEU B 822 -21.58 6.84 -1.75
N THR B 823 -21.85 7.05 -0.48
CA THR B 823 -23.12 6.61 0.07
C THR B 823 -24.17 7.64 -0.30
N GLU B 824 -25.43 7.20 -0.37
CA GLU B 824 -26.52 8.03 -0.89
C GLU B 824 -26.62 9.43 -0.25
N PRO B 825 -26.51 9.54 1.11
CA PRO B 825 -26.49 10.89 1.70
C PRO B 825 -25.29 11.76 1.29
N THR B 826 -24.12 11.17 1.04
CA THR B 826 -22.95 11.95 0.63
C THR B 826 -23.06 12.51 -0.79
N ARG B 827 -23.89 11.88 -1.63
CA ARG B 827 -24.11 12.31 -3.04
C ARG B 827 -24.97 13.58 -3.20
PA FAD C . 4.37 32.63 -3.61
O1A FAD C . 5.68 33.34 -3.84
O2A FAD C . 3.10 33.30 -4.07
O5B FAD C . 4.23 32.52 -2.00
C5B FAD C . 4.07 31.27 -1.31
C4B FAD C . 3.13 31.51 -0.11
O4B FAD C . 3.54 30.78 1.06
C3B FAD C . 3.07 32.98 0.27
O3B FAD C . 1.76 33.48 0.12
C2B FAD C . 3.43 33.04 1.73
O2B FAD C . 2.52 33.92 2.37
C1B FAD C . 3.30 31.60 2.21
N9A FAD C . 4.25 31.33 3.34
C8A FAD C . 5.49 31.85 3.49
N7A FAD C . 6.09 31.41 4.62
C5A FAD C . 5.23 30.60 5.21
C6A FAD C . 5.23 29.80 6.43
N6A FAD C . 6.31 29.81 7.22
N1A FAD C . 4.14 29.05 6.72
C2A FAD C . 3.07 29.05 5.93
N3A FAD C . 3.01 29.76 4.80
C4A FAD C . 4.03 30.54 4.39
N1 FAD C . 5.24 33.83 -13.51
C2 FAD C . 4.81 33.38 -14.73
O2 FAD C . 4.52 32.18 -14.89
N3 FAD C . 4.67 34.17 -15.79
C4 FAD C . 4.97 35.47 -15.74
O4 FAD C . 4.84 36.18 -16.76
C4X FAD C . 5.44 36.04 -14.46
N5 FAD C . 5.74 37.35 -14.39
C5X FAD C . 6.19 37.90 -13.25
C6 FAD C . 6.49 39.26 -13.17
C7 FAD C . 6.95 39.82 -11.98
C7M FAD C . 7.29 41.28 -11.91
C8 FAD C . 7.12 38.97 -10.77
C8M FAD C . 7.57 39.54 -9.44
C9 FAD C . 6.80 37.63 -10.84
C9A FAD C . 6.34 37.05 -12.03
N10 FAD C . 6.06 35.66 -12.04
C10 FAD C . 5.57 35.12 -13.28
C1' FAD C . 6.29 35.10 -10.68
C2' FAD C . 6.41 33.65 -10.23
O2' FAD C . 6.62 32.69 -11.25
C3' FAD C . 5.12 33.30 -9.51
O3' FAD C . 4.68 34.44 -8.76
C4' FAD C . 5.19 32.00 -8.67
O4' FAD C . 3.87 31.73 -8.22
C5' FAD C . 5.99 32.00 -7.38
O5' FAD C . 5.00 31.85 -6.34
P FAD C . 4.73 30.48 -5.54
O1P FAD C . 3.49 29.85 -6.08
O2P FAD C . 6.00 29.65 -5.56
O3P FAD C . 4.39 31.06 -4.06
PA FAD D . -12.32 -33.89 32.19
O1A FAD D . -13.67 -34.32 31.69
O2A FAD D . -11.14 -34.67 31.76
O5B FAD D . -12.33 -33.89 33.79
C5B FAD D . -13.18 -32.95 34.46
C4B FAD D . -13.14 -33.20 35.97
O4B FAD D . -14.00 -32.31 36.72
C3B FAD D . -13.57 -34.63 36.33
O3B FAD D . -12.45 -35.35 36.88
C2B FAD D . -14.68 -34.45 37.37
O2B FAD D . -14.55 -35.44 38.40
C1B FAD D . -14.37 -33.06 37.90
N9A FAD D . -15.37 -32.44 38.85
C8A FAD D . -14.99 -31.60 39.86
N7A FAD D . -16.03 -31.19 40.62
C5A FAD D . -17.11 -31.79 40.12
C6A FAD D . -18.51 -31.77 40.48
N6A FAD D . -18.88 -31.01 41.52
N1A FAD D . -19.36 -32.52 39.74
C2A FAD D . -18.94 -33.27 38.71
N3A FAD D . -17.65 -33.34 38.31
C4A FAD D . -16.70 -32.64 38.96
N1 FAD D . -7.90 -34.30 23.06
C2 FAD D . -6.83 -33.84 22.35
O2 FAD D . -6.53 -32.63 22.45
N3 FAD D . -6.10 -34.65 21.54
C4 FAD D . -6.38 -35.95 21.39
O4 FAD D . -5.69 -36.70 20.65
C4X FAD D . -7.52 -36.50 22.13
N5 FAD D . -7.84 -37.79 22.02
C5X FAD D . -8.90 -38.28 22.71
C6 FAD D . -9.18 -39.62 22.53
C7 FAD D . -10.22 -40.20 23.20
C7M FAD D . -10.53 -41.67 23.02
C8 FAD D . -11.06 -39.36 24.11
C8M FAD D . -12.18 -40.04 24.86
C9 FAD D . -10.79 -38.00 24.28
C9A FAD D . -9.73 -37.40 23.60
N10 FAD D . -9.40 -36.02 23.73
C10 FAD D . -8.30 -35.58 22.99
C1' FAD D . -10.10 -35.02 24.56
C2' FAD D . -9.74 -35.16 26.05
O2' FAD D . -10.56 -36.21 26.57
C3' FAD D . -9.89 -33.94 26.98
O3' FAD D . -9.67 -34.34 28.34
C4' FAD D . -11.24 -33.26 27.01
O4' FAD D . -11.47 -32.69 25.72
C5' FAD D . -11.25 -32.16 28.09
O5' FAD D . -11.62 -32.59 29.41
P FAD D . -11.73 -31.51 30.62
O1P FAD D . -12.83 -30.52 30.28
O2P FAD D . -10.35 -30.97 30.80
O3P FAD D . -12.11 -32.31 31.98
#